data_7XC6
#
_entry.id   7XC6
#
_cell.length_a   1.00
_cell.length_b   1.00
_cell.length_c   1.00
_cell.angle_alpha   90.00
_cell.angle_beta   90.00
_cell.angle_gamma   90.00
#
_symmetry.space_group_name_H-M   'P 1'
#
loop_
_entity.id
_entity.type
_entity.pdbx_description
1 polymer LuxE
2 polymer 'Long-chain acyl-protein thioester reductase'
#
loop_
_entity_poly.entity_id
_entity_poly.type
_entity_poly.pdbx_seq_one_letter_code
_entity_poly.pdbx_strand_id
1 'polypeptide(L)'
;MTITLDICEKDIIVSTEIDDIIFTSSPLDITYDEQERIKHKLILESFRYHYNNNEDYKSFCNTQGVDENISSLDDIPVFP
TSMFKYAKICTADESNIENWFTSSGTSGVKSHIARDRVSIERLLGSVNYGMKYLGSFHENQLELVNMGPDRFNAKNVWFK
YVMSLVELLYPTTFTVNNDEIDFELTIKSLKEIYNKGKGICLIGPPYFIYLLCQYMKENDIEFNAGNRIFIITGGGWKTK
QKQALNRQDFNQLLMETFHLAHESQIRDTFNQVELNTCFFEDNRQRKHVPPWVYARALDPVTLKPVEDGQEGLISYMDAS
STSYPTFIVTDDIGIIHTIKAPDPHQGTTIDIVRRLNTREQKGCSLSMSSGLK
;
E
2 'polypeptide(L)'
;IKKIPMIIGGAERDTSEHEYRELTLNSYKVSIPIINQDDVEAIKSQSVENNLNINQIVNFLYTVGQKWKSENYSRRLTYI
RDLVRFLGYSPEMAKLEANWISMILSSKSALYDIVETELGSRHIVDEWLPQGDCYVKAMPKGKSVHLLAGNVPLSGVTSI
IRAILTKNECIIKTSSADPFTAIALASSFIDTDEHHPISRSMSVMYWSHNEDIAIPQQIMNCADVVVSWGGYDAIKWATE
HTPVNVDILKFGPKKSIAIVDNPVDITASAIGVAHDICFYDQQACFSTQDIYYIGDNIDAFFDELVEQLNLYMDILPKGD
QTFDEKASFSLIEKECQFAKYKVEKGDNQSWLLVKSPLGSFGNQPLARSAYIHHVSDISEITPYIENRITQTVTVTPWES
SFKYRDVLASHGAERIVESGMNNIFRVGGAHDGMRPLQRLVKYISHERPYTYSTKDVAVKIEQTRYLEEDKFLVFVP
;
A,B,C,D
#
# COMPACT_ATOMS: atom_id res chain seq x y z
N ASP A 33 -64.27 -48.02 -16.94
CA ASP A 33 -65.56 -47.45 -17.34
C ASP A 33 -66.21 -46.74 -16.17
N GLU A 34 -67.07 -47.48 -15.45
CA GLU A 34 -67.76 -46.90 -14.32
C GLU A 34 -66.84 -46.74 -13.11
N GLN A 35 -65.71 -47.43 -13.07
CA GLN A 35 -64.72 -47.12 -12.04
C GLN A 35 -64.18 -45.72 -12.22
N GLU A 36 -63.95 -45.31 -13.46
CA GLU A 36 -63.54 -43.94 -13.75
C GLU A 36 -64.66 -42.97 -13.39
N ARG A 37 -65.91 -43.35 -13.63
CA ARG A 37 -67.04 -42.50 -13.26
C ARG A 37 -67.15 -42.36 -11.74
N ILE A 38 -66.85 -43.45 -11.03
CA ILE A 38 -66.84 -43.43 -9.57
C ILE A 38 -65.85 -42.40 -9.06
N LYS A 39 -64.59 -42.52 -9.49
CA LYS A 39 -63.57 -41.62 -8.97
C LYS A 39 -63.81 -40.20 -9.44
N HIS A 40 -64.29 -40.02 -10.68
CA HIS A 40 -64.65 -38.68 -11.14
C HIS A 40 -65.69 -38.04 -10.23
N LYS A 41 -66.75 -38.80 -9.93
CA LYS A 41 -67.84 -38.28 -9.09
C LYS A 41 -67.35 -37.85 -7.72
N LEU A 42 -66.77 -38.79 -6.96
CA LEU A 42 -66.45 -38.42 -5.58
C LEU A 42 -65.21 -37.54 -5.51
N ILE A 43 -64.37 -37.52 -6.54
CA ILE A 43 -63.22 -36.63 -6.50
C ILE A 43 -63.64 -35.20 -6.78
N LEU A 44 -64.60 -34.95 -7.68
CA LEU A 44 -65.07 -33.57 -7.78
C LEU A 44 -65.92 -33.17 -6.59
N GLU A 45 -66.63 -34.12 -5.98
CA GLU A 45 -67.35 -33.75 -4.75
C GLU A 45 -66.36 -33.38 -3.65
N SER A 46 -65.25 -34.12 -3.56
CA SER A 46 -64.20 -33.79 -2.60
C SER A 46 -63.56 -32.45 -2.92
N PHE A 47 -63.37 -32.15 -4.21
CA PHE A 47 -62.77 -30.87 -4.59
C PHE A 47 -63.69 -29.72 -4.25
N ARG A 48 -64.99 -29.86 -4.54
CA ARG A 48 -65.94 -28.81 -4.21
C ARG A 48 -66.00 -28.57 -2.71
N TYR A 49 -66.04 -29.65 -1.92
CA TYR A 49 -66.11 -29.53 -0.47
C TYR A 49 -64.86 -28.84 0.08
N HIS A 50 -63.68 -29.30 -0.32
CA HIS A 50 -62.45 -28.73 0.19
C HIS A 50 -62.19 -27.33 -0.34
N TYR A 51 -62.73 -26.98 -1.51
CA TYR A 51 -62.57 -25.63 -2.03
C TYR A 51 -63.49 -24.67 -1.28
N ASN A 52 -64.66 -25.14 -0.86
CA ASN A 52 -65.58 -24.26 -0.14
C ASN A 52 -65.18 -24.08 1.32
N ASN A 53 -64.73 -25.14 1.99
CA ASN A 53 -64.52 -25.06 3.43
C ASN A 53 -63.07 -24.82 3.85
N ASN A 54 -62.15 -24.63 2.93
CA ASN A 54 -60.76 -24.34 3.28
C ASN A 54 -60.30 -23.12 2.49
N GLU A 55 -60.01 -22.03 3.20
CA GLU A 55 -59.70 -20.78 2.51
C GLU A 55 -58.28 -20.75 1.96
N ASP A 56 -57.33 -21.44 2.60
CA ASP A 56 -56.00 -21.49 1.98
C ASP A 56 -56.04 -22.32 0.72
N TYR A 57 -56.85 -23.38 0.67
CA TYR A 57 -57.01 -24.10 -0.59
C TYR A 57 -57.80 -23.29 -1.60
N LYS A 58 -58.80 -22.52 -1.16
CA LYS A 58 -59.52 -21.67 -2.10
C LYS A 58 -58.62 -20.59 -2.69
N SER A 59 -57.79 -19.97 -1.85
CA SER A 59 -56.85 -18.98 -2.34
C SER A 59 -55.76 -19.62 -3.19
N PHE A 60 -55.45 -20.89 -2.94
CA PHE A 60 -54.49 -21.60 -3.77
C PHE A 60 -55.07 -21.89 -5.16
N CYS A 61 -56.35 -22.25 -5.24
CA CYS A 61 -56.95 -22.46 -6.55
C CYS A 61 -57.18 -21.14 -7.28
N ASN A 62 -57.43 -20.05 -6.56
CA ASN A 62 -57.54 -18.76 -7.22
C ASN A 62 -56.19 -18.14 -7.55
N THR A 63 -55.10 -18.65 -6.98
CA THR A 63 -53.78 -18.31 -7.50
C THR A 63 -53.43 -19.13 -8.73
N GLN A 64 -54.26 -20.12 -9.05
CA GLN A 64 -54.08 -20.96 -10.23
C GLN A 64 -55.09 -20.67 -11.31
N GLY A 65 -56.05 -19.77 -11.07
CA GLY A 65 -57.10 -19.51 -12.03
C GLY A 65 -58.15 -20.60 -12.07
N VAL A 66 -58.52 -21.14 -10.91
CA VAL A 66 -59.48 -22.24 -10.82
C VAL A 66 -60.73 -21.75 -10.10
N ASP A 67 -61.89 -22.10 -10.66
CA ASP A 67 -63.19 -21.62 -10.25
C ASP A 67 -63.90 -22.67 -9.38
N GLU A 68 -65.07 -22.29 -8.85
CA GLU A 68 -65.98 -23.24 -8.25
C GLU A 68 -66.24 -24.42 -9.19
N ASN A 69 -66.66 -24.12 -10.42
CA ASN A 69 -67.15 -25.12 -11.37
C ASN A 69 -66.04 -25.48 -12.34
N ILE A 70 -65.42 -26.64 -12.15
CA ILE A 70 -64.47 -27.19 -13.11
C ILE A 70 -64.88 -28.62 -13.43
N SER A 71 -64.92 -28.95 -14.72
CA SER A 71 -65.43 -30.24 -15.18
C SER A 71 -64.46 -31.40 -14.98
N SER A 72 -63.28 -31.33 -15.61
CA SER A 72 -62.36 -32.44 -15.60
C SER A 72 -61.53 -32.46 -14.32
N LEU A 73 -60.91 -33.60 -14.04
CA LEU A 73 -60.10 -33.74 -12.84
C LEU A 73 -58.68 -33.19 -13.00
N ASP A 74 -58.19 -33.05 -14.23
CA ASP A 74 -56.84 -32.55 -14.41
C ASP A 74 -56.75 -31.03 -14.38
N ASP A 75 -57.87 -30.32 -14.31
CA ASP A 75 -57.85 -28.89 -14.05
C ASP A 75 -57.81 -28.56 -12.56
N ILE A 76 -57.78 -29.57 -11.71
CA ILE A 76 -57.72 -29.36 -10.26
C ILE A 76 -56.28 -29.01 -9.88
N PRO A 77 -56.05 -27.99 -9.07
CA PRO A 77 -54.69 -27.71 -8.61
C PRO A 77 -54.26 -28.70 -7.53
N VAL A 78 -52.95 -28.95 -7.49
CA VAL A 78 -52.35 -29.87 -6.54
C VAL A 78 -51.11 -29.21 -5.95
N PHE A 79 -51.05 -29.18 -4.62
CA PHE A 79 -49.91 -28.61 -3.91
C PHE A 79 -48.94 -29.70 -3.47
N PRO A 80 -47.70 -29.36 -3.15
CA PRO A 80 -46.73 -30.38 -2.77
C PRO A 80 -46.93 -30.83 -1.33
N THR A 81 -46.31 -31.96 -1.00
CA THR A 81 -46.36 -32.49 0.36
C THR A 81 -45.35 -31.83 1.28
N SER A 82 -44.47 -30.99 0.75
CA SER A 82 -43.59 -30.28 1.65
C SER A 82 -44.34 -29.25 2.48
N MET A 83 -45.52 -28.81 2.00
CA MET A 83 -46.35 -27.88 2.76
C MET A 83 -46.64 -28.42 4.15
N PHE A 84 -46.87 -29.73 4.27
CA PHE A 84 -47.35 -30.35 5.49
C PHE A 84 -46.42 -30.16 6.68
N LYS A 85 -45.23 -29.62 6.45
CA LYS A 85 -44.31 -29.28 7.52
C LYS A 85 -44.12 -27.78 7.73
N TYR A 86 -44.57 -26.95 6.79
CA TYR A 86 -44.40 -25.51 6.83
C TYR A 86 -45.60 -24.80 7.45
N ALA A 87 -46.80 -25.12 6.98
CA ALA A 87 -48.04 -24.58 7.52
C ALA A 87 -48.93 -25.74 7.95
N LYS A 88 -49.70 -25.51 9.00
CA LYS A 88 -50.57 -26.56 9.54
C LYS A 88 -51.91 -26.49 8.81
N ILE A 89 -52.10 -27.41 7.88
CA ILE A 89 -53.25 -27.39 6.96
C ILE A 89 -54.25 -28.45 7.40
N CYS A 90 -55.47 -28.00 7.71
CA CYS A 90 -56.58 -28.90 8.00
C CYS A 90 -57.88 -28.15 7.76
N THR A 91 -58.84 -28.81 7.12
CA THR A 91 -60.09 -28.18 6.73
C THR A 91 -60.91 -27.73 7.93
N PRO A 290 -57.01 -48.69 -5.44
CA PRO A 290 -58.18 -48.00 -4.88
C PRO A 290 -58.93 -47.20 -5.94
N PRO A 291 -60.25 -47.36 -5.99
CA PRO A 291 -61.05 -46.61 -6.98
C PRO A 291 -61.37 -45.19 -6.57
N TRP A 292 -60.89 -44.72 -5.41
CA TRP A 292 -61.18 -43.37 -4.95
C TRP A 292 -59.95 -42.46 -4.96
N VAL A 293 -58.81 -42.93 -5.44
CA VAL A 293 -57.60 -42.13 -5.53
C VAL A 293 -57.22 -42.02 -7.01
N TYR A 294 -56.98 -40.78 -7.47
CA TYR A 294 -56.64 -40.51 -8.86
C TYR A 294 -55.12 -40.39 -8.98
N ALA A 295 -54.46 -41.54 -9.06
CA ALA A 295 -53.02 -41.57 -9.20
C ALA A 295 -52.63 -41.05 -10.59
N ARG A 296 -51.67 -40.12 -10.62
CA ARG A 296 -51.33 -39.42 -11.85
C ARG A 296 -49.84 -39.13 -11.89
N ALA A 297 -49.25 -39.31 -13.07
CA ALA A 297 -47.83 -39.05 -13.29
C ALA A 297 -47.68 -37.73 -14.04
N LEU A 298 -47.22 -36.70 -13.34
CA LEU A 298 -47.12 -35.35 -13.89
C LEU A 298 -45.73 -35.08 -14.45
N ASP A 299 -45.70 -34.20 -15.45
CA ASP A 299 -44.46 -33.67 -15.99
C ASP A 299 -43.82 -32.73 -14.96
N PRO A 300 -42.49 -32.65 -14.92
CA PRO A 300 -41.87 -31.70 -14.00
C PRO A 300 -42.01 -30.25 -14.43
N VAL A 301 -42.23 -29.95 -15.70
CA VAL A 301 -42.32 -28.56 -16.12
C VAL A 301 -43.77 -28.11 -16.10
N THR A 302 -44.57 -28.73 -16.95
CA THR A 302 -45.96 -28.31 -17.11
C THR A 302 -46.83 -28.73 -15.94
N LEU A 303 -46.37 -29.73 -15.16
CA LEU A 303 -47.16 -30.31 -14.07
C LEU A 303 -48.53 -30.76 -14.58
N LYS A 304 -48.54 -31.29 -15.79
CA LYS A 304 -49.68 -31.91 -16.44
C LYS A 304 -49.40 -33.39 -16.66
N PRO A 305 -50.42 -34.24 -16.70
CA PRO A 305 -50.17 -35.68 -16.73
C PRO A 305 -49.47 -36.13 -17.99
N VAL A 306 -48.62 -37.13 -17.83
CA VAL A 306 -47.96 -37.78 -18.95
C VAL A 306 -48.70 -39.06 -19.28
N GLU A 307 -48.35 -39.67 -20.40
CA GLU A 307 -48.96 -40.94 -20.78
C GLU A 307 -48.46 -42.06 -19.88
N ASP A 308 -49.17 -43.19 -19.89
CA ASP A 308 -48.81 -44.29 -19.01
C ASP A 308 -47.66 -45.10 -19.60
N GLY A 309 -46.63 -45.31 -18.77
CA GLY A 309 -45.39 -45.96 -19.18
C GLY A 309 -44.16 -45.09 -19.01
N GLN A 310 -44.33 -43.78 -18.99
CA GLN A 310 -43.23 -42.85 -18.78
C GLN A 310 -43.26 -42.27 -17.37
N GLU A 311 -42.09 -41.90 -16.88
CA GLU A 311 -41.92 -41.49 -15.50
C GLU A 311 -42.51 -40.10 -15.26
N GLY A 312 -42.58 -39.73 -13.98
CA GLY A 312 -43.11 -38.43 -13.60
C GLY A 312 -43.41 -38.38 -12.13
N LEU A 313 -43.77 -37.18 -11.67
CA LEU A 313 -44.10 -36.96 -10.27
C LEU A 313 -45.45 -37.58 -9.94
N ILE A 314 -45.55 -38.24 -8.79
CA ILE A 314 -46.78 -38.93 -8.42
C ILE A 314 -47.70 -37.98 -7.65
N SER A 315 -48.87 -37.70 -8.20
CA SER A 315 -49.93 -36.98 -7.51
C SER A 315 -51.10 -37.93 -7.25
N TYR A 316 -51.79 -37.74 -6.12
CA TYR A 316 -52.67 -38.77 -5.58
C TYR A 316 -54.15 -38.42 -5.64
N MET A 317 -54.57 -37.29 -5.10
CA MET A 317 -55.97 -36.87 -5.09
C MET A 317 -56.85 -37.88 -4.35
N ASP A 318 -56.53 -38.11 -3.07
CA ASP A 318 -57.37 -38.94 -2.22
C ASP A 318 -58.65 -38.22 -1.85
N ALA A 319 -59.78 -38.93 -1.90
CA ALA A 319 -61.07 -38.37 -1.55
C ALA A 319 -61.69 -39.02 -0.32
N SER A 320 -60.93 -39.85 0.39
CA SER A 320 -61.41 -40.45 1.62
C SER A 320 -61.41 -39.48 2.78
N SER A 321 -60.58 -38.44 2.72
CA SER A 321 -60.37 -37.55 3.84
C SER A 321 -61.39 -36.43 3.88
N THR A 322 -61.71 -36.00 5.09
CA THR A 322 -62.38 -34.74 5.33
C THR A 322 -61.57 -33.84 6.24
N SER A 323 -60.45 -34.33 6.78
CA SER A 323 -59.66 -33.56 7.73
C SER A 323 -58.79 -32.53 7.02
N TYR A 324 -58.08 -32.94 5.98
CA TYR A 324 -57.20 -32.06 5.20
C TYR A 324 -57.34 -32.42 3.73
N PRO A 325 -57.16 -31.44 2.84
CA PRO A 325 -57.33 -31.72 1.41
C PRO A 325 -56.17 -32.55 0.90
N THR A 326 -56.44 -33.82 0.60
CA THR A 326 -55.41 -34.75 0.17
C THR A 326 -55.27 -34.71 -1.36
N PHE A 327 -54.99 -33.50 -1.85
CA PHE A 327 -54.70 -33.25 -3.26
C PHE A 327 -53.23 -32.85 -3.32
N ILE A 328 -52.34 -33.85 -3.34
CA ILE A 328 -50.93 -33.60 -3.09
C ILE A 328 -50.07 -34.20 -4.19
N VAL A 329 -48.82 -33.76 -4.23
CA VAL A 329 -47.78 -34.28 -5.12
C VAL A 329 -46.63 -34.73 -4.25
N THR A 330 -46.07 -35.89 -4.56
CA THR A 330 -45.12 -36.53 -3.68
C THR A 330 -43.69 -36.06 -3.94
N ASP A 331 -42.75 -36.68 -3.22
CA ASP A 331 -41.33 -36.64 -3.53
C ASP A 331 -40.93 -37.74 -4.50
N ASP A 332 -41.90 -38.54 -4.94
CA ASP A 332 -41.63 -39.80 -5.62
C ASP A 332 -41.78 -39.64 -7.12
N ILE A 333 -40.91 -40.32 -7.86
CA ILE A 333 -41.01 -40.46 -9.30
C ILE A 333 -41.50 -41.88 -9.57
N GLY A 334 -42.28 -42.06 -10.62
CA GLY A 334 -42.73 -43.39 -10.94
C GLY A 334 -43.55 -43.42 -12.21
N ILE A 335 -43.85 -44.64 -12.64
CA ILE A 335 -44.69 -44.90 -13.78
C ILE A 335 -46.00 -45.49 -13.27
N ILE A 336 -47.05 -45.37 -14.07
CA ILE A 336 -48.36 -45.90 -13.71
C ILE A 336 -48.89 -46.73 -14.87
N HIS A 337 -49.38 -47.94 -14.56
CA HIS A 337 -49.89 -48.87 -15.55
C HIS A 337 -51.36 -49.15 -15.24
N THR A 338 -52.20 -49.15 -16.28
CA THR A 338 -53.61 -49.48 -16.11
C THR A 338 -53.78 -50.97 -15.83
N THR A 348 -55.59 -49.73 -11.93
CA THR A 348 -54.45 -48.82 -11.89
C THR A 348 -53.47 -49.22 -10.80
N THR A 349 -52.31 -49.72 -11.21
CA THR A 349 -51.22 -50.03 -10.29
C THR A 349 -50.13 -48.99 -10.45
N ILE A 350 -49.63 -48.48 -9.32
CA ILE A 350 -48.71 -47.35 -9.30
C ILE A 350 -47.36 -47.82 -8.80
N ASP A 351 -46.32 -47.53 -9.59
CA ASP A 351 -44.95 -47.93 -9.31
C ASP A 351 -44.14 -46.72 -8.86
N ILE A 352 -43.17 -46.97 -7.99
CA ILE A 352 -42.28 -45.93 -7.45
C ILE A 352 -40.85 -46.31 -7.79
N VAL A 353 -40.18 -45.48 -8.58
CA VAL A 353 -38.83 -45.79 -9.03
C VAL A 353 -37.78 -45.25 -8.06
N ARG A 354 -37.88 -43.98 -7.69
CA ARG A 354 -36.92 -43.35 -6.80
C ARG A 354 -37.53 -42.07 -6.27
N ARG A 355 -36.89 -41.49 -5.26
CA ARG A 355 -37.29 -40.19 -4.76
C ARG A 355 -36.55 -39.10 -5.52
N LEU A 356 -36.91 -37.85 -5.23
CA LEU A 356 -36.34 -36.73 -5.98
C LEU A 356 -34.89 -36.50 -5.58
N ASN A 357 -34.66 -36.14 -4.31
CA ASN A 357 -33.33 -35.95 -3.77
C ASN A 357 -33.38 -35.82 -2.25
N ILE B 1 3.10 31.88 -45.02
CA ILE B 1 1.69 32.11 -45.27
C ILE B 1 0.85 31.02 -44.60
N LYS B 2 1.52 30.09 -43.94
CA LYS B 2 0.82 29.12 -43.10
C LYS B 2 0.56 29.76 -41.74
N LYS B 3 -0.70 29.76 -41.32
CA LYS B 3 -1.09 30.40 -40.08
C LYS B 3 -1.22 29.36 -38.98
N ILE B 4 -0.69 29.69 -37.80
CA ILE B 4 -0.81 28.86 -36.61
C ILE B 4 -1.89 29.45 -35.72
N PRO B 5 -2.84 28.65 -35.24
CA PRO B 5 -3.93 29.21 -34.45
C PRO B 5 -3.49 29.54 -33.03
N MET B 6 -4.41 30.14 -32.28
CA MET B 6 -4.23 30.41 -30.86
C MET B 6 -5.41 29.83 -30.11
N ILE B 7 -5.15 28.86 -29.24
CA ILE B 7 -6.17 28.23 -28.42
C ILE B 7 -6.15 28.91 -27.07
N ILE B 8 -7.32 29.28 -26.55
CA ILE B 8 -7.34 29.90 -25.22
C ILE B 8 -8.23 29.10 -24.27
N GLY B 9 -9.53 29.04 -24.54
CA GLY B 9 -10.33 28.29 -23.59
C GLY B 9 -10.30 26.81 -23.87
N GLY B 10 -10.96 26.41 -24.94
CA GLY B 10 -10.91 25.06 -25.43
C GLY B 10 -11.06 25.06 -26.93
N ALA B 11 -10.84 26.22 -27.55
CA ALA B 11 -11.05 26.36 -28.97
C ALA B 11 -10.18 27.49 -29.50
N GLU B 12 -10.02 27.52 -30.81
CA GLU B 12 -9.19 28.54 -31.45
C GLU B 12 -9.86 29.90 -31.32
N ARG B 13 -9.05 30.91 -31.05
CA ARG B 13 -9.54 32.28 -30.98
C ARG B 13 -9.72 32.85 -32.37
N ASP B 14 -10.65 33.79 -32.49
CA ASP B 14 -10.89 34.50 -33.74
C ASP B 14 -9.77 35.52 -33.90
N THR B 15 -8.68 35.08 -34.53
CA THR B 15 -7.51 35.92 -34.72
C THR B 15 -7.51 36.66 -36.06
N SER B 16 -8.69 36.93 -36.61
CA SER B 16 -8.77 37.64 -37.89
C SER B 16 -8.16 39.03 -37.79
N GLU B 17 -8.56 39.80 -36.79
CA GLU B 17 -8.10 41.17 -36.61
C GLU B 17 -6.79 41.26 -35.84
N HIS B 18 -6.23 40.14 -35.39
CA HIS B 18 -4.98 40.14 -34.65
C HIS B 18 -3.82 40.58 -35.54
N GLU B 19 -2.69 40.88 -34.90
CA GLU B 19 -1.44 41.17 -35.57
C GLU B 19 -0.64 39.87 -35.66
N TYR B 20 0.05 39.67 -36.78
CA TYR B 20 0.78 38.43 -36.99
C TYR B 20 2.27 38.69 -37.12
N ARG B 21 3.06 37.65 -36.82
CA ARG B 21 4.50 37.68 -37.00
C ARG B 21 4.96 36.39 -37.65
N GLU B 22 5.93 36.49 -38.56
CA GLU B 22 6.55 35.31 -39.15
C GLU B 22 7.79 34.91 -38.36
N LEU B 23 8.21 33.67 -38.53
CA LEU B 23 9.29 33.09 -37.73
C LEU B 23 10.46 32.57 -38.55
N THR B 24 10.23 32.02 -39.73
CA THR B 24 11.27 31.43 -40.59
C THR B 24 11.94 30.26 -39.85
N LEU B 25 11.18 29.18 -39.69
CA LEU B 25 11.67 28.03 -38.95
C LEU B 25 12.76 27.28 -39.72
N ASN B 26 12.41 26.75 -40.89
CA ASN B 26 13.35 25.95 -41.66
C ASN B 26 13.47 26.51 -43.07
N SER B 27 13.68 27.82 -43.17
CA SER B 27 13.62 28.58 -44.43
C SER B 27 12.20 28.70 -44.96
N TYR B 28 11.21 28.56 -44.09
CA TYR B 28 9.80 28.61 -44.46
C TYR B 28 9.07 29.49 -43.47
N LYS B 29 8.19 30.35 -43.98
CA LYS B 29 7.56 31.35 -43.14
C LYS B 29 6.30 30.80 -42.51
N VAL B 30 6.06 31.20 -41.26
CA VAL B 30 4.90 30.76 -40.49
C VAL B 30 4.37 31.94 -39.70
N SER B 31 3.10 32.28 -39.88
CA SER B 31 2.50 33.40 -39.21
C SER B 31 1.84 32.95 -37.91
N ILE B 32 2.25 33.55 -36.80
CA ILE B 32 1.65 33.31 -35.49
C ILE B 32 1.02 34.61 -35.03
N PRO B 33 -0.19 34.59 -34.49
CA PRO B 33 -0.81 35.83 -34.03
C PRO B 33 -0.21 36.33 -32.73
N ILE B 34 -0.16 37.65 -32.62
CA ILE B 34 0.36 38.30 -31.42
C ILE B 34 -0.77 38.42 -30.40
N ILE B 35 -0.48 38.07 -29.15
CA ILE B 35 -1.47 38.17 -28.09
C ILE B 35 -1.76 39.63 -27.79
N ASN B 36 -3.03 39.95 -27.59
CA ASN B 36 -3.45 41.30 -27.25
C ASN B 36 -4.13 41.28 -25.88
N GLN B 37 -4.69 42.44 -25.49
CA GLN B 37 -5.23 42.56 -24.14
C GLN B 37 -6.48 41.73 -23.96
N ASP B 38 -7.31 41.59 -25.00
CA ASP B 38 -8.52 40.79 -24.87
C ASP B 38 -8.19 39.33 -24.62
N ASP B 39 -7.14 38.81 -25.28
CA ASP B 39 -6.71 37.44 -25.02
C ASP B 39 -6.21 37.29 -23.60
N VAL B 40 -5.50 38.29 -23.08
CA VAL B 40 -5.04 38.23 -21.69
C VAL B 40 -6.22 38.19 -20.74
N GLU B 41 -7.26 38.98 -21.03
CA GLU B 41 -8.45 38.97 -20.18
C GLU B 41 -9.17 37.63 -20.27
N ALA B 42 -9.21 37.03 -21.47
CA ALA B 42 -9.83 35.71 -21.60
C ALA B 42 -9.05 34.67 -20.83
N ILE B 43 -7.73 34.80 -20.79
CA ILE B 43 -6.91 33.86 -20.03
C ILE B 43 -7.14 34.04 -18.54
N LYS B 44 -7.18 35.29 -18.08
CA LYS B 44 -7.43 35.55 -16.67
C LYS B 44 -8.77 35.00 -16.21
N SER B 45 -9.79 35.14 -17.05
CA SER B 45 -11.14 34.73 -16.67
C SER B 45 -11.38 33.24 -16.82
N GLN B 46 -10.39 32.48 -17.26
CA GLN B 46 -10.55 31.05 -17.47
C GLN B 46 -10.54 30.33 -16.14
N SER B 47 -11.65 29.68 -15.81
CA SER B 47 -11.76 28.89 -14.58
C SER B 47 -12.60 27.67 -14.92
N VAL B 48 -11.93 26.54 -15.13
CA VAL B 48 -12.60 25.30 -15.51
C VAL B 48 -12.82 24.48 -14.25
N GLU B 49 -14.05 24.04 -14.05
CA GLU B 49 -14.39 23.22 -12.88
C GLU B 49 -14.08 21.77 -13.22
N ASN B 50 -13.02 21.24 -12.62
CA ASN B 50 -12.48 19.93 -12.94
C ASN B 50 -12.79 18.98 -11.79
N ASN B 51 -13.82 18.15 -11.97
CA ASN B 51 -14.22 17.19 -10.94
C ASN B 51 -13.96 15.75 -11.36
N LEU B 52 -13.09 15.52 -12.34
CA LEU B 52 -12.82 14.18 -12.80
C LEU B 52 -11.91 13.45 -11.83
N ASN B 53 -12.02 12.12 -11.82
CA ASN B 53 -11.05 11.34 -11.07
C ASN B 53 -9.90 10.94 -11.98
N ILE B 54 -8.86 10.34 -11.39
CA ILE B 54 -7.69 9.97 -12.18
C ILE B 54 -8.06 8.91 -13.20
N ASN B 55 -9.05 8.07 -12.89
CA ASN B 55 -9.54 7.11 -13.85
C ASN B 55 -10.08 7.79 -15.09
N GLN B 56 -10.92 8.81 -14.90
CA GLN B 56 -11.51 9.52 -16.04
C GLN B 56 -10.45 10.26 -16.83
N ILE B 57 -9.49 10.89 -16.15
CA ILE B 57 -8.42 11.61 -16.84
C ILE B 57 -7.61 10.66 -17.69
N VAL B 58 -7.19 9.54 -17.11
CA VAL B 58 -6.37 8.58 -17.85
C VAL B 58 -7.15 7.99 -19.01
N ASN B 59 -8.45 7.77 -18.83
CA ASN B 59 -9.25 7.22 -19.91
C ASN B 59 -9.41 8.22 -21.06
N PHE B 60 -9.56 9.50 -20.73
CA PHE B 60 -9.61 10.51 -21.78
C PHE B 60 -8.29 10.57 -22.55
N LEU B 61 -7.18 10.55 -21.82
CA LEU B 61 -5.88 10.56 -22.48
C LEU B 61 -5.70 9.33 -23.34
N TYR B 62 -6.22 8.18 -22.89
CA TYR B 62 -6.14 6.96 -23.70
C TYR B 62 -6.96 7.10 -24.97
N THR B 63 -8.14 7.72 -24.88
CA THR B 63 -8.94 7.95 -26.08
C THR B 63 -8.21 8.84 -27.07
N VAL B 64 -7.59 9.91 -26.58
CA VAL B 64 -6.82 10.79 -27.46
C VAL B 64 -5.66 10.03 -28.09
N GLY B 65 -5.01 9.16 -27.30
CA GLY B 65 -3.91 8.39 -27.85
C GLY B 65 -4.36 7.41 -28.91
N GLN B 66 -5.52 6.78 -28.71
CA GLN B 66 -6.06 5.91 -29.75
C GLN B 66 -6.39 6.68 -31.00
N LYS B 67 -6.82 7.93 -30.85
CA LYS B 67 -7.03 8.78 -32.01
C LYS B 67 -5.71 9.05 -32.73
N TRP B 68 -4.64 9.31 -31.97
CA TRP B 68 -3.33 9.53 -32.57
C TRP B 68 -2.73 8.27 -33.15
N LYS B 69 -3.24 7.09 -32.77
CA LYS B 69 -2.68 5.84 -33.23
C LYS B 69 -3.01 5.56 -34.68
N SER B 70 -4.10 6.12 -35.19
CA SER B 70 -4.51 5.88 -36.57
C SER B 70 -3.67 6.73 -37.50
N GLU B 71 -3.04 6.09 -38.48
CA GLU B 71 -2.22 6.80 -39.45
C GLU B 71 -3.04 7.68 -40.38
N ASN B 72 -4.36 7.49 -40.44
CA ASN B 72 -5.25 8.29 -41.25
C ASN B 72 -5.80 9.49 -40.51
N TYR B 73 -5.43 9.68 -39.25
CA TYR B 73 -5.87 10.84 -38.49
C TYR B 73 -5.32 12.10 -39.13
N SER B 74 -6.23 12.96 -39.61
CA SER B 74 -5.83 14.14 -40.37
C SER B 74 -4.85 15.01 -39.59
N ARG B 75 -5.13 15.21 -38.30
CA ARG B 75 -4.25 16.06 -37.50
C ARG B 75 -2.87 15.45 -37.35
N ARG B 76 -2.79 14.12 -37.24
CA ARG B 76 -1.49 13.47 -37.17
C ARG B 76 -0.73 13.62 -38.48
N LEU B 77 -1.40 13.47 -39.61
CA LEU B 77 -0.75 13.65 -40.90
C LEU B 77 -0.23 15.07 -41.06
N THR B 78 -1.06 16.06 -40.69
CA THR B 78 -0.62 17.44 -40.77
C THR B 78 0.56 17.70 -39.83
N TYR B 79 0.54 17.13 -38.63
CA TYR B 79 1.64 17.32 -37.70
C TYR B 79 2.92 16.72 -38.25
N ILE B 80 2.86 15.55 -38.87
CA ILE B 80 4.05 14.95 -39.45
C ILE B 80 4.57 15.81 -40.61
N ARG B 81 3.66 16.32 -41.44
CA ARG B 81 4.07 17.18 -42.53
C ARG B 81 4.77 18.44 -42.01
N ASP B 82 4.25 19.01 -40.93
CA ASP B 82 4.88 20.22 -40.38
C ASP B 82 6.22 19.90 -39.73
N LEU B 83 6.33 18.75 -39.07
CA LEU B 83 7.63 18.36 -38.54
C LEU B 83 8.65 18.22 -39.65
N VAL B 84 8.25 17.65 -40.78
CA VAL B 84 9.17 17.48 -41.89
C VAL B 84 9.54 18.83 -42.50
N ARG B 85 8.55 19.71 -42.67
CA ARG B 85 8.77 20.94 -43.43
C ARG B 85 9.46 22.01 -42.59
N PHE B 86 8.95 22.28 -41.39
CA PHE B 86 9.41 23.43 -40.61
C PHE B 86 10.42 23.09 -39.55
N LEU B 87 10.51 21.84 -39.11
CA LEU B 87 11.56 21.42 -38.20
C LEU B 87 12.69 20.68 -38.90
N GLY B 88 12.55 20.38 -40.18
CA GLY B 88 13.58 19.72 -40.93
C GLY B 88 13.71 18.24 -40.67
N TYR B 89 12.79 17.66 -39.91
CA TYR B 89 12.87 16.24 -39.59
C TYR B 89 12.81 15.40 -40.86
N SER B 90 13.37 14.22 -40.77
CA SER B 90 13.16 13.24 -41.82
C SER B 90 11.80 12.59 -41.61
N PRO B 91 11.17 12.12 -42.69
CA PRO B 91 9.86 11.45 -42.53
C PRO B 91 9.86 10.36 -41.46
N GLU B 92 10.96 9.63 -41.33
CA GLU B 92 11.05 8.60 -40.30
C GLU B 92 11.01 9.21 -38.91
N MET B 93 11.78 10.28 -38.68
CA MET B 93 11.80 10.89 -37.35
C MET B 93 10.47 11.54 -37.02
N ALA B 94 9.82 12.15 -38.01
CA ALA B 94 8.51 12.76 -37.76
C ALA B 94 7.46 11.69 -37.43
N LYS B 95 7.45 10.61 -38.21
CA LYS B 95 6.56 9.50 -37.91
C LYS B 95 6.83 8.94 -36.52
N LEU B 96 8.11 8.86 -36.14
CA LEU B 96 8.47 8.36 -34.83
C LEU B 96 8.00 9.30 -33.71
N GLU B 97 8.07 10.60 -33.95
CA GLU B 97 7.54 11.55 -32.97
C GLU B 97 6.04 11.38 -32.78
N ALA B 98 5.30 11.29 -33.89
CA ALA B 98 3.87 11.07 -33.77
C ALA B 98 3.56 9.75 -33.07
N ASN B 99 4.32 8.71 -33.38
CA ASN B 99 4.12 7.42 -32.74
C ASN B 99 4.41 7.47 -31.26
N TRP B 100 5.41 8.25 -30.85
CA TRP B 100 5.72 8.36 -29.43
C TRP B 100 4.65 9.15 -28.70
N ILE B 101 4.09 10.18 -29.34
CA ILE B 101 2.93 10.86 -28.77
C ILE B 101 1.81 9.86 -28.52
N SER B 102 1.46 9.09 -29.54
CA SER B 102 0.43 8.06 -29.39
C SER B 102 0.77 7.08 -28.27
N MET B 103 2.02 6.67 -28.18
CA MET B 103 2.43 5.66 -27.22
C MET B 103 2.29 6.17 -25.80
N ILE B 104 2.81 7.37 -25.52
CA ILE B 104 2.73 7.89 -24.17
C ILE B 104 1.32 8.31 -23.80
N LEU B 105 0.47 8.59 -24.79
CA LEU B 105 -0.92 8.88 -24.45
C LEU B 105 -1.71 7.61 -24.18
N SER B 106 -1.39 6.50 -24.87
CA SER B 106 -2.17 5.28 -24.76
C SER B 106 -1.71 4.36 -23.64
N SER B 107 -0.60 4.65 -22.97
CA SER B 107 -0.09 3.79 -21.90
C SER B 107 -0.73 4.23 -20.58
N LYS B 108 -1.81 3.54 -20.20
CA LYS B 108 -2.58 3.93 -19.03
C LYS B 108 -1.87 3.57 -17.74
N SER B 109 -1.33 2.34 -17.66
CA SER B 109 -0.60 1.92 -16.47
C SER B 109 0.59 2.83 -16.22
N ALA B 110 1.22 3.34 -17.28
CA ALA B 110 2.33 4.26 -17.11
C ALA B 110 1.89 5.53 -16.39
N LEU B 111 0.73 6.07 -16.76
CA LEU B 111 0.25 7.29 -16.12
C LEU B 111 -0.18 7.03 -14.68
N TYR B 112 -0.95 5.95 -14.46
CA TYR B 112 -1.32 5.56 -13.11
C TYR B 112 -0.08 5.42 -12.23
N ASP B 113 0.96 4.77 -12.75
CA ASP B 113 2.16 4.52 -11.95
C ASP B 113 2.99 5.78 -11.79
N ILE B 114 2.96 6.70 -12.75
CA ILE B 114 3.57 8.01 -12.53
C ILE B 114 2.95 8.66 -11.30
N VAL B 115 1.62 8.75 -11.29
CA VAL B 115 0.93 9.37 -10.15
C VAL B 115 1.27 8.63 -8.86
N GLU B 116 1.24 7.30 -8.89
CA GLU B 116 1.49 6.51 -7.70
C GLU B 116 2.90 6.72 -7.16
N THR B 117 3.90 6.63 -8.03
CA THR B 117 5.28 6.71 -7.57
C THR B 117 5.65 8.11 -7.13
N GLU B 118 5.10 9.14 -7.78
CA GLU B 118 5.51 10.48 -7.41
C GLU B 118 4.73 11.01 -6.21
N LEU B 119 3.43 10.76 -6.15
CA LEU B 119 2.62 11.30 -5.06
C LEU B 119 2.35 10.30 -3.94
N GLY B 120 2.65 9.03 -4.15
CA GLY B 120 2.45 8.00 -3.15
C GLY B 120 1.26 7.11 -3.43
N SER B 121 0.22 7.67 -4.05
CA SER B 121 -0.96 6.89 -4.41
C SER B 121 -1.65 7.59 -5.56
N ARG B 122 -2.26 6.81 -6.44
CA ARG B 122 -3.03 7.41 -7.52
C ARG B 122 -4.35 7.98 -7.05
N HIS B 123 -4.73 7.70 -5.80
CA HIS B 123 -5.98 8.20 -5.23
C HIS B 123 -5.80 9.48 -4.43
N ILE B 124 -4.55 9.87 -4.14
CA ILE B 124 -4.31 11.06 -3.32
C ILE B 124 -4.77 12.33 -4.01
N VAL B 125 -5.00 12.29 -5.32
CA VAL B 125 -5.53 13.45 -6.02
C VAL B 125 -7.05 13.54 -5.96
N ASP B 126 -7.72 12.54 -5.40
CA ASP B 126 -9.17 12.60 -5.26
C ASP B 126 -9.70 12.28 -3.88
N GLU B 127 -8.88 11.75 -2.99
CA GLU B 127 -9.37 11.30 -1.71
C GLU B 127 -8.43 11.78 -0.63
N TRP B 128 -8.94 11.88 0.59
CA TRP B 128 -8.14 12.22 1.73
C TRP B 128 -7.55 10.93 2.30
N LEU B 129 -6.24 10.81 2.23
CA LEU B 129 -5.60 9.56 2.60
C LEU B 129 -4.96 9.69 3.97
N PRO B 130 -5.14 8.72 4.83
CA PRO B 130 -4.51 8.77 6.16
C PRO B 130 -3.04 8.42 6.08
N GLN B 131 -2.20 9.40 5.76
CA GLN B 131 -0.76 9.12 5.64
C GLN B 131 -0.16 8.79 7.00
N GLY B 132 -0.23 9.73 7.93
CA GLY B 132 0.09 9.47 9.32
C GLY B 132 -0.27 10.68 10.13
N ASP B 133 -1.05 10.51 11.20
CA ASP B 133 -1.50 11.63 12.03
C ASP B 133 -2.22 12.71 11.24
N CYS B 134 -2.62 12.42 10.00
CA CYS B 134 -3.19 13.43 9.12
C CYS B 134 -4.01 12.74 8.03
N TYR B 135 -4.81 13.54 7.34
CA TYR B 135 -5.44 13.15 6.08
C TYR B 135 -4.93 14.09 5.02
N VAL B 136 -4.32 13.56 3.97
CA VAL B 136 -3.67 14.39 2.96
C VAL B 136 -4.43 14.25 1.65
N LYS B 137 -4.60 15.38 0.96
CA LYS B 137 -5.15 15.39 -0.38
C LYS B 137 -4.25 16.23 -1.27
N ALA B 138 -4.02 15.76 -2.50
CA ALA B 138 -3.21 16.49 -3.46
C ALA B 138 -4.13 17.32 -4.34
N MET B 139 -4.14 18.62 -4.14
CA MET B 139 -4.94 19.51 -4.94
C MET B 139 -4.11 20.11 -6.04
N PRO B 140 -4.72 20.57 -7.13
CA PRO B 140 -3.95 21.25 -8.17
C PRO B 140 -3.50 22.63 -7.71
N LYS B 141 -2.48 23.13 -8.40
CA LYS B 141 -2.09 24.53 -8.21
C LYS B 141 -2.95 25.46 -9.06
N GLY B 142 -3.28 25.02 -10.27
CA GLY B 142 -4.15 25.78 -11.17
C GLY B 142 -3.37 26.71 -12.08
N LYS B 143 -3.84 26.82 -13.31
CA LYS B 143 -3.31 27.75 -14.31
C LYS B 143 -1.79 27.61 -14.46
N SER B 144 -1.30 26.38 -14.38
CA SER B 144 0.10 26.08 -14.65
C SER B 144 0.55 26.68 -15.98
N VAL B 145 1.70 27.33 -15.97
CA VAL B 145 2.28 27.94 -17.17
C VAL B 145 3.49 27.13 -17.60
N HIS B 146 3.52 26.71 -18.85
CA HIS B 146 4.59 25.87 -19.39
C HIS B 146 5.31 26.64 -20.49
N LEU B 147 6.59 26.94 -20.26
CA LEU B 147 7.43 27.58 -21.27
C LEU B 147 8.32 26.50 -21.89
N LEU B 148 8.11 26.22 -23.17
CA LEU B 148 8.73 25.08 -23.83
C LEU B 148 10.04 25.49 -24.51
N ALA B 149 10.88 24.47 -24.76
CA ALA B 149 12.26 24.70 -25.21
C ALA B 149 12.40 24.66 -26.73
N GLY B 150 12.04 23.54 -27.36
CA GLY B 150 12.08 23.47 -28.80
C GLY B 150 12.73 22.25 -29.41
N ASN B 151 13.66 21.61 -28.68
CA ASN B 151 14.39 20.49 -29.25
C ASN B 151 13.52 19.25 -29.36
N VAL B 152 12.97 18.80 -28.25
CA VAL B 152 12.23 17.55 -28.15
C VAL B 152 10.76 17.89 -27.96
N PRO B 153 9.88 17.57 -28.92
CA PRO B 153 8.45 17.76 -28.69
C PRO B 153 7.90 16.93 -27.54
N LEU B 154 8.42 15.72 -27.34
CA LEU B 154 7.95 14.88 -26.26
C LEU B 154 8.14 15.51 -24.90
N SER B 155 9.13 16.38 -24.74
CA SER B 155 9.31 17.09 -23.48
C SER B 155 8.08 17.92 -23.16
N GLY B 156 7.65 18.74 -24.12
CA GLY B 156 6.45 19.53 -23.92
C GLY B 156 5.21 18.68 -23.75
N VAL B 157 5.12 17.59 -24.51
CA VAL B 157 3.96 16.70 -24.39
C VAL B 157 3.90 16.12 -22.98
N THR B 158 5.03 15.64 -22.46
CA THR B 158 5.05 15.05 -21.13
C THR B 158 4.78 16.09 -20.06
N SER B 159 5.29 17.31 -20.25
CA SER B 159 4.98 18.40 -19.33
C SER B 159 3.49 18.65 -19.24
N ILE B 160 2.83 18.77 -20.40
CA ILE B 160 1.40 19.00 -20.42
C ILE B 160 0.66 17.84 -19.79
N ILE B 161 1.10 16.61 -20.06
CA ILE B 161 0.43 15.44 -19.49
C ILE B 161 0.57 15.41 -17.98
N ARG B 162 1.76 15.75 -17.47
CA ARG B 162 1.96 15.83 -16.03
C ARG B 162 1.04 16.86 -15.40
N ALA B 163 0.90 18.02 -16.04
CA ALA B 163 0.00 19.03 -15.52
C ALA B 163 -1.45 18.57 -15.57
N ILE B 164 -1.82 17.79 -16.59
CA ILE B 164 -3.19 17.32 -16.71
C ILE B 164 -3.49 16.29 -15.62
N LEU B 165 -2.58 15.36 -15.38
CA LEU B 165 -2.80 14.33 -14.37
C LEU B 165 -3.01 14.90 -12.98
N THR B 166 -2.53 16.11 -12.74
CA THR B 166 -2.72 16.78 -11.46
C THR B 166 -3.88 17.76 -11.49
N LYS B 167 -4.68 17.75 -12.55
CA LYS B 167 -5.87 18.59 -12.68
C LYS B 167 -5.51 20.07 -12.73
N ASN B 168 -4.38 20.38 -13.37
CA ASN B 168 -3.97 21.76 -13.55
C ASN B 168 -4.47 22.29 -14.89
N GLU B 169 -4.73 23.59 -14.92
CA GLU B 169 -5.00 24.26 -16.19
C GLU B 169 -3.69 24.67 -16.84
N CYS B 170 -3.59 24.47 -18.14
CA CYS B 170 -2.33 24.62 -18.86
C CYS B 170 -2.37 25.87 -19.72
N ILE B 171 -1.41 26.74 -19.52
CA ILE B 171 -1.12 27.87 -20.40
C ILE B 171 0.25 27.58 -21.00
N ILE B 172 0.26 27.10 -22.24
CA ILE B 172 1.48 26.65 -22.90
C ILE B 172 1.97 27.74 -23.83
N LYS B 173 3.15 28.26 -23.54
CA LYS B 173 3.88 29.12 -24.46
C LYS B 173 4.79 28.24 -25.29
N THR B 174 4.50 28.14 -26.59
CA THR B 174 5.31 27.27 -27.43
C THR B 174 6.65 27.90 -27.71
N SER B 175 7.61 27.07 -28.06
CA SER B 175 8.94 27.54 -28.38
C SER B 175 8.95 28.19 -29.76
N SER B 176 9.98 29.00 -30.00
CA SER B 176 10.15 29.63 -31.30
C SER B 176 10.62 28.65 -32.35
N ALA B 177 10.85 27.38 -32.00
CA ALA B 177 11.29 26.37 -32.94
C ALA B 177 10.25 25.29 -33.19
N ASP B 178 9.41 24.99 -32.21
CA ASP B 178 8.37 23.97 -32.34
C ASP B 178 7.03 24.56 -31.89
N PRO B 179 6.39 25.35 -32.74
CA PRO B 179 5.07 25.88 -32.38
C PRO B 179 3.93 24.97 -32.79
N PHE B 180 4.23 23.72 -33.13
CA PHE B 180 3.22 22.82 -33.67
C PHE B 180 2.77 21.73 -32.72
N THR B 181 3.64 21.26 -31.82
CA THR B 181 3.31 20.09 -31.02
C THR B 181 2.20 20.39 -30.02
N ALA B 182 2.31 21.50 -29.29
CA ALA B 182 1.30 21.84 -28.31
C ALA B 182 -0.04 22.14 -28.98
N ILE B 183 0.00 22.84 -30.12
CA ILE B 183 -1.22 23.11 -30.86
C ILE B 183 -1.86 21.82 -31.33
N ALA B 184 -1.05 20.88 -31.82
CA ALA B 184 -1.59 19.60 -32.29
C ALA B 184 -2.21 18.82 -31.14
N LEU B 185 -1.54 18.79 -29.98
CA LEU B 185 -2.06 18.05 -28.84
C LEU B 185 -3.37 18.65 -28.34
N ALA B 186 -3.42 19.98 -28.21
CA ALA B 186 -4.63 20.62 -27.72
C ALA B 186 -5.77 20.46 -28.72
N SER B 187 -5.50 20.63 -30.01
CA SER B 187 -6.53 20.44 -31.01
C SER B 187 -6.98 18.99 -31.06
N SER B 188 -6.11 18.05 -30.72
CA SER B 188 -6.54 16.66 -30.63
C SER B 188 -7.47 16.45 -29.45
N PHE B 189 -7.15 17.05 -28.30
CA PHE B 189 -8.09 17.05 -27.18
C PHE B 189 -9.44 17.58 -27.61
N ILE B 190 -9.45 18.69 -28.34
CA ILE B 190 -10.70 19.28 -28.80
C ILE B 190 -11.43 18.33 -29.74
N ASP B 191 -10.70 17.69 -30.66
CA ASP B 191 -11.31 16.76 -31.59
C ASP B 191 -11.93 15.56 -30.88
N THR B 192 -11.34 15.15 -29.76
CA THR B 192 -11.91 14.03 -29.02
C THR B 192 -13.19 14.42 -28.31
N ASP B 193 -13.16 15.49 -27.53
CA ASP B 193 -14.35 15.97 -26.83
C ASP B 193 -14.13 17.43 -26.47
N GLU B 194 -14.84 18.33 -27.13
CA GLU B 194 -14.63 19.76 -26.92
C GLU B 194 -15.22 20.26 -25.61
N HIS B 195 -16.11 19.50 -24.97
CA HIS B 195 -16.72 19.91 -23.73
C HIS B 195 -16.08 19.26 -22.51
N HIS B 196 -15.04 18.46 -22.72
CA HIS B 196 -14.35 17.83 -21.62
C HIS B 196 -13.58 18.89 -20.82
N PRO B 197 -13.49 18.73 -19.50
CA PRO B 197 -12.70 19.68 -18.71
C PRO B 197 -11.23 19.72 -19.10
N ILE B 198 -10.70 18.63 -19.65
CA ILE B 198 -9.30 18.62 -20.06
C ILE B 198 -9.12 19.43 -21.34
N SER B 199 -10.05 19.33 -22.27
CA SER B 199 -9.96 20.11 -23.50
C SER B 199 -10.13 21.59 -23.22
N ARG B 200 -10.97 21.93 -22.25
CA ARG B 200 -11.22 23.33 -21.90
C ARG B 200 -10.14 23.90 -20.99
N SER B 201 -9.13 23.12 -20.63
CA SER B 201 -8.07 23.58 -19.76
C SER B 201 -6.81 23.97 -20.51
N MET B 202 -6.79 23.86 -21.84
CA MET B 202 -5.61 24.11 -22.63
C MET B 202 -5.68 25.50 -23.23
N SER B 203 -4.59 26.25 -23.13
CA SER B 203 -4.47 27.57 -23.76
C SER B 203 -3.06 27.65 -24.35
N VAL B 204 -2.95 27.46 -25.66
CA VAL B 204 -1.66 27.45 -26.33
C VAL B 204 -1.46 28.78 -27.05
N MET B 205 -0.28 29.37 -26.89
CA MET B 205 0.01 30.67 -27.48
C MET B 205 1.52 30.80 -27.63
N TYR B 206 1.95 31.97 -28.06
CA TYR B 206 3.38 32.23 -28.26
C TYR B 206 3.67 33.71 -28.06
N TRP B 207 4.79 33.99 -27.40
CA TRP B 207 5.33 35.33 -27.32
C TRP B 207 6.85 35.22 -27.33
N SER B 208 7.51 36.24 -27.88
CA SER B 208 8.95 36.25 -27.97
C SER B 208 9.54 37.00 -26.77
N HIS B 209 10.87 36.96 -26.65
CA HIS B 209 11.56 37.70 -25.61
C HIS B 209 11.98 39.09 -26.07
N ASN B 210 11.85 39.39 -27.35
CA ASN B 210 12.26 40.67 -27.90
C ASN B 210 11.12 41.68 -27.94
N GLU B 211 9.90 41.25 -27.64
CA GLU B 211 8.74 42.11 -27.75
C GLU B 211 8.45 42.84 -26.44
N ASP B 212 7.42 43.68 -26.46
CA ASP B 212 7.01 44.38 -25.25
C ASP B 212 6.57 43.36 -24.21
N ILE B 213 6.88 43.64 -22.94
CA ILE B 213 6.72 42.65 -21.88
C ILE B 213 5.36 42.74 -21.18
N ALA B 214 4.55 43.75 -21.49
CA ALA B 214 3.31 43.98 -20.76
C ALA B 214 2.41 42.75 -20.76
N ILE B 215 2.10 42.24 -21.96
CA ILE B 215 1.15 41.14 -22.11
C ILE B 215 1.74 39.83 -21.60
N PRO B 216 2.98 39.46 -21.95
CA PRO B 216 3.54 38.25 -21.34
C PRO B 216 3.66 38.33 -19.83
N GLN B 217 3.93 39.51 -19.27
CA GLN B 217 3.97 39.64 -17.82
C GLN B 217 2.59 39.45 -17.22
N GLN B 218 1.56 40.03 -17.84
CA GLN B 218 0.19 39.82 -17.37
C GLN B 218 -0.17 38.34 -17.41
N ILE B 219 0.28 37.62 -18.44
CA ILE B 219 0.00 36.19 -18.51
C ILE B 219 0.76 35.43 -17.43
N MET B 220 2.00 35.86 -17.15
CA MET B 220 2.80 35.17 -16.16
C MET B 220 2.27 35.40 -14.74
N ASN B 221 1.63 36.53 -14.50
CA ASN B 221 1.14 36.82 -13.15
C ASN B 221 0.02 35.87 -12.71
N CYS B 222 -0.72 35.29 -13.65
CA CYS B 222 -1.76 34.32 -13.30
C CYS B 222 -1.26 32.89 -13.54
N ALA B 223 -0.27 32.47 -12.75
CA ALA B 223 0.40 31.20 -13.01
C ALA B 223 0.16 30.16 -11.93
N ASP B 224 0.47 30.48 -10.67
CA ASP B 224 0.34 29.57 -9.52
C ASP B 224 1.38 28.46 -9.58
N VAL B 225 2.01 28.26 -10.73
CA VAL B 225 3.18 27.40 -10.89
C VAL B 225 3.71 27.61 -12.31
N VAL B 226 5.02 27.57 -12.48
CA VAL B 226 5.64 27.78 -13.78
C VAL B 226 6.57 26.62 -14.07
N VAL B 227 6.53 26.12 -15.30
CA VAL B 227 7.39 25.04 -15.75
C VAL B 227 8.21 25.58 -16.91
N SER B 228 9.50 25.79 -16.69
CA SER B 228 10.40 26.31 -17.72
C SER B 228 11.29 25.20 -18.24
N TRP B 229 11.57 25.22 -19.54
CA TRP B 229 12.22 24.11 -20.22
C TRP B 229 13.47 24.48 -21.00
N GLY B 230 13.68 25.75 -21.33
CA GLY B 230 14.75 26.11 -22.25
C GLY B 230 16.15 26.00 -21.69
N GLY B 231 17.06 26.81 -22.25
CA GLY B 231 18.44 26.82 -21.83
C GLY B 231 18.68 27.69 -20.62
N TYR B 232 19.76 28.46 -20.63
CA TYR B 232 20.07 29.30 -19.48
C TYR B 232 19.25 30.58 -19.49
N ASP B 233 19.22 31.27 -20.63
CA ASP B 233 18.49 32.54 -20.68
C ASP B 233 16.99 32.33 -20.55
N ALA B 234 16.49 31.17 -21.01
CA ALA B 234 15.08 30.88 -20.84
C ALA B 234 14.72 30.75 -19.36
N ILE B 235 15.54 30.02 -18.60
CA ILE B 235 15.27 29.86 -17.18
C ILE B 235 15.50 31.17 -16.44
N LYS B 236 16.45 31.97 -16.89
CA LYS B 236 16.66 33.29 -16.29
C LYS B 236 15.44 34.18 -16.51
N TRP B 237 14.88 34.16 -17.71
CA TRP B 237 13.67 34.91 -17.99
C TRP B 237 12.53 34.43 -17.11
N ALA B 238 12.36 33.11 -17.01
CA ALA B 238 11.30 32.57 -16.17
C ALA B 238 11.46 33.02 -14.72
N THR B 239 12.70 33.01 -14.22
CA THR B 239 12.93 33.42 -12.84
C THR B 239 12.67 34.90 -12.64
N GLU B 240 13.00 35.72 -13.63
CA GLU B 240 12.87 37.16 -13.47
C GLU B 240 11.44 37.64 -13.65
N HIS B 241 10.61 36.90 -14.38
CA HIS B 241 9.28 37.36 -14.74
C HIS B 241 8.20 36.47 -14.13
N THR B 242 8.46 35.92 -12.95
CA THR B 242 7.50 35.14 -12.21
C THR B 242 7.25 35.81 -10.86
N PRO B 243 6.00 35.83 -10.39
CA PRO B 243 5.74 36.32 -9.04
C PRO B 243 6.59 35.59 -8.02
N VAL B 244 7.11 36.34 -7.05
CA VAL B 244 8.12 35.78 -6.16
C VAL B 244 7.58 34.68 -5.27
N ASN B 245 6.26 34.57 -5.11
CA ASN B 245 5.67 33.54 -4.29
C ASN B 245 5.19 32.34 -5.11
N VAL B 246 5.65 32.23 -6.35
CA VAL B 246 5.23 31.17 -7.25
C VAL B 246 6.44 30.28 -7.56
N ASP B 247 6.21 28.98 -7.58
CA ASP B 247 7.27 28.00 -7.76
C ASP B 247 7.56 27.79 -9.25
N ILE B 248 8.81 27.46 -9.55
CA ILE B 248 9.27 27.26 -10.91
C ILE B 248 9.93 25.89 -11.00
N LEU B 249 9.45 25.05 -11.90
CA LEU B 249 10.11 23.80 -12.23
C LEU B 249 11.11 24.09 -13.35
N LYS B 250 12.40 23.97 -13.05
CA LYS B 250 13.45 24.33 -13.99
C LYS B 250 14.02 23.06 -14.61
N PHE B 251 13.95 22.96 -15.92
CA PHE B 251 14.55 21.87 -16.69
C PHE B 251 15.64 22.49 -17.55
N GLY B 252 16.84 22.60 -17.01
CA GLY B 252 17.90 23.31 -17.66
C GLY B 252 18.62 22.46 -18.68
N PRO B 253 19.65 23.05 -19.28
CA PRO B 253 20.46 22.32 -20.26
C PRO B 253 21.38 21.32 -19.58
N LYS B 254 21.49 20.14 -20.17
CA LYS B 254 22.26 19.05 -19.62
C LYS B 254 23.30 18.58 -20.63
N LYS B 255 24.14 17.64 -20.19
CA LYS B 255 25.17 17.03 -21.04
C LYS B 255 25.30 15.59 -20.62
N SER B 256 24.71 14.69 -21.39
CA SER B 256 24.71 13.27 -21.05
C SER B 256 25.86 12.55 -21.74
N ILE B 257 26.31 11.47 -21.10
CA ILE B 257 27.48 10.73 -21.52
C ILE B 257 27.14 9.24 -21.52
N ALA B 258 28.09 8.42 -21.97
CA ALA B 258 27.91 6.99 -22.01
C ALA B 258 29.17 6.32 -21.48
N ILE B 259 28.99 5.17 -20.83
CA ILE B 259 30.10 4.40 -20.29
C ILE B 259 29.99 2.98 -20.83
N VAL B 260 31.05 2.51 -21.47
CA VAL B 260 31.12 1.17 -22.03
C VAL B 260 32.19 0.42 -21.23
N ASP B 261 31.77 -0.54 -20.43
CA ASP B 261 32.68 -1.10 -19.42
C ASP B 261 33.62 -2.14 -20.03
N ASN B 262 33.08 -3.25 -20.48
CA ASN B 262 33.88 -4.22 -21.23
C ASN B 262 32.92 -5.20 -21.87
N PRO B 263 32.25 -4.82 -22.95
CA PRO B 263 31.17 -5.67 -23.47
C PRO B 263 31.72 -6.90 -24.17
N VAL B 264 31.25 -8.07 -23.73
CA VAL B 264 31.51 -9.27 -24.50
C VAL B 264 30.66 -9.29 -25.75
N ASP B 265 29.46 -8.72 -25.68
CA ASP B 265 28.59 -8.57 -26.84
C ASP B 265 28.69 -7.13 -27.33
N ILE B 266 29.67 -6.86 -28.19
CA ILE B 266 29.95 -5.50 -28.60
C ILE B 266 28.87 -4.97 -29.53
N THR B 267 28.14 -5.86 -30.22
CA THR B 267 27.21 -5.40 -31.24
C THR B 267 26.00 -4.71 -30.62
N ALA B 268 25.43 -5.27 -29.55
CA ALA B 268 24.32 -4.61 -28.89
C ALA B 268 24.77 -3.32 -28.22
N SER B 269 25.99 -3.32 -27.68
CA SER B 269 26.56 -2.10 -27.11
C SER B 269 26.62 -0.99 -28.14
N ALA B 270 27.17 -1.29 -29.31
CA ALA B 270 27.26 -0.28 -30.36
C ALA B 270 25.87 0.14 -30.83
N ILE B 271 24.94 -0.81 -30.92
CA ILE B 271 23.57 -0.48 -31.30
C ILE B 271 22.99 0.55 -30.34
N GLY B 272 23.14 0.30 -29.03
CA GLY B 272 22.62 1.24 -28.05
C GLY B 272 23.27 2.59 -28.12
N VAL B 273 24.60 2.63 -28.16
CA VAL B 273 25.29 3.91 -28.18
C VAL B 273 24.92 4.70 -29.43
N ALA B 274 24.76 4.01 -30.57
CA ALA B 274 24.34 4.68 -31.78
C ALA B 274 22.93 5.22 -31.66
N HIS B 275 22.03 4.44 -31.05
CA HIS B 275 20.68 4.93 -30.78
C HIS B 275 20.72 6.22 -29.98
N ASP B 276 21.51 6.24 -28.90
CA ASP B 276 21.56 7.42 -28.05
C ASP B 276 22.18 8.61 -28.76
N ILE B 277 23.15 8.37 -29.65
CA ILE B 277 23.75 9.46 -30.39
C ILE B 277 22.78 10.02 -31.41
N CYS B 278 22.00 9.16 -32.06
CA CYS B 278 21.25 9.55 -33.23
C CYS B 278 19.83 9.99 -32.94
N PHE B 279 19.23 9.57 -31.83
CA PHE B 279 17.85 9.95 -31.56
C PHE B 279 17.72 11.44 -31.35
N TYR B 280 16.69 12.03 -31.97
CA TYR B 280 16.42 13.47 -31.92
C TYR B 280 17.60 14.29 -32.44
N ASP B 281 18.40 13.70 -33.33
CA ASP B 281 19.55 14.35 -33.93
C ASP B 281 20.53 14.88 -32.89
N GLN B 282 20.62 14.17 -31.75
CA GLN B 282 21.51 14.52 -30.65
C GLN B 282 21.19 15.88 -30.05
N GLN B 283 19.93 16.31 -30.14
CA GLN B 283 19.52 17.62 -29.65
C GLN B 283 18.87 17.58 -28.27
N ALA B 284 18.60 16.39 -27.74
CA ALA B 284 17.96 16.26 -26.45
C ALA B 284 18.97 16.43 -25.33
N CYS B 285 18.46 16.57 -24.10
CA CYS B 285 19.32 16.64 -22.94
C CYS B 285 19.81 15.27 -22.50
N PHE B 286 19.15 14.21 -22.93
CA PHE B 286 19.56 12.85 -22.63
C PHE B 286 20.40 12.25 -23.75
N SER B 287 20.75 13.03 -24.75
CA SER B 287 21.54 12.53 -25.86
C SER B 287 23.00 12.39 -25.47
N THR B 288 23.62 11.30 -25.91
CA THR B 288 25.00 11.01 -25.58
C THR B 288 25.93 11.92 -26.38
N GLN B 289 26.84 12.60 -25.68
CA GLN B 289 27.84 13.44 -26.33
C GLN B 289 29.23 12.88 -26.23
N ASP B 290 29.62 12.33 -25.08
CA ASP B 290 30.93 11.75 -24.87
C ASP B 290 30.78 10.30 -24.44
N ILE B 291 31.59 9.43 -25.02
CA ILE B 291 31.63 8.02 -24.67
C ILE B 291 32.94 7.74 -23.94
N TYR B 292 32.86 6.97 -22.88
CA TYR B 292 34.04 6.61 -22.07
C TYR B 292 34.17 5.10 -22.13
N TYR B 293 35.13 4.62 -22.92
CA TYR B 293 35.32 3.19 -23.09
C TYR B 293 36.35 2.67 -22.10
N ILE B 294 35.97 1.64 -21.36
CA ILE B 294 36.88 0.85 -20.54
C ILE B 294 37.11 -0.46 -21.28
N GLY B 295 38.30 -1.02 -21.14
CA GLY B 295 38.50 -2.33 -21.72
C GLY B 295 39.75 -2.35 -22.58
N ASP B 296 39.80 -3.31 -23.50
CA ASP B 296 41.00 -3.59 -24.25
C ASP B 296 40.83 -3.61 -25.76
N ASN B 297 39.63 -3.37 -26.27
CA ASN B 297 39.33 -3.43 -27.71
C ASN B 297 38.54 -2.21 -28.14
N ILE B 298 39.08 -1.01 -27.84
CA ILE B 298 38.39 0.23 -28.16
C ILE B 298 38.19 0.36 -29.66
N ASP B 299 39.07 -0.24 -30.46
CA ASP B 299 38.97 -0.12 -31.92
C ASP B 299 37.92 -1.06 -32.49
N ALA B 300 37.75 -2.24 -31.88
CA ALA B 300 36.65 -3.11 -32.27
C ALA B 300 35.31 -2.45 -32.00
N PHE B 301 35.17 -1.84 -30.81
CA PHE B 301 33.95 -1.09 -30.51
C PHE B 301 33.80 0.11 -31.45
N PHE B 302 34.90 0.76 -31.79
CA PHE B 302 34.86 1.85 -32.75
C PHE B 302 34.27 1.40 -34.08
N ASP B 303 34.76 0.26 -34.60
CA ASP B 303 34.27 -0.24 -35.87
C ASP B 303 32.79 -0.63 -35.79
N GLU B 304 32.41 -1.31 -34.71
CA GLU B 304 31.02 -1.72 -34.58
C GLU B 304 30.10 -0.51 -34.43
N LEU B 305 30.55 0.51 -33.72
CA LEU B 305 29.76 1.74 -33.60
C LEU B 305 29.66 2.46 -34.93
N VAL B 306 30.72 2.41 -35.73
CA VAL B 306 30.65 2.99 -37.07
C VAL B 306 29.59 2.26 -37.90
N GLU B 307 29.56 0.93 -37.80
CA GLU B 307 28.54 0.17 -38.52
C GLU B 307 27.14 0.54 -38.06
N GLN B 308 26.93 0.65 -36.75
CA GLN B 308 25.60 0.98 -36.26
C GLN B 308 25.19 2.41 -36.61
N LEU B 309 26.15 3.33 -36.64
CA LEU B 309 25.86 4.69 -37.07
C LEU B 309 25.52 4.72 -38.56
N ASN B 310 26.17 3.88 -39.36
CA ASN B 310 25.79 3.77 -40.76
C ASN B 310 24.39 3.19 -40.92
N LEU B 311 23.99 2.28 -40.03
CA LEU B 311 22.63 1.76 -40.06
C LEU B 311 21.63 2.87 -39.74
N TYR B 312 21.89 3.63 -38.67
CA TYR B 312 21.03 4.75 -38.33
C TYR B 312 21.04 5.85 -39.38
N MET B 313 22.09 5.91 -40.20
CA MET B 313 22.09 6.82 -41.34
C MET B 313 20.92 6.55 -42.28
N ASP B 314 20.45 5.30 -42.32
CA ASP B 314 19.38 4.89 -43.21
C ASP B 314 18.04 4.73 -42.52
N ILE B 315 18.01 4.12 -41.34
CA ILE B 315 16.72 3.87 -40.69
C ILE B 315 16.19 5.09 -39.95
N LEU B 316 17.01 6.11 -39.74
CA LEU B 316 16.56 7.33 -39.06
C LEU B 316 17.49 8.47 -39.46
N PRO B 317 17.29 9.03 -40.66
CA PRO B 317 18.24 10.01 -41.18
C PRO B 317 18.21 11.35 -40.46
N LYS B 318 19.13 12.23 -40.83
CA LYS B 318 19.31 13.51 -40.16
C LYS B 318 18.24 14.51 -40.60
N GLY B 319 18.36 15.73 -40.06
CA GLY B 319 17.51 16.83 -40.44
C GLY B 319 17.94 17.48 -41.73
N ASP B 320 17.87 18.81 -41.82
CA ASP B 320 18.22 19.51 -43.04
C ASP B 320 19.54 20.26 -43.00
N GLN B 321 20.07 20.54 -41.81
CA GLN B 321 21.47 20.95 -41.70
C GLN B 321 21.82 22.20 -42.49
N THR B 322 21.32 23.35 -42.06
CA THR B 322 21.61 24.64 -42.70
C THR B 322 23.10 24.87 -42.94
N PHE B 323 23.41 25.76 -43.89
CA PHE B 323 24.78 26.05 -44.32
C PHE B 323 25.79 26.13 -43.18
N ASP B 324 25.48 26.95 -42.17
CA ASP B 324 26.43 27.12 -41.07
C ASP B 324 26.68 25.81 -40.32
N GLU B 325 25.65 24.97 -40.20
CA GLU B 325 25.85 23.68 -39.53
C GLU B 325 26.75 22.78 -40.34
N LYS B 326 26.62 22.80 -41.67
CA LYS B 326 27.52 22.04 -42.53
C LYS B 326 28.95 22.52 -42.37
N ALA B 327 29.14 23.84 -42.39
CA ALA B 327 30.49 24.40 -42.24
C ALA B 327 31.07 24.06 -40.89
N SER B 328 30.26 24.12 -39.84
CA SER B 328 30.71 23.71 -38.52
C SER B 328 31.17 22.25 -38.51
N PHE B 329 30.35 21.37 -39.10
CA PHE B 329 30.72 19.97 -39.17
C PHE B 329 32.08 19.80 -39.84
N SER B 330 32.27 20.43 -40.99
CA SER B 330 33.51 20.27 -41.74
C SER B 330 34.70 20.83 -40.96
N LEU B 331 34.55 22.03 -40.40
CA LEU B 331 35.66 22.66 -39.71
C LEU B 331 36.03 21.88 -38.44
N ILE B 332 35.04 21.29 -37.78
CA ILE B 332 35.33 20.52 -36.58
C ILE B 332 35.98 19.19 -36.94
N GLU B 333 35.57 18.58 -38.05
CA GLU B 333 36.26 17.40 -38.55
C GLU B 333 37.72 17.71 -38.86
N LYS B 334 37.97 18.89 -39.45
CA LYS B 334 39.35 19.31 -39.70
C LYS B 334 40.11 19.50 -38.41
N GLU B 335 39.48 20.16 -37.43
CA GLU B 335 40.11 20.33 -36.12
C GLU B 335 40.51 19.01 -35.50
N CYS B 336 39.64 18.00 -35.60
CA CYS B 336 39.94 16.73 -34.96
C CYS B 336 40.95 15.92 -35.75
N GLN B 337 40.98 16.08 -37.07
CA GLN B 337 42.01 15.43 -37.87
C GLN B 337 43.38 16.05 -37.63
N PHE B 338 43.43 17.35 -37.33
CA PHE B 338 44.69 18.02 -37.06
C PHE B 338 45.32 17.61 -35.74
N ALA B 339 44.67 16.74 -34.96
CA ALA B 339 45.19 16.33 -33.66
C ALA B 339 45.28 14.81 -33.53
N LYS B 340 45.35 14.10 -34.66
CA LYS B 340 45.46 12.65 -34.70
C LYS B 340 44.39 11.98 -33.85
N TYR B 341 43.16 12.46 -33.98
CA TYR B 341 42.09 11.98 -33.11
C TYR B 341 41.33 10.79 -33.68
N LYS B 342 41.84 10.16 -34.73
CA LYS B 342 41.17 9.02 -35.37
C LYS B 342 39.73 9.36 -35.72
N VAL B 343 39.59 10.31 -36.65
CA VAL B 343 38.29 10.80 -37.06
C VAL B 343 37.67 9.85 -38.06
N GLU B 344 36.37 9.60 -37.93
CA GLU B 344 35.60 8.88 -38.93
C GLU B 344 34.26 9.56 -39.07
N LYS B 345 33.72 9.58 -40.29
CA LYS B 345 32.44 10.24 -40.52
C LYS B 345 31.64 9.45 -41.54
N GLY B 346 30.34 9.77 -41.61
CA GLY B 346 29.44 9.14 -42.54
C GLY B 346 29.21 10.00 -43.77
N ASP B 347 28.57 9.40 -44.77
CA ASP B 347 28.29 10.10 -46.01
C ASP B 347 27.30 11.22 -45.80
N ASN B 348 27.44 12.29 -46.59
CA ASN B 348 26.67 13.51 -46.43
C ASN B 348 26.77 14.06 -45.02
N GLN B 349 27.95 13.93 -44.41
CA GLN B 349 28.20 14.28 -43.03
C GLN B 349 27.03 13.90 -42.14
N SER B 350 26.76 12.59 -42.10
CA SER B 350 25.64 12.10 -41.32
C SER B 350 26.00 11.95 -39.85
N TRP B 351 27.24 11.56 -39.56
CA TRP B 351 27.67 11.39 -38.18
C TRP B 351 29.17 11.64 -38.11
N LEU B 352 29.69 11.63 -36.88
CA LEU B 352 31.10 11.87 -36.65
C LEU B 352 31.54 11.15 -35.38
N LEU B 353 32.53 10.29 -35.51
CA LEU B 353 33.14 9.59 -34.39
C LEU B 353 34.59 10.06 -34.26
N VAL B 354 34.97 10.48 -33.06
CA VAL B 354 36.29 11.03 -32.80
C VAL B 354 36.85 10.33 -31.56
N LYS B 355 37.99 9.67 -31.71
CA LYS B 355 38.65 8.98 -30.61
C LYS B 355 39.80 9.85 -30.11
N SER B 356 39.47 10.78 -29.23
CA SER B 356 40.48 11.64 -28.62
C SER B 356 40.88 11.11 -27.26
N PRO B 357 42.08 11.42 -26.79
CA PRO B 357 42.47 11.02 -25.44
C PRO B 357 41.65 11.75 -24.39
N LEU B 358 41.62 11.16 -23.20
CA LEU B 358 40.82 11.73 -22.11
C LEU B 358 41.28 13.12 -21.74
N GLY B 359 40.31 14.02 -21.55
CA GLY B 359 40.60 15.39 -21.18
C GLY B 359 41.07 16.26 -22.32
N SER B 360 40.99 15.78 -23.55
CA SER B 360 41.55 16.53 -24.66
C SER B 360 40.60 17.62 -25.15
N PHE B 361 41.19 18.60 -25.83
CA PHE B 361 40.44 19.58 -26.59
C PHE B 361 39.59 18.89 -27.66
N GLY B 362 38.29 19.12 -27.61
CA GLY B 362 37.40 18.72 -28.68
C GLY B 362 36.18 19.62 -28.80
N ASN B 363 35.98 20.19 -29.98
CA ASN B 363 34.82 21.04 -30.22
C ASN B 363 33.61 20.16 -30.50
N GLN B 364 32.49 20.45 -29.85
CA GLN B 364 31.32 19.58 -29.92
C GLN B 364 30.17 20.28 -30.64
N PRO B 365 29.93 19.97 -31.91
CA PRO B 365 28.61 20.25 -32.49
C PRO B 365 27.68 19.10 -32.17
N LEU B 366 26.40 19.44 -32.03
CA LEU B 366 25.41 18.44 -31.65
C LEU B 366 24.72 17.87 -32.86
N ALA B 367 25.44 17.70 -33.97
CA ALA B 367 24.81 17.22 -35.19
C ALA B 367 24.56 15.71 -35.08
N ARG B 368 25.64 14.92 -35.13
CA ARG B 368 25.61 13.57 -34.57
C ARG B 368 26.97 13.20 -34.01
N SER B 369 27.76 14.20 -33.61
CA SER B 369 29.13 13.98 -33.23
C SER B 369 29.23 13.29 -31.87
N ALA B 370 30.25 12.45 -31.73
CA ALA B 370 30.51 11.79 -30.46
C ALA B 370 32.00 11.63 -30.30
N TYR B 371 32.50 11.94 -29.10
CA TYR B 371 33.90 11.76 -28.74
C TYR B 371 34.00 10.55 -27.83
N ILE B 372 34.84 9.59 -28.20
CA ILE B 372 35.05 8.39 -27.43
C ILE B 372 36.44 8.44 -26.81
N HIS B 373 36.54 8.11 -25.52
CA HIS B 373 37.80 8.19 -24.79
C HIS B 373 38.08 6.86 -24.10
N HIS B 374 39.35 6.50 -24.03
CA HIS B 374 39.80 5.36 -23.24
C HIS B 374 40.17 5.86 -21.85
N VAL B 375 39.57 5.26 -20.82
CA VAL B 375 39.70 5.75 -19.46
C VAL B 375 40.41 4.74 -18.55
N SER B 376 40.14 3.46 -18.74
CA SER B 376 40.73 2.31 -18.05
C SER B 376 40.17 2.07 -16.66
N ASP B 377 39.36 2.96 -16.09
CA ASP B 377 38.76 2.74 -14.79
C ASP B 377 37.73 3.85 -14.58
N ILE B 378 36.73 3.57 -13.74
CA ILE B 378 35.64 4.52 -13.51
C ILE B 378 36.15 5.77 -12.81
N SER B 379 37.21 5.65 -12.01
CA SER B 379 37.72 6.80 -11.25
C SER B 379 38.18 7.94 -12.16
N GLU B 380 38.46 7.65 -13.42
CA GLU B 380 38.86 8.70 -14.36
C GLU B 380 37.68 9.35 -15.06
N ILE B 381 36.48 8.78 -14.94
CA ILE B 381 35.30 9.38 -15.53
C ILE B 381 34.63 10.37 -14.58
N THR B 382 34.71 10.10 -13.27
CA THR B 382 33.99 10.94 -12.31
C THR B 382 34.43 12.40 -12.27
N PRO B 383 35.67 12.78 -12.57
CA PRO B 383 35.98 14.21 -12.64
C PRO B 383 35.25 14.94 -13.76
N TYR B 384 34.63 14.22 -14.68
CA TYR B 384 33.90 14.83 -15.80
C TYR B 384 32.39 14.74 -15.62
N ILE B 385 31.93 14.59 -14.39
CA ILE B 385 30.52 14.50 -14.07
C ILE B 385 30.22 15.62 -13.09
N GLU B 386 29.42 16.58 -13.53
CA GLU B 386 29.10 17.74 -12.69
C GLU B 386 27.74 17.56 -12.03
N ASN B 387 27.43 18.49 -11.12
CA ASN B 387 26.28 18.32 -10.26
C ASN B 387 24.96 18.49 -11.02
N ARG B 388 24.75 19.66 -11.61
CA ARG B 388 23.50 19.97 -12.27
C ARG B 388 23.63 20.00 -13.79
N ILE B 389 24.67 19.39 -14.34
CA ILE B 389 24.93 19.39 -15.77
C ILE B 389 24.80 18.00 -16.37
N THR B 390 25.36 16.99 -15.71
CA THR B 390 25.28 15.63 -16.20
C THR B 390 23.92 15.05 -15.82
N GLN B 391 23.13 14.68 -16.82
CA GLN B 391 21.78 14.17 -16.59
C GLN B 391 21.69 12.66 -16.73
N THR B 392 22.18 12.12 -17.84
CA THR B 392 22.12 10.68 -18.11
C THR B 392 23.53 10.15 -18.24
N VAL B 393 23.80 9.05 -17.55
CA VAL B 393 25.15 8.50 -17.43
C VAL B 393 25.09 7.07 -17.97
N THR B 394 24.46 6.91 -19.13
CA THR B 394 24.28 5.64 -19.81
C THR B 394 25.44 4.67 -19.60
N VAL B 395 25.13 3.45 -19.17
CA VAL B 395 26.11 2.39 -18.94
C VAL B 395 25.72 1.21 -19.82
N THR B 396 26.67 0.73 -20.61
CA THR B 396 26.24 -0.12 -21.72
C THR B 396 25.97 -1.57 -21.31
N PRO B 397 26.89 -2.29 -20.68
CA PRO B 397 26.47 -3.56 -20.08
C PRO B 397 25.76 -3.27 -18.77
N TRP B 398 24.43 -3.43 -18.76
CA TRP B 398 23.64 -2.89 -17.66
C TRP B 398 24.06 -3.45 -16.30
N GLU B 399 24.59 -4.67 -16.26
CA GLU B 399 25.07 -5.23 -15.01
C GLU B 399 26.14 -4.33 -14.39
N SER B 400 27.01 -3.76 -15.22
CA SER B 400 28.07 -2.91 -14.72
C SER B 400 27.53 -1.64 -14.08
N SER B 401 26.26 -1.32 -14.29
CA SER B 401 25.68 -0.16 -13.63
C SER B 401 25.49 -0.39 -12.14
N PHE B 402 25.49 -1.64 -11.69
CA PHE B 402 25.30 -1.89 -10.27
C PHE B 402 26.54 -1.58 -9.45
N LYS B 403 27.71 -1.59 -10.05
CA LYS B 403 28.94 -1.25 -9.35
C LYS B 403 29.41 0.16 -9.61
N TYR B 404 28.67 0.94 -10.40
CA TYR B 404 29.02 2.33 -10.65
C TYR B 404 27.96 3.32 -10.20
N ARG B 405 26.72 2.89 -9.97
CA ARG B 405 25.64 3.84 -9.73
C ARG B 405 25.89 4.66 -8.48
N ASP B 406 26.57 4.10 -7.48
CA ASP B 406 26.78 4.82 -6.24
C ASP B 406 27.72 6.01 -6.42
N VAL B 407 28.84 5.80 -7.11
CA VAL B 407 29.78 6.91 -7.29
C VAL B 407 29.26 7.90 -8.33
N LEU B 408 28.49 7.43 -9.31
CA LEU B 408 27.89 8.34 -10.26
C LEU B 408 26.85 9.22 -9.58
N ALA B 409 26.04 8.64 -8.70
CA ALA B 409 25.10 9.42 -7.92
C ALA B 409 25.82 10.41 -7.01
N SER B 410 26.90 9.95 -6.36
CA SER B 410 27.69 10.84 -5.52
C SER B 410 28.25 12.02 -6.30
N HIS B 411 28.50 11.84 -7.59
CA HIS B 411 29.07 12.92 -8.39
C HIS B 411 28.04 13.65 -9.23
N GLY B 412 26.76 13.30 -9.12
CA GLY B 412 25.73 14.07 -9.79
C GLY B 412 25.22 13.48 -11.09
N ALA B 413 24.90 12.19 -11.08
CA ALA B 413 24.49 11.53 -12.31
C ALA B 413 23.08 11.91 -12.73
N GLU B 414 22.11 11.71 -11.84
CA GLU B 414 20.67 11.92 -11.97
C GLU B 414 19.97 10.85 -12.80
N ARG B 415 20.69 9.97 -13.49
CA ARG B 415 20.08 8.91 -14.29
C ARG B 415 21.17 7.92 -14.68
N ILE B 416 20.82 6.64 -14.66
CA ILE B 416 21.68 5.57 -15.15
C ILE B 416 20.81 4.61 -15.94
N VAL B 417 21.07 4.49 -17.24
CA VAL B 417 20.23 3.71 -18.13
C VAL B 417 21.11 2.73 -18.91
N GLU B 418 20.49 2.02 -19.86
CA GLU B 418 21.07 0.82 -20.47
C GLU B 418 21.60 1.06 -21.89
N SER B 419 21.67 2.30 -22.34
CA SER B 419 22.18 2.75 -23.63
C SER B 419 21.22 2.54 -24.79
N GLY B 420 20.12 1.83 -24.62
CA GLY B 420 19.17 1.76 -25.70
C GLY B 420 17.91 2.44 -25.23
N MET B 421 18.04 3.16 -24.12
CA MET B 421 16.90 3.60 -23.34
C MET B 421 17.06 5.04 -22.88
N ASN B 422 17.94 5.81 -23.50
CA ASN B 422 18.19 7.16 -22.99
C ASN B 422 17.01 8.08 -23.24
N ASN B 423 16.20 7.79 -24.26
CA ASN B 423 15.05 8.64 -24.55
C ASN B 423 13.83 8.27 -23.74
N ILE B 424 13.80 7.08 -23.15
CA ILE B 424 12.67 6.62 -22.38
C ILE B 424 12.93 6.95 -20.92
N PHE B 425 12.19 7.94 -20.41
CA PHE B 425 12.21 8.23 -18.99
C PHE B 425 11.27 7.23 -18.34
N ARG B 426 11.83 6.09 -17.94
CA ARG B 426 11.02 4.99 -17.47
C ARG B 426 10.18 5.40 -16.27
N VAL B 427 9.01 4.77 -16.15
CA VAL B 427 8.10 5.07 -15.06
C VAL B 427 8.79 4.76 -13.74
N GLY B 428 8.40 5.49 -12.70
CA GLY B 428 8.93 5.25 -11.37
C GLY B 428 10.22 5.97 -11.05
N GLY B 429 10.84 6.61 -12.03
CA GLY B 429 12.10 7.29 -11.84
C GLY B 429 11.91 8.75 -11.57
N ALA B 430 12.82 9.56 -12.11
CA ALA B 430 12.79 11.00 -11.88
C ALA B 430 13.30 11.71 -13.11
N HIS B 431 13.04 13.01 -13.17
CA HIS B 431 13.47 13.86 -14.26
C HIS B 431 14.32 14.98 -13.67
N ASP B 432 15.62 14.96 -13.99
CA ASP B 432 16.57 15.96 -13.50
C ASP B 432 16.65 15.94 -11.98
N GLY B 433 16.66 14.74 -11.40
CA GLY B 433 16.71 14.61 -9.95
C GLY B 433 15.48 15.15 -9.26
N MET B 434 14.35 15.13 -9.95
CA MET B 434 13.15 15.81 -9.47
C MET B 434 11.93 15.03 -9.94
N ARG B 435 11.04 14.73 -9.03
CA ARG B 435 9.78 14.10 -9.42
C ARG B 435 8.79 15.21 -9.72
N PRO B 436 8.50 15.47 -10.99
CA PRO B 436 7.94 16.79 -11.36
C PRO B 436 6.57 17.06 -10.78
N LEU B 437 5.65 16.11 -10.80
CA LEU B 437 4.31 16.44 -10.34
C LEU B 437 4.18 16.40 -8.82
N GLN B 438 5.28 16.28 -8.09
CA GLN B 438 5.27 16.65 -6.69
C GLN B 438 5.23 18.16 -6.52
N ARG B 439 5.72 18.89 -7.53
CA ARG B 439 5.73 20.34 -7.51
C ARG B 439 4.58 20.96 -8.28
N LEU B 440 3.81 20.16 -9.00
CA LEU B 440 2.59 20.61 -9.65
C LEU B 440 1.38 20.43 -8.75
N VAL B 441 1.59 20.12 -7.48
CA VAL B 441 0.54 19.73 -6.56
C VAL B 441 0.69 20.48 -5.25
N LYS B 442 -0.43 20.80 -4.64
CA LYS B 442 -0.51 21.40 -3.32
C LYS B 442 -0.96 20.31 -2.36
N TYR B 443 -0.10 19.93 -1.42
CA TYR B 443 -0.45 18.93 -0.42
C TYR B 443 -1.25 19.61 0.68
N ILE B 444 -2.53 19.27 0.80
CA ILE B 444 -3.42 19.88 1.77
C ILE B 444 -3.63 18.88 2.89
N SER B 445 -3.29 19.30 4.11
CA SER B 445 -3.24 18.44 5.27
C SER B 445 -4.37 18.77 6.23
N HIS B 446 -5.12 17.74 6.61
CA HIS B 446 -6.20 17.83 7.57
C HIS B 446 -5.74 17.04 8.80
N GLU B 447 -5.20 17.76 9.78
CA GLU B 447 -4.55 17.13 10.91
C GLU B 447 -5.59 16.71 11.95
N ARG B 448 -5.39 15.53 12.54
CA ARG B 448 -6.41 14.99 13.41
C ARG B 448 -6.22 15.48 14.84
N PRO B 449 -7.26 15.40 15.68
CA PRO B 449 -7.34 16.25 16.86
C PRO B 449 -6.36 15.84 17.95
N TYR B 450 -6.46 16.53 19.09
CA TYR B 450 -5.54 16.33 20.19
C TYR B 450 -5.75 14.97 20.86
N THR B 451 -6.95 14.40 20.76
CA THR B 451 -7.18 13.10 21.35
C THR B 451 -6.41 11.99 20.65
N TYR B 452 -5.93 12.24 19.42
CA TYR B 452 -5.07 11.31 18.71
C TYR B 452 -3.63 11.64 19.04
N SER B 453 -3.00 10.81 19.87
CA SER B 453 -1.66 11.08 20.34
C SER B 453 -0.63 10.76 19.27
N THR B 454 0.59 11.21 19.51
CA THR B 454 1.70 10.88 18.61
C THR B 454 2.25 9.51 18.95
N LYS B 455 3.23 9.06 18.16
CA LYS B 455 3.84 7.75 18.36
C LYS B 455 4.90 7.75 19.44
N ASP B 456 5.21 8.90 20.05
CA ASP B 456 6.29 9.00 21.02
C ASP B 456 5.87 9.37 22.41
N VAL B 457 4.73 10.02 22.59
CA VAL B 457 4.35 10.63 23.85
C VAL B 457 3.29 9.82 24.58
N ALA B 458 2.26 9.38 23.86
CA ALA B 458 1.15 8.61 24.43
C ALA B 458 0.35 9.43 25.43
N VAL B 459 0.33 10.74 25.24
CA VAL B 459 -0.41 11.67 26.09
C VAL B 459 -1.22 12.58 25.18
N LYS B 460 -2.50 12.75 25.49
CA LYS B 460 -3.33 13.65 24.72
C LYS B 460 -2.76 15.06 24.77
N ILE B 461 -2.78 15.74 23.64
CA ILE B 461 -2.02 16.99 23.46
C ILE B 461 -2.92 18.11 23.96
N GLU B 462 -2.88 18.34 25.26
CA GLU B 462 -3.60 19.43 25.91
C GLU B 462 -2.57 20.45 26.35
N GLN B 463 -2.23 21.37 25.46
CA GLN B 463 -1.15 22.30 25.75
C GLN B 463 -1.53 23.32 26.81
N THR B 464 -2.81 23.72 26.87
CA THR B 464 -3.23 24.66 27.90
C THR B 464 -3.21 24.01 29.28
N ARG B 465 -3.73 22.79 29.37
CA ARG B 465 -3.76 22.10 30.65
C ARG B 465 -2.37 21.92 31.23
N TYR B 466 -1.38 21.64 30.38
CA TYR B 466 -0.02 21.43 30.84
C TYR B 466 0.77 22.73 30.96
N LEU B 467 0.31 23.81 30.33
CA LEU B 467 0.90 25.11 30.62
C LEU B 467 0.44 25.62 31.99
N GLU B 468 -0.80 25.29 32.37
CA GLU B 468 -1.26 25.59 33.72
C GLU B 468 -0.45 24.82 34.75
N GLU B 469 -0.41 23.49 34.62
CA GLU B 469 0.27 22.65 35.59
C GLU B 469 1.79 22.73 35.50
N ASP B 470 2.34 23.36 34.46
CA ASP B 470 3.78 23.48 34.26
C ASP B 470 4.41 22.08 34.10
N LYS B 471 3.91 21.35 33.10
CA LYS B 471 4.37 19.99 32.80
C LYS B 471 4.72 19.91 31.33
N PHE B 472 6.00 20.00 31.00
CA PHE B 472 6.37 19.70 29.62
C PHE B 472 7.44 18.63 29.51
N LEU B 473 8.49 18.69 30.33
CA LEU B 473 9.64 17.83 30.12
C LEU B 473 9.43 16.41 30.64
N VAL B 474 8.38 16.17 31.41
CA VAL B 474 8.08 14.82 31.84
C VAL B 474 7.53 13.98 30.69
N PHE B 475 7.00 14.64 29.65
CA PHE B 475 6.46 13.93 28.50
C PHE B 475 7.48 13.78 27.37
N VAL B 476 8.55 14.54 27.39
CA VAL B 476 9.55 14.47 26.32
C VAL B 476 10.24 13.10 26.36
N PRO B 477 10.24 12.34 25.27
CA PRO B 477 10.85 11.01 25.25
C PRO B 477 12.37 11.07 25.20
N ILE C 1 27.27 44.76 24.05
CA ILE C 1 28.61 44.27 24.37
C ILE C 1 28.59 42.76 24.49
N LYS C 2 27.42 42.15 24.28
CA LYS C 2 27.33 40.71 24.18
C LYS C 2 27.66 40.31 22.75
N LYS C 3 28.63 39.42 22.59
CA LYS C 3 29.11 39.01 21.28
C LYS C 3 28.45 37.69 20.88
N ILE C 4 28.01 37.61 19.64
CA ILE C 4 27.46 36.38 19.07
C ILE C 4 28.52 35.74 18.19
N PRO C 5 28.79 34.45 18.32
CA PRO C 5 29.88 33.83 17.56
C PRO C 5 29.46 33.58 16.11
N MET C 6 30.41 33.12 15.33
CA MET C 6 30.18 32.68 13.95
C MET C 6 30.71 31.27 13.81
N ILE C 7 29.83 30.33 13.51
CA ILE C 7 30.19 28.94 13.29
C ILE C 7 30.31 28.71 11.80
N ILE C 8 31.40 28.07 11.37
CA ILE C 8 31.54 27.80 9.95
C ILE C 8 31.68 26.31 9.67
N GLY C 9 32.75 25.69 10.13
CA GLY C 9 32.85 24.29 9.84
C GLY C 9 32.06 23.44 10.81
N GLY C 10 32.56 23.35 12.04
CA GLY C 10 31.86 22.71 13.13
C GLY C 10 32.23 23.39 14.42
N ALA C 11 32.78 24.59 14.33
CA ALA C 11 33.26 25.29 15.50
C ALA C 11 33.25 26.79 15.24
N GLU C 12 33.35 27.55 16.31
CA GLU C 12 33.34 29.00 16.21
C GLU C 12 34.61 29.50 15.53
N ARG C 13 34.45 30.49 14.65
CA ARG C 13 35.59 31.09 13.99
C ARG C 13 36.28 32.07 14.92
N ASP C 14 37.58 32.26 14.70
CA ASP C 14 38.36 33.24 15.45
C ASP C 14 38.01 34.61 14.89
N THR C 15 36.98 35.23 15.47
CA THR C 15 36.51 36.53 15.02
C THR C 15 37.14 37.68 15.78
N SER C 16 38.35 37.51 16.31
CA SER C 16 39.00 38.58 17.06
C SER C 16 39.25 39.79 16.17
N GLU C 17 39.83 39.58 15.00
CA GLU C 17 40.17 40.67 14.08
C GLU C 17 39.01 41.06 13.18
N HIS C 18 37.88 40.38 13.26
CA HIS C 18 36.74 40.70 12.42
C HIS C 18 36.17 42.08 12.77
N GLU C 19 35.29 42.56 11.90
CA GLU C 19 34.53 43.78 12.11
C GLU C 19 33.18 43.40 12.70
N TYR C 20 32.69 44.20 13.64
CA TYR C 20 31.44 43.87 14.33
C TYR C 20 30.38 44.92 14.05
N ARG C 21 29.12 44.51 14.20
CA ARG C 21 27.98 45.40 14.09
C ARG C 21 27.01 45.11 15.22
N GLU C 22 26.41 46.17 15.78
CA GLU C 22 25.35 46.00 16.78
C GLU C 22 23.99 46.03 16.10
N LEU C 23 22.98 45.50 16.81
CA LEU C 23 21.66 45.30 16.24
C LEU C 23 20.54 45.99 17.00
N THR C 24 20.63 46.10 18.32
CA THR C 24 19.59 46.69 19.17
C THR C 24 18.28 45.91 19.02
N LEU C 25 18.30 44.69 19.55
CA LEU C 25 17.13 43.82 19.41
C LEU C 25 15.97 44.29 20.27
N ASN C 26 16.15 44.34 21.59
CA ASN C 26 15.07 44.70 22.49
C ASN C 26 15.51 45.84 23.38
N SER C 27 16.07 46.89 22.77
CA SER C 27 16.73 47.99 23.47
C SER C 27 18.05 47.55 24.11
N TYR C 28 18.65 46.49 23.59
CA TYR C 28 19.89 45.95 24.11
C TYR C 28 20.81 45.64 22.95
N LYS C 29 22.08 46.00 23.10
CA LYS C 29 23.01 45.90 21.99
C LYS C 29 23.65 44.52 21.94
N VAL C 30 23.86 44.03 20.71
CA VAL C 30 24.44 42.71 20.47
C VAL C 30 25.39 42.83 19.29
N SER C 31 26.65 42.45 19.49
CA SER C 31 27.66 42.55 18.45
C SER C 31 27.73 41.23 17.68
N ILE C 32 27.54 41.30 16.37
CA ILE C 32 27.69 40.16 15.48
C ILE C 32 28.85 40.46 14.54
N PRO C 33 29.74 39.51 14.28
CA PRO C 33 30.86 39.77 13.37
C PRO C 33 30.42 39.79 11.92
N ILE C 34 31.07 40.63 11.15
CA ILE C 34 30.81 40.75 9.73
C ILE C 34 31.64 39.72 8.98
N ILE C 35 31.01 39.02 8.04
CA ILE C 35 31.70 38.00 7.26
C ILE C 35 32.68 38.67 6.32
N ASN C 36 33.87 38.10 6.20
CA ASN C 36 34.90 38.60 5.30
C ASN C 36 35.23 37.53 4.26
N GLN C 37 36.24 37.81 3.44
CA GLN C 37 36.54 36.93 2.32
C GLN C 37 37.09 35.59 2.78
N ASP C 38 37.86 35.56 3.88
CA ASP C 38 38.39 34.30 4.38
C ASP C 38 37.28 33.38 4.84
N ASP C 39 36.25 33.94 5.47
CA ASP C 39 35.11 33.12 5.87
C ASP C 39 34.37 32.56 4.66
N VAL C 40 34.26 33.37 3.61
CA VAL C 40 33.62 32.90 2.38
C VAL C 40 34.42 31.74 1.79
N GLU C 41 35.75 31.85 1.81
CA GLU C 41 36.58 30.77 1.29
C GLU C 41 36.46 29.52 2.15
N ALA C 42 36.36 29.69 3.47
CA ALA C 42 36.17 28.55 4.35
C ALA C 42 34.83 27.88 4.09
N ILE C 43 33.81 28.67 3.78
CA ILE C 43 32.50 28.10 3.47
C ILE C 43 32.54 27.34 2.15
N LYS C 44 33.18 27.93 1.14
CA LYS C 44 33.30 27.27 -0.16
C LYS C 44 34.03 25.94 -0.04
N SER C 45 35.08 25.89 0.76
CA SER C 45 35.91 24.69 0.86
C SER C 45 35.30 23.63 1.78
N GLN C 46 34.15 23.89 2.37
CA GLN C 46 33.54 22.95 3.29
C GLN C 46 32.92 21.80 2.52
N SER C 47 33.42 20.59 2.75
CA SER C 47 32.88 19.39 2.12
C SER C 47 32.96 18.28 3.17
N VAL C 48 31.83 17.99 3.79
CA VAL C 48 31.76 16.98 4.84
C VAL C 48 31.29 15.68 4.23
N GLU C 49 32.03 14.60 4.48
CA GLU C 49 31.67 13.29 3.95
C GLU C 49 30.67 12.65 4.91
N ASN C 50 29.42 12.57 4.49
CA ASN C 50 28.31 12.16 5.34
C ASN C 50 27.86 10.77 4.89
N ASN C 51 28.28 9.73 5.62
CA ASN C 51 27.92 8.37 5.30
C ASN C 51 26.99 7.75 6.33
N LEU C 52 26.31 8.56 7.12
CA LEU C 52 25.43 8.03 8.15
C LEU C 52 24.12 7.56 7.54
N ASN C 53 23.48 6.61 8.22
CA ASN C 53 22.14 6.23 7.82
C ASN C 53 21.13 7.04 8.61
N ILE C 54 19.85 6.91 8.22
CA ILE C 54 18.82 7.70 8.88
C ILE C 54 18.71 7.30 10.35
N ASN C 55 19.00 6.04 10.67
CA ASN C 55 19.04 5.60 12.05
C ASN C 55 20.06 6.40 12.85
N GLN C 56 21.28 6.52 12.33
CA GLN C 56 22.33 7.25 13.02
C GLN C 56 22.00 8.73 13.15
N ILE C 57 21.45 9.32 12.10
CA ILE C 57 21.07 10.73 12.14
C ILE C 57 20.02 10.98 13.22
N VAL C 58 18.97 10.16 13.22
CA VAL C 58 17.90 10.33 14.19
C VAL C 58 18.40 10.08 15.61
N ASN C 59 19.32 9.14 15.77
CA ASN C 59 19.85 8.88 17.10
C ASN C 59 20.72 10.04 17.60
N PHE C 60 21.49 10.65 16.70
CA PHE C 60 22.25 11.83 17.11
C PHE C 60 21.33 12.98 17.50
N LEU C 61 20.28 13.20 16.71
CA LEU C 61 19.33 14.25 17.05
C LEU C 61 18.65 13.95 18.38
N TYR C 62 18.37 12.68 18.65
CA TYR C 62 17.78 12.31 19.93
C TYR C 62 18.74 12.59 21.08
N THR C 63 20.02 12.31 20.89
CA THR C 63 21.00 12.62 21.92
C THR C 63 21.05 14.13 22.21
N VAL C 64 21.05 14.93 21.14
CA VAL C 64 21.04 16.38 21.32
C VAL C 64 19.78 16.83 22.04
N GLY C 65 18.64 16.21 21.71
CA GLY C 65 17.40 16.55 22.38
C GLY C 65 17.41 16.19 23.85
N GLN C 66 17.98 15.03 24.19
CA GLN C 66 18.12 14.66 25.59
C GLN C 66 19.03 15.63 26.32
N LYS C 67 20.04 16.16 25.63
CA LYS C 67 20.86 17.21 26.23
C LYS C 67 20.04 18.46 26.49
N TRP C 68 19.18 18.84 25.55
CA TRP C 68 18.32 20.00 25.73
C TRP C 68 17.24 19.77 26.76
N LYS C 69 16.95 18.52 27.09
CA LYS C 69 15.87 18.22 28.03
C LYS C 69 16.24 18.57 29.46
N SER C 70 17.52 18.61 29.78
CA SER C 70 17.96 18.92 31.14
C SER C 70 17.87 20.42 31.37
N GLU C 71 17.16 20.82 32.42
CA GLU C 71 17.05 22.24 32.75
C GLU C 71 18.35 22.84 33.24
N ASN C 72 19.33 22.01 33.60
CA ASN C 72 20.63 22.48 34.04
C ASN C 72 21.62 22.62 32.90
N TYR C 73 21.22 22.31 31.67
CA TYR C 73 22.08 22.47 30.52
C TYR C 73 22.44 23.94 30.34
N SER C 74 23.72 24.26 30.47
CA SER C 74 24.16 25.65 30.45
C SER C 74 23.71 26.37 29.19
N ARG C 75 23.83 25.72 28.04
CA ARG C 75 23.45 26.35 26.78
C ARG C 75 21.96 26.63 26.74
N ARG C 76 21.15 25.73 27.30
CA ARG C 76 19.71 25.96 27.36
C ARG C 76 19.38 27.14 28.27
N LEU C 77 20.04 27.23 29.42
CA LEU C 77 19.81 28.36 30.32
C LEU C 77 20.19 29.68 29.66
N THR C 78 21.34 29.70 28.98
CA THR C 78 21.75 30.91 28.28
C THR C 78 20.77 31.26 27.17
N TYR C 79 20.29 30.26 26.44
CA TYR C 79 19.33 30.51 25.37
C TYR C 79 18.03 31.10 25.92
N ILE C 80 17.56 30.58 27.05
CA ILE C 80 16.34 31.12 27.65
C ILE C 80 16.57 32.55 28.11
N ARG C 81 17.73 32.83 28.71
CA ARG C 81 18.03 34.18 29.14
C ARG C 81 18.07 35.15 27.96
N ASP C 82 18.62 34.70 26.83
CA ASP C 82 18.68 35.58 25.67
C ASP C 82 17.31 35.76 25.04
N LEU C 83 16.48 34.73 25.04
CA LEU C 83 15.11 34.90 24.57
C LEU C 83 14.38 35.93 25.42
N VAL C 84 14.58 35.90 26.73
CA VAL C 84 13.91 36.85 27.60
C VAL C 84 14.45 38.25 27.39
N ARG C 85 15.77 38.39 27.26
CA ARG C 85 16.38 39.71 27.24
C ARG C 85 16.25 40.39 25.89
N PHE C 86 16.63 39.69 24.82
CA PHE C 86 16.76 40.32 23.51
C PHE C 86 15.56 40.11 22.60
N LEU C 87 14.74 39.10 22.86
CA LEU C 87 13.50 38.93 22.11
C LEU C 87 12.28 39.42 22.88
N GLY C 88 12.45 39.78 24.15
CA GLY C 88 11.35 40.27 24.95
C GLY C 88 10.40 39.21 25.44
N TYR C 89 10.71 37.95 25.24
CA TYR C 89 9.82 36.88 25.67
C TYR C 89 9.61 36.91 27.17
N SER C 90 8.49 36.38 27.60
CA SER C 90 8.30 36.14 29.01
C SER C 90 9.03 34.85 29.40
N PRO C 91 9.47 34.73 30.65
CA PRO C 91 10.15 33.49 31.06
C PRO C 91 9.39 32.22 30.71
N GLU C 92 8.07 32.27 30.77
CA GLU C 92 7.26 31.11 30.40
C GLU C 92 7.41 30.79 28.92
N MET C 93 7.31 31.81 28.07
CA MET C 93 7.41 31.57 26.63
C MET C 93 8.81 31.12 26.23
N ALA C 94 9.84 31.66 26.88
CA ALA C 94 11.20 31.23 26.58
C ALA C 94 11.42 29.79 27.00
N LYS C 95 10.97 29.44 28.21
CA LYS C 95 11.05 28.06 28.65
C LYS C 95 10.29 27.14 27.70
N LEU C 96 9.14 27.60 27.21
CA LEU C 96 8.35 26.79 26.29
C LEU C 96 9.08 26.60 24.96
N GLU C 97 9.77 27.64 24.49
CA GLU C 97 10.54 27.50 23.27
C GLU C 97 11.66 26.47 23.44
N ALA C 98 12.40 26.55 24.55
CA ALA C 98 13.45 25.57 24.79
C ALA C 98 12.86 24.16 24.91
N ASN C 99 11.72 24.04 25.57
CA ASN C 99 11.08 22.74 25.71
C ASN C 99 10.63 22.20 24.36
N TRP C 100 10.16 23.06 23.47
CA TRP C 100 9.73 22.58 22.16
C TRP C 100 10.93 22.17 21.32
N ILE C 101 12.05 22.87 21.44
CA ILE C 101 13.29 22.41 20.81
C ILE C 101 13.61 21.00 21.27
N SER C 102 13.65 20.80 22.60
CA SER C 102 13.91 19.48 23.14
C SER C 102 12.92 18.45 22.62
N MET C 103 11.64 18.82 22.56
CA MET C 103 10.60 17.88 22.17
C MET C 103 10.77 17.43 20.73
N ILE C 104 10.95 18.38 19.81
CA ILE C 104 11.07 17.99 18.41
C ILE C 104 12.40 17.34 18.13
N LEU C 105 13.42 17.55 18.96
CA LEU C 105 14.66 16.81 18.75
C LEU C 105 14.57 15.39 19.30
N SER C 106 13.82 15.17 20.37
CA SER C 106 13.77 13.87 21.02
C SER C 106 12.70 12.94 20.46
N SER C 107 11.84 13.41 19.56
CA SER C 107 10.78 12.57 19.00
C SER C 107 11.33 11.85 17.77
N LYS C 108 11.78 10.61 17.97
CA LYS C 108 12.43 9.87 16.90
C LYS C 108 11.44 9.36 15.87
N SER C 109 10.32 8.80 16.34
CA SER C 109 9.29 8.32 15.41
C SER C 109 8.77 9.45 14.54
N ALA C 110 8.71 10.67 15.09
CA ALA C 110 8.27 11.80 14.31
C ALA C 110 9.20 12.06 13.13
N LEU C 111 10.51 11.97 13.36
CA LEU C 111 11.47 12.21 12.28
C LEU C 111 11.45 11.08 11.26
N TYR C 112 11.45 9.83 11.74
CA TYR C 112 11.32 8.69 10.85
C TYR C 112 10.09 8.82 9.97
N ASP C 113 8.96 9.22 10.56
CA ASP C 113 7.72 9.30 9.81
C ASP C 113 7.68 10.52 8.91
N ILE C 114 8.37 11.60 9.26
CA ILE C 114 8.56 12.70 8.32
C ILE C 114 9.22 12.20 7.06
N VAL C 115 10.35 11.51 7.22
CA VAL C 115 11.07 10.98 6.06
C VAL C 115 10.18 10.03 5.27
N GLU C 116 9.48 9.14 5.98
CA GLU C 116 8.66 8.14 5.31
C GLU C 116 7.51 8.78 4.52
N THR C 117 6.79 9.71 5.15
CA THR C 117 5.62 10.28 4.48
C THR C 117 6.01 11.20 3.34
N GLU C 118 7.13 11.91 3.48
CA GLU C 118 7.47 12.86 2.42
C GLU C 118 8.20 12.20 1.27
N LEU C 119 9.13 11.27 1.54
CA LEU C 119 9.91 10.66 0.48
C LEU C 119 9.39 9.28 0.08
N GLY C 120 8.49 8.69 0.85
CA GLY C 120 7.93 7.38 0.54
C GLY C 120 8.47 6.27 1.42
N SER C 121 9.73 6.39 1.85
CA SER C 121 10.33 5.40 2.73
C SER C 121 11.47 6.08 3.46
N ARG C 122 11.69 5.67 4.71
CA ARG C 122 12.82 6.19 5.46
C ARG C 122 14.14 5.61 4.98
N HIS C 123 14.11 4.59 4.12
CA HIS C 123 15.31 3.96 3.60
C HIS C 123 15.72 4.52 2.24
N ILE C 124 14.87 5.31 1.59
CA ILE C 124 15.19 5.84 0.28
C ILE C 124 16.37 6.78 0.29
N VAL C 125 16.75 7.29 1.46
CA VAL C 125 17.93 8.13 1.57
C VAL C 125 19.22 7.34 1.72
N ASP C 126 19.14 6.01 1.85
CA ASP C 126 20.34 5.19 1.94
C ASP C 126 20.36 3.99 1.02
N GLU C 127 19.26 3.63 0.38
CA GLU C 127 19.21 2.43 -0.40
C GLU C 127 18.51 2.72 -1.71
N TRP C 128 18.80 1.89 -2.70
CA TRP C 128 18.13 1.99 -3.98
C TRP C 128 16.86 1.17 -3.91
N LEU C 129 15.73 1.83 -4.00
CA LEU C 129 14.47 1.16 -3.81
C LEU C 129 13.78 0.91 -5.14
N PRO C 130 13.25 -0.28 -5.35
CA PRO C 130 12.55 -0.56 -6.61
C PRO C 130 11.16 0.04 -6.61
N GLN C 131 11.05 1.32 -6.96
CA GLN C 131 9.75 1.98 -6.96
C GLN C 131 8.85 1.40 -8.05
N GLY C 132 9.28 1.53 -9.29
CA GLY C 132 8.64 0.83 -10.39
C GLY C 132 9.47 1.05 -11.63
N ASP C 133 9.83 -0.03 -12.33
CA ASP C 133 10.68 0.06 -13.53
C ASP C 133 12.00 0.78 -13.27
N CYS C 134 12.36 0.99 -12.01
CA CYS C 134 13.52 1.81 -11.67
C CYS C 134 14.00 1.43 -10.28
N TYR C 135 15.20 1.89 -9.94
CA TYR C 135 15.71 1.91 -8.58
C TYR C 135 15.99 3.36 -8.23
N VAL C 136 15.36 3.86 -7.18
CA VAL C 136 15.45 5.27 -6.85
C VAL C 136 16.21 5.43 -5.54
N LYS C 137 17.08 6.43 -5.49
CA LYS C 137 17.76 6.81 -4.27
C LYS C 137 17.62 8.31 -4.08
N ALA C 138 17.38 8.74 -2.84
CA ALA C 138 17.26 10.15 -2.52
C ALA C 138 18.61 10.65 -2.03
N MET C 139 19.30 11.41 -2.85
CA MET C 139 20.59 11.97 -2.49
C MET C 139 20.41 13.39 -1.98
N PRO C 140 21.34 13.90 -1.19
CA PRO C 140 21.24 15.30 -0.78
C PRO C 140 21.54 16.25 -1.93
N LYS C 141 21.11 17.49 -1.77
CA LYS C 141 21.52 18.54 -2.69
C LYS C 141 22.87 19.13 -2.29
N GLY C 142 23.09 19.26 -0.99
CA GLY C 142 24.37 19.74 -0.47
C GLY C 142 24.39 21.24 -0.29
N LYS C 143 25.04 21.68 0.79
CA LYS C 143 25.26 23.09 1.07
C LYS C 143 23.97 23.90 1.01
N SER C 144 22.89 23.31 1.50
CA SER C 144 21.61 24.00 1.65
C SER C 144 21.79 25.32 2.39
N VAL C 145 21.20 26.38 1.88
CA VAL C 145 21.25 27.70 2.49
C VAL C 145 19.88 28.04 3.06
N HIS C 146 19.83 28.40 4.33
CA HIS C 146 18.59 28.70 5.04
C HIS C 146 18.58 30.15 5.47
N LEU C 147 17.66 30.94 4.92
CA LEU C 147 17.49 32.33 5.31
C LEU C 147 16.28 32.41 6.24
N LEU C 148 16.50 32.75 7.50
CA LEU C 148 15.47 32.66 8.52
C LEU C 148 14.73 33.98 8.69
N ALA C 149 13.53 33.88 9.26
CA ALA C 149 12.59 35.00 9.31
C ALA C 149 12.71 35.82 10.60
N GLY C 150 12.50 35.19 11.75
CA GLY C 150 12.66 35.88 13.01
C GLY C 150 11.55 35.72 14.03
N ASN C 151 10.33 35.44 13.58
CA ASN C 151 9.20 35.38 14.51
C ASN C 151 9.26 34.12 15.36
N VAL C 152 9.29 32.96 14.73
CA VAL C 152 9.19 31.67 15.40
C VAL C 152 10.56 30.99 15.30
N PRO C 153 11.26 30.78 16.43
CA PRO C 153 12.51 30.01 16.37
C PRO C 153 12.31 28.59 15.90
N LEU C 154 11.20 27.96 16.25
CA LEU C 154 10.95 26.58 15.84
C LEU C 154 10.90 26.43 14.32
N SER C 155 10.54 27.49 13.60
CA SER C 155 10.58 27.42 12.14
C SER C 155 11.99 27.15 11.65
N GLY C 156 12.95 27.95 12.13
CA GLY C 156 14.34 27.72 11.75
C GLY C 156 14.86 26.40 12.24
N VAL C 157 14.46 25.99 13.46
CA VAL C 157 14.90 24.70 13.98
C VAL C 157 14.41 23.57 13.09
N THR C 158 13.13 23.61 12.70
CA THR C 158 12.58 22.55 11.87
C THR C 158 13.20 22.57 10.47
N SER C 159 13.48 23.75 9.95
CA SER C 159 14.17 23.86 8.66
C SER C 159 15.53 23.16 8.71
N ILE C 160 16.31 23.48 9.75
CA ILE C 160 17.62 22.86 9.88
C ILE C 160 17.50 21.35 10.05
N ILE C 161 16.50 20.91 10.82
CA ILE C 161 16.33 19.48 11.03
C ILE C 161 15.95 18.77 9.74
N ARG C 162 15.07 19.39 8.94
CA ARG C 162 14.71 18.83 7.65
C ARG C 162 15.93 18.70 6.75
N ALA C 163 16.78 19.74 6.73
CA ALA C 163 17.99 19.66 5.93
C ALA C 163 18.93 18.58 6.44
N ILE C 164 18.98 18.37 7.75
CA ILE C 164 19.86 17.36 8.32
C ILE C 164 19.38 15.96 7.95
N LEU C 165 18.07 15.72 8.07
CA LEU C 165 17.53 14.40 7.77
C LEU C 165 17.79 13.98 6.34
N THR C 166 18.02 14.92 5.43
CA THR C 166 18.33 14.62 4.05
C THR C 166 19.83 14.67 3.77
N LYS C 167 20.65 14.76 4.81
CA LYS C 167 22.10 14.73 4.70
C LYS C 167 22.63 15.96 3.95
N ASN C 168 21.98 17.09 4.14
CA ASN C 168 22.41 18.33 3.54
C ASN C 168 23.33 19.09 4.49
N GLU C 169 24.27 19.84 3.91
CA GLU C 169 25.06 20.77 4.70
C GLU C 169 24.32 22.08 4.84
N CYS C 170 24.33 22.66 6.02
CA CYS C 170 23.50 23.80 6.34
C CYS C 170 24.36 25.06 6.46
N ILE C 171 24.01 26.08 5.69
CA ILE C 171 24.53 27.43 5.83
C ILE C 171 23.36 28.28 6.26
N ILE C 172 23.28 28.59 7.56
CA ILE C 172 22.14 29.27 8.14
C ILE C 172 22.48 30.74 8.30
N LYS C 173 21.74 31.59 7.61
CA LYS C 173 21.77 33.03 7.83
C LYS C 173 20.68 33.36 8.84
N THR C 174 21.07 33.78 10.03
CA THR C 174 20.08 34.06 11.05
C THR C 174 19.36 35.36 10.74
N SER C 175 18.17 35.49 11.32
CA SER C 175 17.39 36.69 11.13
C SER C 175 17.96 37.83 11.96
N SER C 176 17.59 39.05 11.60
CA SER C 176 18.01 40.22 12.36
C SER C 176 17.26 40.35 13.67
N ALA C 177 16.33 39.45 13.96
CA ALA C 177 15.57 39.48 15.20
C ALA C 177 15.87 38.31 16.13
N ASP C 178 16.24 37.15 15.59
CA ASP C 178 16.56 35.97 16.38
C ASP C 178 17.89 35.41 15.91
N PRO C 179 19.00 36.01 16.34
CA PRO C 179 20.31 35.47 15.99
C PRO C 179 20.82 34.45 16.98
N PHE C 180 19.95 33.94 17.85
CA PHE C 180 20.37 33.06 18.93
C PHE C 180 19.99 31.60 18.73
N THR C 181 18.88 31.31 18.06
CA THR C 181 18.38 29.94 18.02
C THR C 181 19.29 29.04 17.21
N ALA C 182 19.68 29.48 16.01
CA ALA C 182 20.54 28.66 15.18
C ALA C 182 21.91 28.47 15.83
N ILE C 183 22.45 29.52 16.42
CA ILE C 183 23.73 29.42 17.12
C ILE C 183 23.62 28.43 18.28
N ALA C 184 22.52 28.50 19.03
CA ALA C 184 22.35 27.58 20.15
C ALA C 184 22.24 26.13 19.67
N LEU C 185 21.48 25.90 18.60
CA LEU C 185 21.32 24.55 18.09
C LEU C 185 22.64 23.99 17.57
N ALA C 186 23.38 24.79 16.80
CA ALA C 186 24.65 24.30 16.26
C ALA C 186 25.67 24.08 17.38
N SER C 187 25.74 25.00 18.34
CA SER C 187 26.65 24.81 19.46
C SER C 187 26.25 23.61 20.30
N SER C 188 24.96 23.28 20.34
CA SER C 188 24.53 22.08 21.02
C SER C 188 25.00 20.83 20.29
N PHE C 189 24.87 20.83 18.96
CA PHE C 189 25.45 19.76 18.15
C PHE C 189 26.93 19.58 18.48
N ILE C 190 27.66 20.70 18.54
CA ILE C 190 29.08 20.64 18.85
C ILE C 190 29.32 20.07 20.24
N ASP C 191 28.52 20.50 21.22
CA ASP C 191 28.67 20.01 22.58
C ASP C 191 28.41 18.52 22.68
N THR C 192 27.53 18.00 21.83
CA THR C 192 27.25 16.57 21.86
C THR C 192 28.41 15.77 21.28
N ASP C 193 28.83 16.12 20.07
CA ASP C 193 29.95 15.43 19.43
C ASP C 193 30.51 16.36 18.35
N GLU C 194 31.70 16.90 18.59
CA GLU C 194 32.26 17.87 17.65
C GLU C 194 32.81 17.24 16.38
N HIS C 195 33.02 15.92 16.37
CA HIS C 195 33.54 15.24 15.20
C HIS C 195 32.47 14.54 14.39
N HIS C 196 31.21 14.67 14.80
CA HIS C 196 30.12 14.07 14.06
C HIS C 196 29.93 14.81 12.74
N PRO C 197 29.56 14.09 11.68
CA PRO C 197 29.30 14.76 10.40
C PRO C 197 28.18 15.78 10.47
N ILE C 198 27.24 15.61 11.40
CA ILE C 198 26.15 16.58 11.52
C ILE C 198 26.64 17.86 12.17
N SER C 199 27.52 17.75 13.17
CA SER C 199 28.06 18.93 13.81
C SER C 199 28.97 19.70 12.85
N ARG C 200 29.69 18.99 11.99
CA ARG C 200 30.60 19.61 11.04
C ARG C 200 29.88 20.14 9.80
N SER C 201 28.56 19.98 9.72
CA SER C 201 27.79 20.43 8.58
C SER C 201 27.08 21.76 8.82
N MET C 202 27.24 22.35 9.99
CA MET C 202 26.54 23.57 10.35
C MET C 202 27.45 24.77 10.17
N SER C 203 26.94 25.82 9.53
CA SER C 203 27.66 27.07 9.39
C SER C 203 26.65 28.19 9.62
N VAL C 204 26.67 28.79 10.81
CA VAL C 204 25.71 29.83 11.16
C VAL C 204 26.39 31.18 11.09
N MET C 205 25.72 32.13 10.47
CA MET C 205 26.28 33.46 10.26
C MET C 205 25.14 34.45 10.08
N TYR C 206 25.49 35.70 9.78
CA TYR C 206 24.50 36.75 9.59
C TYR C 206 25.03 37.80 8.63
N TRP C 207 24.16 38.26 7.74
CA TRP C 207 24.43 39.43 6.92
C TRP C 207 23.13 40.18 6.72
N SER C 208 23.24 41.50 6.58
CA SER C 208 22.07 42.34 6.41
C SER C 208 21.80 42.56 4.92
N HIS C 209 20.66 43.20 4.62
CA HIS C 209 20.33 43.56 3.26
C HIS C 209 20.81 44.95 2.87
N ASN C 210 21.30 45.73 3.83
CA ASN C 210 21.75 47.08 3.59
C ASN C 210 23.24 47.16 3.30
N GLU C 211 23.97 46.05 3.47
CA GLU C 211 25.41 46.06 3.32
C GLU C 211 25.82 45.72 1.89
N ASP C 212 27.13 45.74 1.65
CA ASP C 212 27.66 45.37 0.35
C ASP C 212 27.29 43.93 0.05
N ILE C 213 26.98 43.66 -1.23
CA ILE C 213 26.41 42.36 -1.61
C ILE C 213 27.45 41.34 -2.02
N ALA C 214 28.73 41.73 -2.13
CA ALA C 214 29.74 40.84 -2.67
C ALA C 214 29.81 39.52 -1.89
N ILE C 215 29.99 39.61 -0.58
CA ILE C 215 30.19 38.44 0.26
C ILE C 215 28.91 37.62 0.39
N PRO C 216 27.74 38.21 0.67
CA PRO C 216 26.52 37.41 0.67
C PRO C 216 26.23 36.77 -0.67
N GLN C 217 26.56 37.43 -1.78
CA GLN C 217 26.35 36.81 -3.09
C GLN C 217 27.29 35.62 -3.28
N GLN C 218 28.55 35.76 -2.87
CA GLN C 218 29.48 34.64 -2.95
C GLN C 218 28.98 33.47 -2.12
N ILE C 219 28.38 33.76 -0.96
CA ILE C 219 27.85 32.68 -0.12
C ILE C 219 26.63 32.05 -0.79
N MET C 220 25.80 32.86 -1.45
CA MET C 220 24.60 32.34 -2.08
C MET C 220 24.93 31.50 -3.30
N ASN C 221 26.04 31.78 -3.98
CA ASN C 221 26.37 31.02 -5.18
C ASN C 221 26.70 29.56 -4.90
N CYS C 222 27.16 29.24 -3.69
CA CYS C 222 27.42 27.84 -3.31
C CYS C 222 26.27 27.28 -2.49
N ALA C 223 25.09 27.14 -3.12
CA ALA C 223 23.89 26.79 -2.37
C ALA C 223 23.34 25.42 -2.73
N ASP C 224 23.06 25.16 -4.00
CA ASP C 224 22.49 23.91 -4.50
C ASP C 224 21.03 23.76 -4.07
N VAL C 225 20.59 24.55 -3.09
CA VAL C 225 19.18 24.69 -2.73
C VAL C 225 19.10 25.82 -1.70
N VAL C 226 18.03 26.60 -1.75
CA VAL C 226 17.85 27.74 -0.86
C VAL C 226 16.49 27.60 -0.18
N VAL C 227 16.46 27.87 1.12
CA VAL C 227 15.23 27.84 1.90
C VAL C 227 15.04 29.23 2.48
N SER C 228 14.06 29.97 1.99
CA SER C 228 13.78 31.32 2.44
C SER C 228 12.51 31.32 3.29
N TRP C 229 12.52 32.14 4.34
CA TRP C 229 11.49 32.09 5.36
C TRP C 229 10.79 33.41 5.64
N GLY C 230 11.37 34.54 5.26
CA GLY C 230 10.83 35.82 5.68
C GLY C 230 9.53 36.26 5.03
N GLY C 231 9.32 37.56 4.96
CA GLY C 231 8.11 38.11 4.36
C GLY C 231 8.21 38.22 2.87
N TYR C 232 7.73 39.33 2.31
CA TYR C 232 7.74 39.49 0.86
C TYR C 232 9.12 39.90 0.37
N ASP C 233 9.72 40.92 0.99
CA ASP C 233 11.01 41.40 0.51
C ASP C 233 12.10 40.37 0.75
N ALA C 234 11.96 39.56 1.80
CA ALA C 234 12.94 38.50 2.04
C ALA C 234 12.92 37.48 0.91
N ILE C 235 11.73 37.05 0.49
CA ILE C 235 11.62 36.09 -0.59
C ILE C 235 12.03 36.72 -1.91
N LYS C 236 11.76 38.01 -2.09
CA LYS C 236 12.21 38.70 -3.29
C LYS C 236 13.72 38.75 -3.35
N TRP C 237 14.38 39.04 -2.23
CA TRP C 237 15.83 39.02 -2.17
C TRP C 237 16.37 37.63 -2.48
N ALA C 238 15.77 36.61 -1.88
CA ALA C 238 16.20 35.24 -2.16
C ALA C 238 16.08 34.91 -3.64
N THR C 239 14.98 35.32 -4.27
CA THR C 239 14.78 35.03 -5.68
C THR C 239 15.77 35.78 -6.55
N GLU C 240 16.11 37.01 -6.17
CA GLU C 240 16.98 37.82 -7.01
C GLU C 240 18.44 37.45 -6.86
N HIS C 241 18.84 36.87 -5.73
CA HIS C 241 20.25 36.63 -5.44
C HIS C 241 20.55 35.14 -5.33
N THR C 242 19.84 34.33 -6.10
CA THR C 242 20.08 32.90 -6.19
C THR C 242 20.43 32.54 -7.62
N PRO C 243 21.39 31.64 -7.83
CA PRO C 243 21.67 31.15 -9.19
C PRO C 243 20.39 30.61 -9.82
N VAL C 244 20.20 30.91 -11.11
CA VAL C 244 18.92 30.64 -11.75
C VAL C 244 18.63 29.16 -11.86
N ASN C 245 19.63 28.29 -11.73
CA ASN C 245 19.42 26.86 -11.81
C ASN C 245 19.29 26.21 -10.44
N VAL C 246 19.05 27.00 -9.40
CA VAL C 246 18.96 26.52 -8.03
C VAL C 246 17.55 26.73 -7.54
N ASP C 247 17.02 25.73 -6.83
CA ASP C 247 15.65 25.76 -6.35
C ASP C 247 15.54 26.52 -5.03
N ILE C 248 14.38 27.13 -4.81
CA ILE C 248 14.11 27.93 -3.63
C ILE C 248 12.84 27.42 -2.99
N LEU C 249 12.92 27.05 -1.71
CA LEU C 249 11.74 26.73 -0.91
C LEU C 249 11.26 28.02 -0.26
N LYS C 250 10.09 28.50 -0.68
CA LYS C 250 9.57 29.78 -0.23
C LYS C 250 8.51 29.55 0.83
N PHE C 251 8.74 30.10 2.02
CA PHE C 251 7.78 30.09 3.12
C PHE C 251 7.37 31.54 3.36
N GLY C 252 6.34 31.98 2.64
CA GLY C 252 5.96 33.37 2.67
C GLY C 252 5.08 33.71 3.84
N PRO C 253 4.64 34.97 3.89
CA PRO C 253 3.74 35.40 4.96
C PRO C 253 2.33 34.90 4.72
N LYS C 254 1.69 34.47 5.81
CA LYS C 254 0.38 33.87 5.75
C LYS C 254 -0.58 34.63 6.68
N LYS C 255 -1.85 34.24 6.64
CA LYS C 255 -2.88 34.82 7.49
C LYS C 255 -3.85 33.70 7.84
N SER C 256 -3.73 33.16 9.05
CA SER C 256 -4.56 32.06 9.46
C SER C 256 -5.79 32.54 10.22
N ILE C 257 -6.85 31.74 10.15
CA ILE C 257 -8.15 32.09 10.68
C ILE C 257 -8.68 30.91 11.48
N ALA C 258 -9.83 31.10 12.12
CA ALA C 258 -10.47 30.06 12.90
C ALA C 258 -11.95 30.03 12.59
N ILE C 259 -12.53 28.84 12.63
CA ILE C 259 -13.96 28.64 12.38
C ILE C 259 -14.55 27.92 13.57
N VAL C 260 -15.58 28.49 14.17
CA VAL C 260 -16.28 27.92 15.31
C VAL C 260 -17.68 27.59 14.83
N ASP C 261 -18.00 26.31 14.69
CA ASP C 261 -19.22 25.94 13.97
C ASP C 261 -20.46 26.06 14.85
N ASN C 262 -20.56 25.23 15.88
CA ASN C 262 -21.61 25.40 16.87
C ASN C 262 -21.25 24.54 18.07
N PRO C 263 -20.32 24.97 18.90
CA PRO C 263 -19.81 24.07 19.95
C PRO C 263 -20.81 23.90 21.06
N VAL C 264 -21.15 22.65 21.36
CA VAL C 264 -21.89 22.34 22.57
C VAL C 264 -20.99 22.51 23.79
N ASP C 265 -19.71 22.20 23.64
CA ASP C 265 -18.72 22.41 24.69
C ASP C 265 -17.94 23.67 24.36
N ILE C 266 -18.47 24.81 24.80
CA ILE C 266 -17.87 26.10 24.42
C ILE C 266 -16.55 26.33 25.13
N THR C 267 -16.33 25.67 26.28
CA THR C 267 -15.13 25.98 27.07
C THR C 267 -13.87 25.48 26.38
N ALA C 268 -13.89 24.25 25.86
CA ALA C 268 -12.71 23.76 25.14
C ALA C 268 -12.50 24.53 23.85
N SER C 269 -13.58 24.93 23.19
CA SER C 269 -13.49 25.77 22.01
C SER C 269 -12.76 27.08 22.32
N ALA C 270 -13.19 27.76 23.38
CA ALA C 270 -12.53 29.00 23.75
C ALA C 270 -11.09 28.77 24.16
N ILE C 271 -10.83 27.66 24.87
CA ILE C 271 -9.45 27.33 25.25
C ILE C 271 -8.58 27.23 24.01
N GLY C 272 -9.05 26.49 23.00
CA GLY C 272 -8.27 26.33 21.78
C GLY C 272 -8.05 27.64 21.05
N VAL C 273 -9.12 28.40 20.85
CA VAL C 273 -8.98 29.66 20.11
C VAL C 273 -8.04 30.61 20.85
N ALA C 274 -8.10 30.63 22.18
CA ALA C 274 -7.19 31.46 22.94
C ALA C 274 -5.75 30.98 22.80
N HIS C 275 -5.54 29.67 22.82
CA HIS C 275 -4.22 29.12 22.56
C HIS C 275 -3.67 29.62 21.23
N ASP C 276 -4.48 29.51 20.17
CA ASP C 276 -4.01 29.92 18.85
C ASP C 276 -3.77 31.41 18.77
N ILE C 277 -4.55 32.21 19.48
CA ILE C 277 -4.33 33.65 19.46
C ILE C 277 -3.05 34.01 20.21
N CYS C 278 -2.79 33.34 21.32
CA CYS C 278 -1.75 33.77 22.25
C CYS C 278 -0.39 33.14 22.01
N PHE C 279 -0.32 31.98 21.37
CA PHE C 279 0.98 31.35 21.18
C PHE C 279 1.87 32.17 20.27
N TYR C 280 3.14 32.31 20.68
CA TYR C 280 4.14 33.10 19.95
C TYR C 280 3.71 34.56 19.80
N ASP C 281 2.86 35.04 20.72
CA ASP C 281 2.39 36.42 20.72
C ASP C 281 1.68 36.78 19.41
N GLN C 282 1.05 35.79 18.77
CA GLN C 282 0.33 35.96 17.52
C GLN C 282 1.23 36.39 16.37
N GLN C 283 2.51 36.04 16.44
CA GLN C 283 3.49 36.45 15.43
C GLN C 283 3.77 35.37 14.40
N ALA C 284 3.26 34.16 14.58
CA ALA C 284 3.50 33.07 13.66
C ALA C 284 2.58 33.18 12.44
N CYS C 285 2.88 32.38 11.43
CA CYS C 285 2.02 32.32 10.26
C CYS C 285 0.80 31.44 10.49
N PHE C 286 0.84 30.58 11.50
CA PHE C 286 -0.30 29.74 11.86
C PHE C 286 -1.13 30.35 12.97
N SER C 287 -0.83 31.58 13.37
CA SER C 287 -1.57 32.23 14.45
C SER C 287 -2.91 32.74 13.94
N THR C 288 -3.95 32.57 14.76
CA THR C 288 -5.30 32.96 14.39
C THR C 288 -5.44 34.48 14.47
N GLN C 289 -5.92 35.08 13.38
CA GLN C 289 -6.17 36.51 13.36
C GLN C 289 -7.65 36.85 13.31
N ASP C 290 -8.44 36.11 12.55
CA ASP C 290 -9.88 36.34 12.45
C ASP C 290 -10.61 35.07 12.84
N ILE C 291 -11.67 35.21 13.63
CA ILE C 291 -12.51 34.11 14.03
C ILE C 291 -13.87 34.28 13.34
N TYR C 292 -14.41 33.18 12.84
CA TYR C 292 -15.69 33.18 12.14
C TYR C 292 -16.62 32.26 12.92
N TYR C 293 -17.54 32.85 13.67
CA TYR C 293 -18.44 32.09 14.51
C TYR C 293 -19.74 31.80 13.75
N ILE C 294 -20.11 30.53 13.70
CA ILE C 294 -21.42 30.11 13.25
C ILE C 294 -22.21 29.71 14.49
N GLY C 295 -23.52 29.90 14.47
CA GLY C 295 -24.30 29.44 15.58
C GLY C 295 -25.20 30.54 16.11
N ASP C 296 -25.61 30.38 17.38
CA ASP C 296 -26.64 31.22 17.95
C ASP C 296 -26.25 31.87 19.28
N ASN C 297 -25.05 31.64 19.79
CA ASN C 297 -24.60 32.15 21.09
C ASN C 297 -23.21 32.76 20.97
N ILE C 298 -23.06 33.69 20.03
CA ILE C 298 -21.77 34.33 19.80
C ILE C 298 -21.28 35.05 21.04
N ASP C 299 -22.19 35.53 21.88
CA ASP C 299 -21.80 36.29 23.06
C ASP C 299 -21.37 35.38 24.20
N ALA C 300 -21.97 34.18 24.30
CA ALA C 300 -21.48 33.19 25.24
C ALA C 300 -20.06 32.77 24.90
N PHE C 301 -19.80 32.50 23.61
CA PHE C 301 -18.45 32.20 23.17
C PHE C 301 -17.52 33.38 23.40
N PHE C 302 -18.01 34.59 23.19
CA PHE C 302 -17.22 35.78 23.46
C PHE C 302 -16.77 35.82 24.91
N ASP C 303 -17.70 35.59 25.84
CA ASP C 303 -17.37 35.62 27.26
C ASP C 303 -16.39 34.52 27.62
N GLU C 304 -16.61 33.31 27.11
CA GLU C 304 -15.71 32.20 27.43
C GLU C 304 -14.32 32.44 26.86
N LEU C 305 -14.25 33.02 25.66
CA LEU C 305 -12.96 33.35 25.07
C LEU C 305 -12.26 34.45 25.86
N VAL C 306 -13.03 35.40 26.39
CA VAL C 306 -12.44 36.41 27.26
C VAL C 306 -11.83 35.77 28.49
N GLU C 307 -12.54 34.81 29.08
CA GLU C 307 -12.01 34.11 30.25
C GLU C 307 -10.72 33.35 29.90
N GLN C 308 -10.71 32.65 28.76
CA GLN C 308 -9.51 31.90 28.40
C GLN C 308 -8.35 32.83 28.05
N LEU C 309 -8.63 33.98 27.45
CA LEU C 309 -7.57 34.95 27.19
C LEU C 309 -7.03 35.53 28.49
N ASN C 310 -7.90 35.71 29.49
CA ASN C 310 -7.41 36.14 30.79
C ASN C 310 -6.56 35.07 31.45
N LEU C 311 -6.88 33.79 31.22
CA LEU C 311 -6.03 32.71 31.72
C LEU C 311 -4.65 32.74 31.05
N TYR C 312 -4.63 32.87 29.73
CA TYR C 312 -3.36 32.98 29.01
C TYR C 312 -2.61 34.25 29.36
N MET C 313 -3.30 35.28 29.85
CA MET C 313 -2.61 36.46 30.37
C MET C 313 -1.65 36.10 31.49
N ASP C 314 -1.94 35.04 32.22
CA ASP C 314 -1.14 34.62 33.37
C ASP C 314 -0.24 33.44 33.08
N ILE C 315 -0.74 32.40 32.39
CA ILE C 315 0.08 31.22 32.17
C ILE C 315 1.06 31.38 31.02
N LEU C 316 0.91 32.40 30.19
CA LEU C 316 1.83 32.64 29.07
C LEU C 316 1.77 34.12 28.70
N PRO C 317 2.42 34.98 29.47
CA PRO C 317 2.26 36.42 29.27
C PRO C 317 2.90 36.94 27.98
N LYS C 318 2.69 38.22 27.70
CA LYS C 318 3.14 38.84 26.47
C LYS C 318 4.62 39.15 26.51
N GLY C 319 5.11 39.77 25.43
CA GLY C 319 6.47 40.23 25.34
C GLY C 319 6.68 41.55 26.04
N ASP C 320 7.48 42.45 25.45
CA ASP C 320 7.78 43.72 26.09
C ASP C 320 7.08 44.92 25.46
N GLN C 321 6.61 44.81 24.22
CA GLN C 321 5.67 45.79 23.69
C GLN C 321 6.19 47.21 23.68
N THR C 322 7.16 47.50 22.82
CA THR C 322 7.73 48.83 22.67
C THR C 322 6.67 49.93 22.51
N PHE C 323 7.06 51.17 22.82
CA PHE C 323 6.18 52.33 22.82
C PHE C 323 5.20 52.37 21.64
N ASP C 324 5.72 52.23 20.42
CA ASP C 324 4.86 52.31 19.25
C ASP C 324 3.82 51.20 19.23
N GLU C 325 4.19 50.01 19.71
CA GLU C 325 3.22 48.92 19.76
C GLU C 325 2.11 49.22 20.76
N LYS C 326 2.45 49.82 21.90
CA LYS C 326 1.43 50.24 22.85
C LYS C 326 0.50 51.27 22.24
N ALA C 327 1.07 52.26 21.57
CA ALA C 327 0.24 53.29 20.95
C ALA C 327 -0.65 52.71 19.87
N SER C 328 -0.13 51.78 19.07
CA SER C 328 -0.93 51.09 18.09
C SER C 328 -2.10 50.36 18.74
N PHE C 329 -1.83 49.61 19.80
CA PHE C 329 -2.88 48.90 20.51
C PHE C 329 -3.98 49.87 20.95
N SER C 330 -3.59 50.98 21.58
CA SER C 330 -4.58 51.92 22.08
C SER C 330 -5.39 52.56 20.95
N LEU C 331 -4.70 53.01 19.90
CA LEU C 331 -5.39 53.69 18.81
C LEU C 331 -6.33 52.73 18.08
N ILE C 332 -5.94 51.46 17.96
CA ILE C 332 -6.80 50.49 17.28
C ILE C 332 -8.00 50.13 18.15
N GLU C 333 -7.79 50.06 19.47
CA GLU C 333 -8.95 49.90 20.36
C GLU C 333 -9.91 51.07 20.23
N LYS C 334 -9.38 52.28 20.11
CA LYS C 334 -10.24 53.44 19.89
C LYS C 334 -10.98 53.33 18.56
N GLU C 335 -10.27 52.94 17.50
CA GLU C 335 -10.89 52.75 16.20
C GLU C 335 -12.05 51.77 16.28
N CYS C 336 -11.87 50.67 17.01
CA CYS C 336 -12.91 49.65 17.05
C CYS C 336 -14.05 50.06 17.96
N GLN C 337 -13.78 50.85 19.00
CA GLN C 337 -14.85 51.37 19.83
C GLN C 337 -15.68 52.41 19.09
N PHE C 338 -15.05 53.16 18.18
CA PHE C 338 -15.77 54.17 17.42
C PHE C 338 -16.72 53.57 16.39
N ALA C 339 -16.79 52.24 16.27
CA ALA C 339 -17.65 51.60 15.29
C ALA C 339 -18.59 50.57 15.92
N LYS C 340 -18.84 50.69 17.22
CA LYS C 340 -19.72 49.80 17.97
C LYS C 340 -19.35 48.34 17.75
N TYR C 341 -18.05 48.06 17.83
CA TYR C 341 -17.57 46.71 17.51
C TYR C 341 -17.51 45.78 18.71
N LYS C 342 -18.10 46.16 19.84
CA LYS C 342 -18.07 45.36 21.06
C LYS C 342 -16.64 44.97 21.43
N VAL C 343 -15.86 46.00 21.75
CA VAL C 343 -14.45 45.83 22.07
C VAL C 343 -14.31 45.35 23.51
N GLU C 344 -13.39 44.41 23.73
CA GLU C 344 -12.99 44.00 25.06
C GLU C 344 -11.49 43.81 25.07
N LYS C 345 -10.83 44.13 26.18
CA LYS C 345 -9.39 43.99 26.25
C LYS C 345 -8.99 43.53 27.65
N GLY C 346 -7.74 43.07 27.76
CA GLY C 346 -7.19 42.63 29.02
C GLY C 346 -6.34 43.70 29.67
N ASP C 347 -5.97 43.44 30.92
CA ASP C 347 -5.16 44.38 31.68
C ASP C 347 -3.76 44.48 31.09
N ASN C 348 -3.16 45.67 31.21
CA ASN C 348 -1.88 46.01 30.59
C ASN C 348 -1.90 45.71 29.09
N GLN C 349 -3.04 45.97 28.46
CA GLN C 349 -3.29 45.65 27.05
C GLN C 349 -2.68 44.30 26.69
N SER C 350 -3.18 43.27 27.36
CA SER C 350 -2.65 41.93 27.13
C SER C 350 -3.27 41.29 25.89
N TRP C 351 -4.54 41.56 25.63
CA TRP C 351 -5.21 40.99 24.47
C TRP C 351 -6.33 41.94 24.04
N LEU C 352 -6.96 41.60 22.92
CA LEU C 352 -8.03 42.42 22.37
C LEU C 352 -8.97 41.53 21.59
N LEU C 353 -10.26 41.56 21.96
CA LEU C 353 -11.32 40.86 21.25
C LEU C 353 -12.27 41.90 20.67
N VAL C 354 -12.55 41.79 19.38
CA VAL C 354 -13.39 42.75 18.66
C VAL C 354 -14.42 41.96 17.87
N LYS C 355 -15.70 42.23 18.15
CA LYS C 355 -16.80 41.57 17.45
C LYS C 355 -17.34 42.53 16.40
N SER C 356 -16.72 42.52 15.24
CA SER C 356 -17.17 43.35 14.13
C SER C 356 -18.01 42.53 13.17
N PRO C 357 -18.91 43.16 12.41
CA PRO C 357 -19.66 42.43 11.40
C PRO C 357 -18.77 41.95 10.28
N LEU C 358 -19.26 40.94 9.56
CA LEU C 358 -18.47 40.33 8.50
C LEU C 358 -18.14 41.34 7.40
N GLY C 359 -16.88 41.32 6.96
CA GLY C 359 -16.44 42.21 5.91
C GLY C 359 -16.16 43.62 6.35
N SER C 360 -16.16 43.87 7.65
CA SER C 360 -16.03 45.23 8.13
C SER C 360 -14.57 45.69 8.15
N PHE C 361 -14.41 47.00 8.15
CA PHE C 361 -13.13 47.65 8.43
C PHE C 361 -12.64 47.26 9.82
N GLY C 362 -11.45 46.68 9.88
CA GLY C 362 -10.76 46.45 11.14
C GLY C 362 -9.26 46.46 10.99
N ASN C 363 -8.58 47.32 11.74
CA ASN C 363 -7.13 47.37 11.71
C ASN C 363 -6.56 46.27 12.59
N GLN C 364 -5.59 45.52 12.06
CA GLN C 364 -5.10 44.34 12.75
C GLN C 364 -3.66 44.54 13.20
N PRO C 365 -3.41 44.83 14.48
CA PRO C 365 -2.09 44.60 15.04
C PRO C 365 -1.99 43.16 15.50
N LEU C 366 -0.79 42.61 15.42
CA LEU C 366 -0.58 41.22 15.76
C LEU C 366 -0.13 41.05 17.19
N ALA C 367 -0.63 41.90 18.09
CA ALA C 367 -0.18 41.83 19.48
C ALA C 367 -0.81 40.65 20.19
N ARG C 368 -2.12 40.71 20.45
CA ARG C 368 -2.92 39.52 20.65
C ARG C 368 -4.34 39.73 20.14
N SER C 369 -4.50 40.63 19.18
CA SER C 369 -5.82 41.05 18.72
C SER C 369 -6.50 39.96 17.90
N ALA C 370 -7.80 39.87 18.03
CA ALA C 370 -8.59 38.94 17.25
C ALA C 370 -9.94 39.57 16.94
N TYR C 371 -10.36 39.45 15.69
CA TYR C 371 -11.67 39.91 15.25
C TYR C 371 -12.56 38.70 15.07
N ILE C 372 -13.72 38.70 15.72
CA ILE C 372 -14.67 37.60 15.63
C ILE C 372 -15.89 38.09 14.85
N HIS C 373 -16.37 37.28 13.91
CA HIS C 373 -17.48 37.65 13.04
C HIS C 373 -18.55 36.57 13.08
N HIS C 374 -19.80 36.99 12.99
CA HIS C 374 -20.92 36.07 12.81
C HIS C 374 -21.18 35.91 11.32
N VAL C 375 -21.19 34.66 10.84
CA VAL C 375 -21.24 34.38 9.41
C VAL C 375 -22.51 33.63 9.04
N SER C 376 -22.98 32.72 9.88
CA SER C 376 -24.20 31.93 9.78
C SER C 376 -24.10 30.75 8.80
N ASP C 377 -23.04 30.64 8.01
CA ASP C 377 -22.87 29.51 7.11
C ASP C 377 -21.45 29.58 6.55
N ILE C 378 -20.93 28.42 6.14
CA ILE C 378 -19.56 28.35 5.65
C ILE C 378 -19.40 29.13 4.34
N SER C 379 -20.47 29.22 3.54
CA SER C 379 -20.38 29.88 2.25
C SER C 379 -20.00 31.36 2.37
N GLU C 380 -20.16 31.96 3.54
CA GLU C 380 -19.77 33.34 3.75
C GLU C 380 -18.34 33.49 4.21
N ILE C 381 -17.69 32.40 4.58
CA ILE C 381 -16.28 32.45 4.98
C ILE C 381 -15.36 32.27 3.79
N THR C 382 -15.76 31.48 2.80
CA THR C 382 -14.89 31.16 1.69
C THR C 382 -14.45 32.37 0.85
N PRO C 383 -15.23 33.44 0.69
CA PRO C 383 -14.68 34.62 0.00
C PRO C 383 -13.49 35.26 0.69
N TYR C 384 -13.22 34.92 1.95
CA TYR C 384 -12.12 35.48 2.71
C TYR C 384 -10.95 34.50 2.85
N ILE C 385 -10.86 33.53 1.96
CA ILE C 385 -9.80 32.54 1.97
C ILE C 385 -9.10 32.64 0.63
N GLU C 386 -7.85 33.07 0.63
CA GLU C 386 -7.09 33.25 -0.60
C GLU C 386 -6.17 32.06 -0.85
N ASN C 387 -5.56 32.06 -2.03
CA ASN C 387 -4.85 30.88 -2.51
C ASN C 387 -3.56 30.67 -1.72
N ARG C 388 -2.65 31.63 -1.77
CA ARG C 388 -1.34 31.48 -1.16
C ARG C 388 -1.18 32.34 0.09
N ILE C 389 -2.28 32.76 0.71
CA ILE C 389 -2.25 33.62 1.87
C ILE C 389 -2.82 32.93 3.10
N THR C 390 -3.93 32.22 2.95
CA THR C 390 -4.53 31.51 4.07
C THR C 390 -3.79 30.19 4.26
N GLN C 391 -3.18 30.01 5.42
CA GLN C 391 -2.39 28.82 5.70
C GLN C 391 -3.12 27.82 6.59
N THR C 392 -3.64 28.28 7.73
CA THR C 392 -4.32 27.42 8.68
C THR C 392 -5.76 27.90 8.82
N VAL C 393 -6.69 26.96 8.75
CA VAL C 393 -8.11 27.26 8.71
C VAL C 393 -8.76 26.55 9.88
N THR C 394 -8.13 26.67 11.05
CA THR C 394 -8.58 26.08 12.30
C THR C 394 -10.09 25.95 12.42
N VAL C 395 -10.57 24.74 12.72
CA VAL C 395 -11.99 24.44 12.89
C VAL C 395 -12.18 23.88 14.29
N THR C 396 -13.08 24.47 15.05
CA THR C 396 -13.02 24.22 16.49
C THR C 396 -13.65 22.90 16.92
N PRO C 397 -14.91 22.60 16.58
CA PRO C 397 -15.36 21.22 16.78
C PRO C 397 -14.81 20.37 15.64
N TRP C 398 -13.82 19.53 15.93
CA TRP C 398 -13.06 18.91 14.85
C TRP C 398 -13.93 18.09 13.91
N GLU C 399 -15.04 17.54 14.41
CA GLU C 399 -15.94 16.80 13.53
C GLU C 399 -16.43 17.67 12.39
N SER C 400 -16.71 18.94 12.67
CA SER C 400 -17.19 19.83 11.63
C SER C 400 -16.15 20.08 10.55
N SER C 401 -14.90 19.71 10.77
CA SER C 401 -13.91 19.84 9.72
C SER C 401 -14.11 18.83 8.61
N PHE C 402 -14.87 17.77 8.85
CA PHE C 402 -15.08 16.79 7.80
C PHE C 402 -16.06 17.26 6.74
N LYS C 403 -16.93 18.20 7.07
CA LYS C 403 -17.88 18.73 6.10
C LYS C 403 -17.45 20.08 5.54
N TYR C 404 -16.29 20.58 5.94
CA TYR C 404 -15.78 21.84 5.40
C TYR C 404 -14.44 21.70 4.69
N ARG C 405 -13.69 20.62 4.91
CA ARG C 405 -12.32 20.55 4.42
C ARG C 405 -12.28 20.61 2.89
N ASP C 406 -13.31 20.11 2.22
CA ASP C 406 -13.29 20.08 0.77
C ASP C 406 -13.39 21.48 0.18
N VAL C 407 -14.31 22.30 0.68
CA VAL C 407 -14.45 23.64 0.12
C VAL C 407 -13.30 24.54 0.59
N LEU C 408 -12.77 24.30 1.79
CA LEU C 408 -11.62 25.07 2.24
C LEU C 408 -10.40 24.74 1.39
N ALA C 409 -10.20 23.47 1.07
CA ALA C 409 -9.12 23.09 0.17
C ALA C 409 -9.33 23.69 -1.21
N SER C 410 -10.57 23.65 -1.72
CA SER C 410 -10.87 24.25 -3.01
C SER C 410 -10.56 25.74 -3.02
N HIS C 411 -10.66 26.41 -1.87
CA HIS C 411 -10.40 27.84 -1.83
C HIS C 411 -9.02 28.20 -1.31
N GLY C 412 -8.17 27.21 -1.02
CA GLY C 412 -6.79 27.49 -0.68
C GLY C 412 -6.49 27.48 0.81
N ALA C 413 -6.93 26.43 1.51
CA ALA C 413 -6.77 26.38 2.95
C ALA C 413 -5.32 26.08 3.34
N GLU C 414 -4.78 24.96 2.84
CA GLU C 414 -3.45 24.39 3.09
C GLU C 414 -3.33 23.70 4.44
N ARG C 415 -4.29 23.85 5.35
CA ARG C 415 -4.25 23.20 6.65
C ARG C 415 -5.61 23.33 7.31
N ILE C 416 -6.03 22.26 7.99
CA ILE C 416 -7.24 22.27 8.80
C ILE C 416 -6.93 21.54 10.10
N VAL C 417 -6.98 22.25 11.22
CA VAL C 417 -6.58 21.72 12.51
C VAL C 417 -7.70 21.93 13.52
N GLU C 418 -7.43 21.59 14.78
CA GLU C 418 -8.46 21.42 15.80
C GLU C 418 -8.54 22.57 16.80
N SER C 419 -7.84 23.67 16.56
CA SER C 419 -7.81 24.90 17.35
C SER C 419 -6.95 24.81 18.59
N GLY C 420 -6.46 23.65 18.98
CA GLY C 420 -5.53 23.63 20.09
C GLY C 420 -4.20 23.16 19.56
N MET C 421 -4.11 23.16 18.23
CA MET C 421 -3.05 22.44 17.53
C MET C 421 -2.46 23.25 16.39
N ASN C 422 -2.67 24.58 16.38
CA ASN C 422 -2.22 25.36 15.24
C ASN C 422 -0.70 25.45 15.18
N ASN C 423 -0.03 25.34 16.33
CA ASN C 423 1.42 25.43 16.35
C ASN C 423 2.10 24.11 16.03
N ILE C 424 1.37 22.99 16.14
CA ILE C 424 1.92 21.67 15.91
C ILE C 424 1.66 21.31 14.45
N PHE C 425 2.71 21.31 13.64
CA PHE C 425 2.63 20.80 12.28
C PHE C 425 2.74 19.30 12.38
N ARG C 426 1.59 18.64 12.52
CA ARG C 426 1.58 17.22 12.81
C ARG C 426 2.30 16.44 11.72
N VAL C 427 2.89 15.32 12.12
CA VAL C 427 3.64 14.48 11.20
C VAL C 427 2.69 13.98 10.13
N GLY C 428 3.22 13.73 8.94
CA GLY C 428 2.45 13.19 7.84
C GLY C 428 1.72 14.22 7.01
N GLY C 429 1.73 15.47 7.41
CA GLY C 429 1.03 16.53 6.71
C GLY C 429 1.95 17.27 5.77
N ALA C 430 1.73 18.59 5.67
CA ALA C 430 2.50 19.41 4.76
C ALA C 430 2.66 20.79 5.37
N HIS C 431 3.60 21.55 4.81
CA HIS C 431 3.90 22.91 5.23
C HIS C 431 3.70 23.83 4.04
N ASP C 432 2.68 24.68 4.10
CA ASP C 432 2.36 25.62 3.03
C ASP C 432 2.03 24.89 1.73
N GLY C 433 1.27 23.80 1.84
CA GLY C 433 0.94 23.02 0.67
C GLY C 433 2.12 22.37 0.02
N MET C 434 3.15 22.07 0.79
CA MET C 434 4.44 21.64 0.25
C MET C 434 5.08 20.69 1.24
N ARG C 435 5.51 19.54 0.76
CA ARG C 435 6.26 18.63 1.61
C ARG C 435 7.73 18.98 1.46
N PRO C 436 8.32 19.64 2.47
CA PRO C 436 9.56 20.39 2.21
C PRO C 436 10.74 19.54 1.81
N LEU C 437 10.98 18.41 2.46
CA LEU C 437 12.19 17.67 2.12
C LEU C 437 12.02 16.80 0.88
N GLN C 438 10.93 16.97 0.13
CA GLN C 438 10.91 16.51 -1.25
C GLN C 438 11.74 17.42 -2.14
N ARG C 439 11.91 18.68 -1.73
CA ARG C 439 12.68 19.65 -2.48
C ARG C 439 14.09 19.82 -1.94
N LEU C 440 14.41 19.23 -0.79
CA LEU C 440 15.76 19.19 -0.28
C LEU C 440 16.52 17.95 -0.74
N VAL C 441 15.97 17.23 -1.71
CA VAL C 441 16.46 15.92 -2.11
C VAL C 441 16.53 15.86 -3.63
N LYS C 442 17.53 15.15 -4.13
CA LYS C 442 17.70 14.85 -5.54
C LYS C 442 17.33 13.39 -5.74
N TYR C 443 16.26 13.13 -6.49
CA TYR C 443 15.83 11.77 -6.78
C TYR C 443 16.69 11.24 -7.91
N ILE C 444 17.53 10.25 -7.64
CA ILE C 444 18.43 9.70 -8.63
C ILE C 444 17.87 8.34 -9.05
N SER C 445 17.64 8.20 -10.34
CA SER C 445 16.92 7.07 -10.91
C SER C 445 17.88 6.19 -11.70
N HIS C 446 17.88 4.91 -11.39
CA HIS C 446 18.66 3.89 -12.07
C HIS C 446 17.64 3.00 -12.80
N GLU C 447 17.43 3.28 -14.08
CA GLU C 447 16.38 2.64 -14.83
C GLU C 447 16.82 1.28 -15.33
N ARG C 448 15.92 0.31 -15.27
CA ARG C 448 16.32 -1.06 -15.57
C ARG C 448 16.21 -1.35 -17.07
N PRO C 449 16.87 -2.38 -17.57
CA PRO C 449 17.21 -2.44 -18.99
C PRO C 449 16.00 -2.74 -19.87
N TYR C 450 16.28 -2.89 -21.17
CA TYR C 450 15.23 -3.09 -22.16
C TYR C 450 14.56 -4.44 -22.01
N THR C 451 15.24 -5.43 -21.44
CA THR C 451 14.63 -6.73 -21.24
C THR C 451 13.50 -6.70 -20.22
N TYR C 452 13.45 -5.66 -19.39
CA TYR C 452 12.35 -5.46 -18.45
C TYR C 452 11.29 -4.61 -19.14
N SER C 453 10.19 -5.25 -19.53
CA SER C 453 9.16 -4.57 -20.29
C SER C 453 8.31 -3.68 -19.38
N THR C 454 7.50 -2.84 -20.00
CA THR C 454 6.57 -2.00 -19.27
C THR C 454 5.30 -2.78 -18.95
N LYS C 455 4.38 -2.16 -18.23
CA LYS C 455 3.14 -2.81 -17.85
C LYS C 455 2.09 -2.78 -18.93
N ASP C 456 2.36 -2.15 -20.08
CA ASP C 456 1.37 -1.96 -21.12
C ASP C 456 1.69 -2.65 -22.43
N VAL C 457 2.96 -2.93 -22.71
CA VAL C 457 3.39 -3.35 -24.03
C VAL C 457 3.70 -4.84 -24.07
N ALA C 458 4.42 -5.34 -23.07
CA ALA C 458 4.82 -6.75 -22.98
C ALA C 458 5.78 -7.13 -24.11
N VAL C 459 6.54 -6.16 -24.61
CA VAL C 459 7.50 -6.37 -25.66
C VAL C 459 8.81 -5.75 -25.22
N LYS C 460 9.91 -6.49 -25.36
CA LYS C 460 11.22 -5.95 -25.02
C LYS C 460 11.50 -4.71 -25.86
N ILE C 461 12.08 -3.70 -25.23
CA ILE C 461 12.16 -2.36 -25.84
C ILE C 461 13.43 -2.35 -26.68
N GLU C 462 13.31 -2.82 -27.91
CA GLU C 462 14.40 -2.82 -28.88
C GLU C 462 14.04 -1.79 -29.94
N GLN C 463 14.41 -0.53 -29.70
CA GLN C 463 13.98 0.53 -30.58
C GLN C 463 14.68 0.48 -31.94
N THR C 464 15.93 0.02 -31.98
CA THR C 464 16.62 -0.09 -33.25
C THR C 464 16.02 -1.21 -34.10
N ARG C 465 15.77 -2.36 -33.48
CA ARG C 465 15.21 -3.49 -34.22
C ARG C 465 13.87 -3.13 -34.86
N TYR C 466 13.05 -2.36 -34.15
CA TYR C 466 11.75 -1.98 -34.67
C TYR C 466 11.78 -0.74 -35.54
N LEU C 467 12.85 0.05 -35.48
CA LEU C 467 13.04 1.10 -36.47
C LEU C 467 13.47 0.50 -37.80
N GLU C 468 14.23 -0.59 -37.77
CA GLU C 468 14.55 -1.31 -38.99
C GLU C 468 13.30 -1.91 -39.61
N GLU C 469 12.57 -2.71 -38.84
CA GLU C 469 11.39 -3.39 -39.35
C GLU C 469 10.21 -2.46 -39.57
N ASP C 470 10.27 -1.22 -39.10
CA ASP C 470 9.18 -0.25 -39.21
C ASP C 470 7.94 -0.77 -38.48
N LYS C 471 8.10 -1.03 -37.19
CA LYS C 471 7.03 -1.54 -36.33
C LYS C 471 6.93 -0.67 -35.10
N PHE C 472 5.99 0.26 -35.07
CA PHE C 472 5.75 0.96 -33.81
C PHE C 472 4.30 0.87 -33.35
N LEU C 473 3.33 1.08 -34.25
CA LEU C 473 1.95 1.23 -33.83
C LEU C 473 1.27 -0.09 -33.53
N VAL C 474 1.88 -1.22 -33.89
CA VAL C 474 1.31 -2.50 -33.52
C VAL C 474 1.50 -2.79 -32.04
N PHE C 475 2.46 -2.13 -31.40
CA PHE C 475 2.71 -2.31 -29.98
C PHE C 475 1.98 -1.30 -29.10
N VAL C 476 1.49 -0.21 -29.69
CA VAL C 476 0.81 0.83 -28.90
C VAL C 476 -0.50 0.27 -28.37
N PRO C 477 -0.74 0.31 -27.05
CA PRO C 477 -1.97 -0.25 -26.47
C PRO C 477 -3.17 0.65 -26.70
N ILE D 1 -16.68 -42.01 -24.03
CA ILE D 1 -15.58 -42.49 -24.87
C ILE D 1 -14.64 -41.32 -25.18
N LYS D 2 -14.96 -40.14 -24.66
CA LYS D 2 -14.04 -39.02 -24.73
C LYS D 2 -13.06 -39.13 -23.58
N LYS D 3 -11.77 -39.12 -23.89
CA LYS D 3 -10.72 -39.30 -22.90
C LYS D 3 -10.16 -37.95 -22.48
N ILE D 4 -9.97 -37.77 -21.19
CA ILE D 4 -9.34 -36.58 -20.62
C ILE D 4 -7.90 -36.92 -20.28
N PRO D 5 -6.93 -36.11 -20.67
CA PRO D 5 -5.53 -36.45 -20.43
C PRO D 5 -5.14 -36.20 -18.98
N MET D 6 -3.91 -36.58 -18.65
CA MET D 6 -3.31 -36.28 -17.36
C MET D 6 -1.97 -35.60 -17.60
N ILE D 7 -1.86 -34.36 -17.15
CA ILE D 7 -0.63 -33.59 -17.26
C ILE D 7 0.13 -33.71 -15.96
N ILE D 8 1.43 -34.00 -16.03
CA ILE D 8 2.19 -34.09 -14.79
C ILE D 8 3.35 -33.10 -14.80
N GLY D 9 4.32 -33.27 -15.69
CA GLY D 9 5.41 -32.33 -15.64
C GLY D 9 5.08 -31.06 -16.38
N GLY D 10 5.05 -31.15 -17.69
CA GLY D 10 4.62 -30.06 -18.55
C GLY D 10 3.97 -30.63 -19.79
N ALA D 11 3.58 -31.90 -19.73
CA ALA D 11 3.04 -32.57 -20.89
C ALA D 11 2.15 -33.72 -20.43
N GLU D 12 1.34 -34.21 -21.36
CA GLU D 12 0.42 -35.29 -21.06
C GLU D 12 1.19 -36.58 -20.81
N ARG D 13 0.75 -37.33 -19.81
CA ARG D 13 1.35 -38.62 -19.51
C ARG D 13 0.85 -39.68 -20.48
N ASP D 14 1.67 -40.69 -20.70
CA ASP D 14 1.30 -41.82 -21.54
C ASP D 14 0.38 -42.70 -20.72
N THR D 15 -0.92 -42.42 -20.80
CA THR D 15 -1.92 -43.14 -20.04
C THR D 15 -2.54 -44.30 -20.81
N SER D 16 -1.78 -44.88 -21.74
CA SER D 16 -2.31 -46.01 -22.52
C SER D 16 -2.63 -47.20 -21.63
N GLU D 17 -1.68 -47.59 -20.78
CA GLU D 17 -1.85 -48.74 -19.91
C GLU D 17 -2.56 -48.40 -18.59
N HIS D 18 -2.91 -47.14 -18.37
CA HIS D 18 -3.58 -46.75 -17.15
C HIS D 18 -4.99 -47.37 -17.09
N GLU D 19 -5.59 -47.28 -15.90
CA GLU D 19 -6.97 -47.66 -15.67
C GLU D 19 -7.83 -46.41 -15.79
N TYR D 20 -9.02 -46.56 -16.38
CA TYR D 20 -9.88 -45.41 -16.62
C TYR D 20 -11.18 -45.53 -15.85
N ARG D 21 -11.81 -44.39 -15.60
CA ARG D 21 -13.13 -44.33 -14.98
C ARG D 21 -13.98 -43.32 -15.72
N GLU D 22 -15.27 -43.63 -15.89
CA GLU D 22 -16.23 -42.70 -16.45
C GLU D 22 -16.92 -41.92 -15.35
N LEU D 23 -17.49 -40.78 -15.72
CA LEU D 23 -18.05 -39.84 -14.75
C LEU D 23 -19.52 -39.52 -14.97
N THR D 24 -20.00 -39.48 -16.21
CA THR D 24 -21.38 -39.13 -16.54
C THR D 24 -21.70 -37.71 -16.05
N LEU D 25 -21.08 -36.74 -16.71
CA LEU D 25 -21.25 -35.35 -16.31
C LEU D 25 -22.65 -34.83 -16.61
N ASN D 26 -23.02 -34.79 -17.89
CA ASN D 26 -24.29 -34.24 -18.30
C ASN D 26 -25.05 -35.25 -19.13
N SER D 27 -25.15 -36.48 -18.62
CA SER D 27 -25.67 -37.64 -19.35
C SER D 27 -24.72 -38.09 -20.45
N TYR D 28 -23.44 -37.76 -20.33
CA TYR D 28 -22.44 -38.10 -21.33
C TYR D 28 -21.20 -38.61 -20.62
N LYS D 29 -20.64 -39.69 -21.16
CA LYS D 29 -19.56 -40.38 -20.48
C LYS D 29 -18.21 -39.77 -20.83
N VAL D 30 -17.33 -39.71 -19.84
CA VAL D 30 -15.99 -39.14 -20.00
C VAL D 30 -15.02 -40.01 -19.22
N SER D 31 -13.99 -40.52 -19.91
CA SER D 31 -13.01 -41.40 -19.29
C SER D 31 -11.83 -40.56 -18.78
N ILE D 32 -11.55 -40.67 -17.49
CA ILE D 32 -10.39 -40.03 -16.88
C ILE D 32 -9.47 -41.14 -16.36
N PRO D 33 -8.16 -41.05 -16.58
CA PRO D 33 -7.26 -42.10 -16.09
C PRO D 33 -7.06 -42.03 -14.59
N ILE D 34 -6.91 -43.19 -13.99
CA ILE D 34 -6.66 -43.30 -12.56
C ILE D 34 -5.16 -43.17 -12.30
N ILE D 35 -4.80 -42.36 -11.31
CA ILE D 35 -3.40 -42.16 -10.97
C ILE D 35 -2.84 -43.43 -10.35
N ASN D 36 -1.63 -43.80 -10.73
CA ASN D 36 -0.95 -44.97 -10.19
C ASN D 36 0.33 -44.53 -9.49
N GLN D 37 1.12 -45.51 -9.06
CA GLN D 37 2.29 -45.20 -8.25
C GLN D 37 3.38 -44.49 -9.05
N ASP D 38 3.52 -44.82 -10.33
CA ASP D 38 4.53 -44.17 -11.15
C ASP D 38 4.22 -42.69 -11.32
N ASP D 39 2.94 -42.35 -11.47
CA ASP D 39 2.56 -40.94 -11.56
C ASP D 39 2.85 -40.22 -10.25
N VAL D 40 2.63 -40.88 -9.12
CA VAL D 40 2.94 -40.27 -7.83
C VAL D 40 4.43 -40.02 -7.72
N GLU D 41 5.26 -40.96 -8.18
CA GLU D 41 6.69 -40.76 -8.14
C GLU D 41 7.12 -39.64 -9.07
N ALA D 42 6.48 -39.53 -10.23
CA ALA D 42 6.79 -38.42 -11.14
C ALA D 42 6.42 -37.09 -10.52
N ILE D 43 5.33 -37.05 -9.76
CA ILE D 43 4.92 -35.82 -9.09
C ILE D 43 5.91 -35.46 -7.98
N LYS D 44 6.32 -36.46 -7.20
CA LYS D 44 7.28 -36.23 -6.13
C LYS D 44 8.60 -35.69 -6.67
N SER D 45 9.06 -36.22 -7.80
CA SER D 45 10.35 -35.86 -8.35
C SER D 45 10.32 -34.55 -9.13
N GLN D 46 9.16 -33.91 -9.23
CA GLN D 46 9.04 -32.69 -10.01
C GLN D 46 9.65 -31.52 -9.22
N SER D 47 10.70 -30.92 -9.77
CA SER D 47 11.34 -29.76 -9.18
C SER D 47 11.74 -28.84 -10.31
N VAL D 48 10.96 -27.79 -10.54
CA VAL D 48 11.19 -26.85 -11.63
C VAL D 48 11.94 -25.66 -11.08
N GLU D 49 13.05 -25.30 -11.71
CA GLU D 49 13.85 -24.17 -11.27
C GLU D 49 13.26 -22.91 -11.90
N ASN D 50 12.62 -22.09 -11.08
CA ASN D 50 11.85 -20.94 -11.54
C ASN D 50 12.60 -19.67 -11.15
N ASN D 51 13.30 -19.08 -12.11
CA ASN D 51 14.07 -17.86 -11.87
C ASN D 51 13.48 -16.66 -12.59
N LEU D 52 12.21 -16.71 -12.98
CA LEU D 52 11.60 -15.60 -13.69
C LEU D 52 11.25 -14.48 -12.74
N ASN D 53 11.20 -13.25 -13.27
CA ASN D 53 10.69 -12.15 -12.48
C ASN D 53 9.20 -11.99 -12.72
N ILE D 54 8.56 -11.12 -11.96
CA ILE D 54 7.12 -10.95 -12.09
C ILE D 54 6.80 -10.37 -13.46
N ASN D 55 7.70 -9.59 -14.03
CA ASN D 55 7.52 -9.09 -15.38
C ASN D 55 7.41 -10.24 -16.38
N GLN D 56 8.33 -11.20 -16.30
CA GLN D 56 8.32 -12.32 -17.22
C GLN D 56 7.09 -13.19 -17.02
N ILE D 57 6.70 -13.43 -15.77
CA ILE D 57 5.51 -14.23 -15.48
C ILE D 57 4.27 -13.58 -16.08
N VAL D 58 4.10 -12.28 -15.83
CA VAL D 58 2.93 -11.58 -16.32
C VAL D 58 2.92 -11.52 -17.83
N ASN D 59 4.11 -11.40 -18.45
CA ASN D 59 4.16 -11.37 -19.90
C ASN D 59 3.81 -12.73 -20.51
N PHE D 60 4.24 -13.82 -19.87
CA PHE D 60 3.85 -15.14 -20.34
C PHE D 60 2.34 -15.33 -20.22
N LEU D 61 1.77 -14.93 -19.09
CA LEU D 61 0.32 -15.04 -18.93
C LEU D 61 -0.41 -14.19 -19.97
N TYR D 62 0.14 -13.03 -20.30
CA TYR D 62 -0.46 -12.18 -21.33
C TYR D 62 -0.40 -12.87 -22.69
N THR D 63 0.70 -13.52 -23.01
CA THR D 63 0.80 -14.26 -24.26
C THR D 63 -0.25 -15.37 -24.33
N VAL D 64 -0.40 -16.12 -23.24
CA VAL D 64 -1.41 -17.17 -23.20
C VAL D 64 -2.80 -16.57 -23.36
N GLY D 65 -3.05 -15.42 -22.74
CA GLY D 65 -4.35 -14.78 -22.87
C GLY D 65 -4.62 -14.31 -24.29
N GLN D 66 -3.60 -13.77 -24.96
CA GLN D 66 -3.76 -13.39 -26.35
C GLN D 66 -4.03 -14.61 -27.23
N LYS D 67 -3.46 -15.76 -26.87
CA LYS D 67 -3.81 -16.99 -27.57
C LYS D 67 -5.26 -17.36 -27.35
N TRP D 68 -5.75 -17.20 -26.12
CA TRP D 68 -7.15 -17.50 -25.82
C TRP D 68 -8.10 -16.47 -26.43
N LYS D 69 -7.59 -15.30 -26.81
CA LYS D 69 -8.44 -14.24 -27.34
C LYS D 69 -8.94 -14.55 -28.75
N SER D 70 -8.21 -15.37 -29.50
CA SER D 70 -8.60 -15.69 -30.87
C SER D 70 -9.71 -16.73 -30.84
N GLU D 71 -10.82 -16.42 -31.51
CA GLU D 71 -11.94 -17.36 -31.58
C GLU D 71 -11.62 -18.59 -32.41
N ASN D 72 -10.56 -18.57 -33.20
CA ASN D 72 -10.14 -19.71 -34.00
C ASN D 72 -9.16 -20.61 -33.27
N TYR D 73 -8.80 -20.28 -32.03
CA TYR D 73 -7.91 -21.12 -31.26
C TYR D 73 -8.58 -22.47 -31.01
N SER D 74 -7.95 -23.53 -31.53
CA SER D 74 -8.57 -24.86 -31.48
C SER D 74 -8.91 -25.27 -30.06
N ARG D 75 -7.99 -25.02 -29.12
CA ARG D 75 -8.22 -25.42 -27.74
C ARG D 75 -9.38 -24.66 -27.14
N ARG D 76 -9.53 -23.39 -27.50
CA ARG D 76 -10.67 -22.62 -27.02
C ARG D 76 -11.99 -23.16 -27.57
N LEU D 77 -12.01 -23.50 -28.86
CA LEU D 77 -13.22 -24.07 -29.46
C LEU D 77 -13.58 -25.39 -28.79
N THR D 78 -12.58 -26.24 -28.57
CA THR D 78 -12.85 -27.51 -27.90
C THR D 78 -13.35 -27.28 -26.48
N TYR D 79 -12.76 -26.31 -25.77
CA TYR D 79 -13.20 -26.03 -24.41
C TYR D 79 -14.65 -25.56 -24.38
N ILE D 80 -15.02 -24.70 -25.33
CA ILE D 80 -16.41 -24.24 -25.39
C ILE D 80 -17.34 -25.39 -25.69
N ARG D 81 -16.95 -26.26 -26.63
CA ARG D 81 -17.79 -27.41 -26.95
C ARG D 81 -17.97 -28.31 -25.73
N ASP D 82 -16.91 -28.51 -24.94
CA ASP D 82 -17.04 -29.36 -23.76
C ASP D 82 -17.86 -28.69 -22.68
N LEU D 83 -17.75 -27.37 -22.52
CA LEU D 83 -18.62 -26.67 -21.59
C LEU D 83 -20.08 -26.84 -21.97
N VAL D 84 -20.38 -26.77 -23.26
CA VAL D 84 -21.75 -26.92 -23.71
C VAL D 84 -22.23 -28.35 -23.51
N ARG D 85 -21.39 -29.34 -23.84
CA ARG D 85 -21.84 -30.72 -23.86
C ARG D 85 -21.88 -31.33 -22.45
N PHE D 86 -20.80 -31.21 -21.69
CA PHE D 86 -20.66 -31.93 -20.44
C PHE D 86 -21.01 -31.12 -19.21
N LEU D 87 -21.00 -29.80 -19.29
CA LEU D 87 -21.46 -28.96 -18.19
C LEU D 87 -22.86 -28.42 -18.42
N GLY D 88 -23.43 -28.63 -19.59
CA GLY D 88 -24.77 -28.17 -19.87
C GLY D 88 -24.90 -26.70 -20.15
N TYR D 89 -23.79 -25.98 -20.25
CA TYR D 89 -23.84 -24.55 -20.47
C TYR D 89 -24.54 -24.23 -21.80
N SER D 90 -25.10 -23.04 -21.86
CA SER D 90 -25.55 -22.55 -23.14
C SER D 90 -24.36 -22.01 -23.92
N PRO D 91 -24.42 -22.03 -25.26
CA PRO D 91 -23.31 -21.50 -26.04
C PRO D 91 -22.87 -20.11 -25.62
N GLU D 92 -23.82 -19.26 -25.21
CA GLU D 92 -23.46 -17.93 -24.74
C GLU D 92 -22.64 -17.99 -23.46
N MET D 93 -23.06 -18.81 -22.51
CA MET D 93 -22.35 -18.89 -21.24
C MET D 93 -20.97 -19.52 -21.43
N ALA D 94 -20.85 -20.50 -22.32
CA ALA D 94 -19.56 -21.11 -22.57
C ALA D 94 -18.61 -20.12 -23.24
N LYS D 95 -19.11 -19.41 -24.25
CA LYS D 95 -18.32 -18.36 -24.87
C LYS D 95 -17.89 -17.31 -23.86
N LEU D 96 -18.80 -16.96 -22.94
CA LEU D 96 -18.48 -15.99 -21.91
C LEU D 96 -17.40 -16.49 -20.97
N GLU D 97 -17.44 -17.78 -20.62
CA GLU D 97 -16.40 -18.35 -19.79
C GLU D 97 -15.03 -18.29 -20.48
N ALA D 98 -14.99 -18.69 -21.75
CA ALA D 98 -13.72 -18.59 -22.49
C ALA D 98 -13.24 -17.15 -22.58
N ASN D 99 -14.17 -16.22 -22.80
CA ASN D 99 -13.80 -14.81 -22.88
C ASN D 99 -13.27 -14.30 -21.56
N TRP D 100 -13.84 -14.76 -20.45
CA TRP D 100 -13.35 -14.30 -19.15
C TRP D 100 -11.98 -14.88 -18.84
N ILE D 101 -11.73 -16.13 -19.26
CA ILE D 101 -10.38 -16.68 -19.17
C ILE D 101 -9.40 -15.78 -19.91
N SER D 102 -9.72 -15.47 -21.17
CA SER D 102 -8.87 -14.58 -21.95
C SER D 102 -8.68 -13.23 -21.26
N MET D 103 -9.75 -12.68 -20.70
CA MET D 103 -9.70 -11.35 -20.10
C MET D 103 -8.80 -11.33 -18.90
N ILE D 104 -8.97 -12.28 -17.98
CA ILE D 104 -8.15 -12.27 -16.78
C ILE D 104 -6.73 -12.68 -17.07
N LEU D 105 -6.47 -13.39 -18.17
CA LEU D 105 -5.09 -13.68 -18.51
C LEU D 105 -4.41 -12.50 -19.19
N SER D 106 -5.15 -11.69 -19.95
CA SER D 106 -4.56 -10.60 -20.72
C SER D 106 -4.48 -9.28 -19.95
N SER D 107 -5.04 -9.19 -18.74
CA SER D 107 -5.01 -7.95 -17.96
C SER D 107 -3.75 -7.94 -17.12
N LYS D 108 -2.70 -7.28 -17.63
CA LYS D 108 -1.41 -7.30 -16.98
C LYS D 108 -1.37 -6.42 -15.74
N SER D 109 -1.93 -5.20 -15.84
CA SER D 109 -1.98 -4.30 -14.71
C SER D 109 -2.76 -4.93 -13.56
N ALA D 110 -3.79 -5.72 -13.88
CA ALA D 110 -4.55 -6.39 -12.83
C ALA D 110 -3.68 -7.35 -12.04
N LEU D 111 -2.81 -8.11 -12.72
CA LEU D 111 -1.95 -9.05 -12.03
C LEU D 111 -0.87 -8.33 -11.24
N TYR D 112 -0.23 -7.34 -11.85
CA TYR D 112 0.75 -6.52 -11.14
C TYR D 112 0.14 -5.94 -9.87
N ASP D 113 -1.08 -5.42 -9.96
CA ASP D 113 -1.70 -4.78 -8.83
C ASP D 113 -2.21 -5.79 -7.81
N ILE D 114 -2.57 -7.00 -8.23
CA ILE D 114 -2.84 -8.07 -7.28
C ILE D 114 -1.62 -8.30 -6.40
N VAL D 115 -0.47 -8.50 -7.05
CA VAL D 115 0.76 -8.73 -6.30
C VAL D 115 1.07 -7.54 -5.39
N GLU D 116 0.93 -6.33 -5.92
CA GLU D 116 1.25 -5.14 -5.14
C GLU D 116 0.35 -4.98 -3.92
N THR D 117 -0.96 -5.12 -4.12
CA THR D 117 -1.89 -4.87 -3.02
C THR D 117 -1.82 -5.98 -1.98
N GLU D 118 -1.58 -7.21 -2.39
CA GLU D 118 -1.59 -8.28 -1.40
C GLU D 118 -0.26 -8.42 -0.68
N LEU D 119 0.86 -8.31 -1.40
CA LEU D 119 2.16 -8.49 -0.77
C LEU D 119 2.85 -7.19 -0.40
N GLY D 120 2.36 -6.05 -0.88
CA GLY D 120 2.93 -4.76 -0.59
C GLY D 120 3.72 -4.16 -1.74
N SER D 121 4.34 -5.01 -2.56
CA SER D 121 5.08 -4.54 -3.72
C SER D 121 5.15 -5.69 -4.71
N ARG D 122 5.12 -5.35 -5.99
CA ARG D 122 5.28 -6.37 -7.01
C ARG D 122 6.71 -6.88 -7.11
N HIS D 123 7.65 -6.21 -6.46
CA HIS D 123 9.05 -6.60 -6.47
C HIS D 123 9.44 -7.46 -5.29
N ILE D 124 8.59 -7.59 -4.27
CA ILE D 124 8.93 -8.37 -3.09
C ILE D 124 9.09 -9.85 -3.40
N VAL D 125 8.61 -10.31 -4.55
CA VAL D 125 8.81 -11.69 -4.95
C VAL D 125 10.15 -11.91 -5.64
N ASP D 126 10.91 -10.85 -5.92
CA ASP D 126 12.22 -11.02 -6.53
C ASP D 126 13.35 -10.27 -5.86
N GLU D 127 13.06 -9.36 -4.93
CA GLU D 127 14.09 -8.54 -4.35
C GLU D 127 13.89 -8.48 -2.86
N TRP D 128 14.96 -8.19 -2.15
CA TRP D 128 14.90 -8.01 -0.71
C TRP D 128 14.56 -6.55 -0.45
N LEU D 129 13.40 -6.32 0.13
CA LEU D 129 12.93 -4.97 0.30
C LEU D 129 13.09 -4.52 1.74
N PRO D 130 13.59 -3.31 1.96
CA PRO D 130 13.74 -2.82 3.33
C PRO D 130 12.41 -2.36 3.91
N GLN D 131 11.64 -3.30 4.44
CA GLN D 131 10.33 -2.94 4.99
C GLN D 131 10.48 -2.07 6.23
N GLY D 132 11.12 -2.62 7.26
CA GLY D 132 11.53 -1.83 8.40
C GLY D 132 12.39 -2.70 9.28
N ASP D 133 13.58 -2.24 9.66
CA ASP D 133 14.51 -3.01 10.48
C ASP D 133 14.83 -4.37 9.88
N CYS D 134 14.50 -4.60 8.61
CA CYS D 134 14.63 -5.91 8.00
C CYS D 134 14.70 -5.75 6.49
N TYR D 135 15.10 -6.84 5.82
CA TYR D 135 14.95 -6.99 4.38
C TYR D 135 14.07 -8.21 4.16
N VAL D 136 12.95 -8.03 3.48
CA VAL D 136 11.97 -9.09 3.32
C VAL D 136 11.93 -9.53 1.88
N LYS D 137 11.84 -10.84 1.66
CA LYS D 137 11.61 -11.40 0.34
C LYS D 137 10.47 -12.40 0.42
N ALA D 138 9.60 -12.39 -0.59
CA ALA D 138 8.49 -13.32 -0.64
C ALA D 138 8.91 -14.51 -1.51
N MET D 139 9.15 -15.64 -0.88
CA MET D 139 9.53 -16.84 -1.60
C MET D 139 8.30 -17.71 -1.80
N PRO D 140 8.32 -18.60 -2.79
CA PRO D 140 7.19 -19.52 -2.95
C PRO D 140 7.18 -20.58 -1.86
N LYS D 141 6.03 -21.20 -1.68
CA LYS D 141 5.95 -22.38 -0.83
C LYS D 141 6.33 -23.64 -1.60
N GLY D 142 5.94 -23.71 -2.87
CA GLY D 142 6.29 -24.83 -3.73
C GLY D 142 5.26 -25.94 -3.70
N LYS D 143 5.04 -26.53 -4.87
CA LYS D 143 4.17 -27.71 -5.02
C LYS D 143 2.78 -27.47 -4.40
N SER D 144 2.28 -26.25 -4.54
CA SER D 144 0.92 -25.92 -4.14
C SER D 144 -0.08 -26.91 -4.71
N VAL D 145 -1.00 -27.39 -3.88
CA VAL D 145 -2.04 -28.33 -4.28
C VAL D 145 -3.37 -27.60 -4.28
N HIS D 146 -4.09 -27.67 -5.40
CA HIS D 146 -5.37 -26.99 -5.58
C HIS D 146 -6.47 -28.02 -5.77
N LEU D 147 -7.41 -28.07 -4.83
CA LEU D 147 -8.57 -28.94 -4.94
C LEU D 147 -9.76 -28.09 -5.35
N LEU D 148 -10.26 -28.31 -6.56
CA LEU D 148 -11.27 -27.43 -7.16
C LEU D 148 -12.68 -27.91 -6.87
N ALA D 149 -13.63 -26.98 -6.99
CA ALA D 149 -15.01 -27.19 -6.56
C ALA D 149 -15.91 -27.71 -7.67
N GLY D 150 -16.05 -26.93 -8.76
CA GLY D 150 -16.83 -27.39 -9.89
C GLY D 150 -17.84 -26.41 -10.46
N ASN D 151 -18.32 -25.47 -9.65
CA ASN D 151 -19.36 -24.55 -10.12
C ASN D 151 -18.80 -23.54 -11.10
N VAL D 152 -17.80 -22.78 -10.68
CA VAL D 152 -17.26 -21.66 -11.45
C VAL D 152 -15.87 -22.06 -11.95
N PRO D 153 -15.66 -22.20 -13.25
CA PRO D 153 -14.30 -22.45 -13.74
C PRO D 153 -13.33 -21.32 -13.44
N LEU D 154 -13.80 -20.08 -13.46
CA LEU D 154 -12.92 -18.95 -13.18
C LEU D 154 -12.32 -19.02 -11.78
N SER D 155 -12.99 -19.67 -10.82
CA SER D 155 -12.41 -19.85 -9.50
C SER D 155 -11.12 -20.63 -9.59
N GLY D 156 -11.15 -21.78 -10.26
CA GLY D 156 -9.95 -22.57 -10.43
C GLY D 156 -8.90 -21.85 -11.25
N VAL D 157 -9.34 -21.13 -12.28
CA VAL D 157 -8.38 -20.37 -13.11
C VAL D 157 -7.66 -19.33 -12.26
N THR D 158 -8.40 -18.59 -11.45
CA THR D 158 -7.79 -17.55 -10.62
C THR D 158 -6.91 -18.15 -9.55
N SER D 159 -7.31 -19.30 -8.99
CA SER D 159 -6.45 -20.00 -8.04
C SER D 159 -5.12 -20.36 -8.65
N ILE D 160 -5.14 -20.96 -9.84
CA ILE D 160 -3.90 -21.34 -10.52
C ILE D 160 -3.07 -20.11 -10.83
N ILE D 161 -3.72 -19.02 -11.25
CA ILE D 161 -2.98 -17.81 -11.59
C ILE D 161 -2.32 -17.22 -10.35
N ARG D 162 -3.04 -17.22 -9.23
CA ARG D 162 -2.46 -16.74 -7.97
C ARG D 162 -1.24 -17.56 -7.60
N ALA D 163 -1.33 -18.89 -7.73
CA ALA D 163 -0.19 -19.73 -7.42
C ALA D 163 0.97 -19.48 -8.38
N ILE D 164 0.67 -19.16 -9.64
CA ILE D 164 1.72 -18.91 -10.61
C ILE D 164 2.44 -17.60 -10.30
N LEU D 165 1.68 -16.55 -9.97
CA LEU D 165 2.28 -15.25 -9.69
C LEU D 165 3.24 -15.30 -8.51
N THR D 166 3.09 -16.29 -7.63
CA THR D 166 3.98 -16.46 -6.49
C THR D 166 5.05 -17.50 -6.75
N LYS D 167 5.19 -17.96 -8.00
CA LYS D 167 6.22 -18.91 -8.41
C LYS D 167 6.04 -20.26 -7.73
N ASN D 168 4.79 -20.66 -7.53
CA ASN D 168 4.49 -21.96 -6.95
C ASN D 168 4.28 -22.99 -8.05
N GLU D 169 4.62 -24.23 -7.74
CA GLU D 169 4.27 -25.34 -8.63
C GLU D 169 2.87 -25.82 -8.30
N CYS D 170 2.09 -26.09 -9.34
CA CYS D 170 0.67 -26.36 -9.18
C CYS D 170 0.38 -27.83 -9.42
N ILE D 171 -0.25 -28.48 -8.44
CA ILE D 171 -0.82 -29.80 -8.57
C ILE D 171 -2.33 -29.61 -8.44
N ILE D 172 -3.02 -29.62 -9.57
CA ILE D 172 -4.44 -29.30 -9.62
C ILE D 172 -5.22 -30.60 -9.69
N LYS D 173 -6.04 -30.85 -8.67
CA LYS D 173 -7.03 -31.91 -8.69
C LYS D 173 -8.34 -31.31 -9.18
N THR D 174 -8.76 -31.71 -10.37
CA THR D 174 -9.97 -31.13 -10.93
C THR D 174 -11.19 -31.67 -10.22
N SER D 175 -12.28 -30.92 -10.30
CA SER D 175 -13.53 -31.34 -9.70
C SER D 175 -14.17 -32.44 -10.52
N SER D 176 -15.09 -33.17 -9.88
CA SER D 176 -15.84 -34.20 -10.57
C SER D 176 -16.89 -33.64 -11.50
N ALA D 177 -17.03 -32.31 -11.56
CA ALA D 177 -17.99 -31.66 -12.44
C ALA D 177 -17.35 -30.86 -13.56
N ASP D 178 -16.16 -30.32 -13.35
CA ASP D 178 -15.46 -29.54 -14.36
C ASP D 178 -14.03 -30.06 -14.48
N PRO D 179 -13.83 -31.16 -15.19
CA PRO D 179 -12.48 -31.66 -15.39
C PRO D 179 -11.81 -31.09 -16.64
N PHE D 180 -12.37 -30.02 -17.20
CA PHE D 180 -11.89 -29.50 -18.46
C PHE D 180 -11.13 -28.19 -18.36
N THR D 181 -11.46 -27.34 -17.37
CA THR D 181 -10.89 -26.00 -17.35
C THR D 181 -9.39 -26.03 -17.04
N ALA D 182 -9.00 -26.78 -16.01
CA ALA D 182 -7.58 -26.84 -15.66
C ALA D 182 -6.77 -27.51 -16.76
N ILE D 183 -7.32 -28.56 -17.37
CA ILE D 183 -6.63 -29.22 -18.47
C ILE D 183 -6.46 -28.25 -19.63
N ALA D 184 -7.51 -27.48 -19.94
CA ALA D 184 -7.42 -26.53 -21.04
C ALA D 184 -6.39 -25.44 -20.76
N LEU D 185 -6.37 -24.93 -19.53
CA LEU D 185 -5.42 -23.88 -19.19
C LEU D 185 -3.98 -24.40 -19.24
N ALA D 186 -3.72 -25.58 -18.68
CA ALA D 186 -2.37 -26.12 -18.70
C ALA D 186 -1.93 -26.46 -20.12
N SER D 187 -2.82 -27.06 -20.92
CA SER D 187 -2.48 -27.36 -22.29
C SER D 187 -2.27 -26.09 -23.09
N SER D 188 -2.93 -25.00 -22.72
CA SER D 188 -2.67 -23.72 -23.37
C SER D 188 -1.30 -23.20 -23.02
N PHE D 189 -0.91 -23.31 -21.75
CA PHE D 189 0.46 -22.99 -21.36
C PHE D 189 1.45 -23.77 -22.20
N ILE D 190 1.19 -25.08 -22.37
CA ILE D 190 2.08 -25.92 -23.15
C ILE D 190 2.12 -25.46 -24.60
N ASP D 191 0.97 -25.13 -25.17
CA ASP D 191 0.90 -24.67 -26.56
C ASP D 191 1.66 -23.37 -26.75
N THR D 192 1.71 -22.52 -25.73
CA THR D 192 2.45 -21.27 -25.86
C THR D 192 3.95 -21.52 -25.83
N ASP D 193 4.43 -22.22 -24.82
CA ASP D 193 5.86 -22.52 -24.70
C ASP D 193 6.00 -23.73 -23.79
N GLU D 194 6.37 -24.87 -24.35
CA GLU D 194 6.45 -26.09 -23.55
C GLU D 194 7.67 -26.14 -22.65
N HIS D 195 8.68 -25.30 -22.89
CA HIS D 195 9.88 -25.30 -22.09
C HIS D 195 9.91 -24.18 -21.06
N HIS D 196 8.83 -23.41 -20.98
CA HIS D 196 8.75 -22.36 -19.98
C HIS D 196 8.60 -22.96 -18.59
N PRO D 197 9.19 -22.32 -17.57
CA PRO D 197 9.03 -22.83 -16.21
C PRO D 197 7.59 -22.86 -15.75
N ILE D 198 6.74 -21.99 -16.29
CA ILE D 198 5.33 -21.99 -15.89
C ILE D 198 4.60 -23.18 -16.49
N SER D 199 4.91 -23.51 -17.74
CA SER D 199 4.29 -24.68 -18.36
C SER D 199 4.72 -25.97 -17.68
N ARG D 200 5.97 -26.03 -17.25
CA ARG D 200 6.52 -27.20 -16.60
C ARG D 200 6.13 -27.30 -15.13
N SER D 201 5.37 -26.35 -14.61
CA SER D 201 4.96 -26.33 -13.22
C SER D 201 3.54 -26.82 -13.01
N MET D 202 2.84 -27.21 -14.07
CA MET D 202 1.45 -27.61 -13.99
C MET D 202 1.34 -29.13 -13.98
N SER D 203 0.55 -29.67 -13.06
CA SER D 203 0.26 -31.10 -13.02
C SER D 203 -1.23 -31.23 -12.72
N VAL D 204 -2.02 -31.53 -13.73
CA VAL D 204 -3.46 -31.63 -13.59
C VAL D 204 -3.86 -33.10 -13.58
N MET D 205 -4.72 -33.46 -12.63
CA MET D 205 -5.13 -34.85 -12.46
C MET D 205 -6.48 -34.86 -11.75
N TYR D 206 -6.96 -36.07 -11.43
CA TYR D 206 -8.24 -36.22 -10.77
C TYR D 206 -8.22 -37.48 -9.91
N TRP D 207 -8.80 -37.38 -8.72
CA TRP D 207 -9.10 -38.54 -7.90
C TRP D 207 -10.39 -38.28 -7.16
N SER D 208 -11.12 -39.36 -6.88
CA SER D 208 -12.40 -39.25 -6.19
C SER D 208 -12.21 -39.44 -4.69
N HIS D 209 -13.27 -39.21 -3.93
CA HIS D 209 -13.26 -39.45 -2.50
C HIS D 209 -13.69 -40.86 -2.12
N ASN D 210 -14.22 -41.62 -3.08
CA ASN D 210 -14.71 -42.96 -2.82
C ASN D 210 -13.66 -44.03 -3.08
N GLU D 211 -12.51 -43.66 -3.63
CA GLU D 211 -11.48 -44.62 -4.00
C GLU D 211 -10.49 -44.84 -2.86
N ASP D 212 -9.54 -45.73 -3.10
CA ASP D 212 -8.49 -45.98 -2.13
C ASP D 212 -7.69 -44.70 -1.92
N ILE D 213 -7.27 -44.47 -0.67
CA ILE D 213 -6.68 -43.19 -0.29
C ILE D 213 -5.16 -43.16 -0.41
N ALA D 214 -4.53 -44.30 -0.71
CA ALA D 214 -3.07 -44.37 -0.69
C ALA D 214 -2.44 -43.33 -1.62
N ILE D 215 -2.84 -43.33 -2.89
CA ILE D 215 -2.22 -42.46 -3.89
C ILE D 215 -2.61 -41.01 -3.67
N PRO D 216 -3.88 -40.66 -3.44
CA PRO D 216 -4.17 -39.24 -3.12
C PRO D 216 -3.49 -38.77 -1.86
N GLN D 217 -3.30 -39.63 -0.86
CA GLN D 217 -2.58 -39.21 0.33
C GLN D 217 -1.10 -38.96 0.03
N GLN D 218 -0.50 -39.84 -0.79
CA GLN D 218 0.89 -39.61 -1.20
C GLN D 218 1.02 -38.31 -1.95
N ILE D 219 0.03 -37.96 -2.78
CA ILE D 219 0.08 -36.70 -3.50
C ILE D 219 -0.09 -35.52 -2.54
N MET D 220 -0.95 -35.69 -1.53
CA MET D 220 -1.19 -34.60 -0.60
C MET D 220 0.01 -34.35 0.31
N ASN D 221 0.81 -35.39 0.58
CA ASN D 221 1.94 -35.20 1.47
C ASN D 221 3.02 -34.29 0.89
N CYS D 222 3.11 -34.17 -0.43
CA CYS D 222 4.07 -33.25 -1.05
C CYS D 222 3.37 -31.96 -1.49
N ALA D 223 2.89 -31.19 -0.52
CA ALA D 223 2.04 -30.04 -0.83
C ALA D 223 2.70 -28.70 -0.50
N ASP D 224 3.12 -28.51 0.74
CA ASP D 224 3.72 -27.27 1.24
C ASP D 224 2.70 -26.15 1.34
N VAL D 225 1.55 -26.31 0.69
CA VAL D 225 0.37 -25.45 0.86
C VAL D 225 -0.78 -26.11 0.10
N VAL D 226 -1.99 -25.99 0.63
CA VAL D 226 -3.17 -26.60 0.02
C VAL D 226 -4.23 -25.52 -0.15
N VAL D 227 -4.88 -25.52 -1.31
CA VAL D 227 -5.96 -24.59 -1.60
C VAL D 227 -7.20 -25.43 -1.89
N SER D 228 -8.16 -25.40 -0.98
CA SER D 228 -9.39 -26.16 -1.12
C SER D 228 -10.54 -25.23 -1.46
N TRP D 229 -11.45 -25.70 -2.32
CA TRP D 229 -12.47 -24.84 -2.91
C TRP D 229 -13.89 -25.34 -2.75
N GLY D 230 -14.11 -26.62 -2.44
CA GLY D 230 -15.44 -27.16 -2.46
C GLY D 230 -16.38 -26.72 -1.34
N GLY D 231 -17.34 -27.57 -1.03
CA GLY D 231 -18.30 -27.27 0.03
C GLY D 231 -17.79 -27.62 1.40
N TYR D 232 -18.64 -28.22 2.23
CA TYR D 232 -18.22 -28.55 3.59
C TYR D 232 -17.38 -29.82 3.62
N ASP D 233 -17.87 -30.89 2.98
CA ASP D 233 -17.15 -32.15 3.02
C ASP D 233 -15.82 -32.06 2.27
N ALA D 234 -15.75 -31.22 1.24
CA ALA D 234 -14.50 -31.03 0.54
C ALA D 234 -13.44 -30.41 1.45
N ILE D 235 -13.82 -29.37 2.19
CA ILE D 235 -12.89 -28.73 3.11
C ILE D 235 -12.56 -29.65 4.27
N LYS D 236 -13.52 -30.46 4.71
CA LYS D 236 -13.25 -31.44 5.76
C LYS D 236 -12.23 -32.47 5.29
N TRP D 237 -12.38 -32.96 4.06
CA TRP D 237 -11.41 -33.88 3.49
C TRP D 237 -10.04 -33.24 3.40
N ALA D 238 -9.98 -32.00 2.92
CA ALA D 238 -8.71 -31.30 2.83
C ALA D 238 -8.05 -31.18 4.20
N THR D 239 -8.83 -30.85 5.22
CA THR D 239 -8.28 -30.69 6.56
C THR D 239 -7.80 -32.02 7.12
N GLU D 240 -8.51 -33.10 6.82
CA GLU D 240 -8.16 -34.40 7.40
C GLU D 240 -6.98 -35.06 6.70
N HIS D 241 -6.74 -34.74 5.43
CA HIS D 241 -5.73 -35.42 4.63
C HIS D 241 -4.59 -34.50 4.23
N THR D 242 -4.28 -33.53 5.07
CA THR D 242 -3.16 -32.63 4.88
C THR D 242 -2.17 -32.79 6.03
N PRO D 243 -0.87 -32.77 5.76
CA PRO D 243 0.10 -32.77 6.86
C PRO D 243 -0.18 -31.63 7.82
N VAL D 244 -0.04 -31.91 9.11
CA VAL D 244 -0.50 -30.97 10.12
C VAL D 244 0.31 -29.67 10.13
N ASN D 245 1.49 -29.66 9.53
CA ASN D 245 2.31 -28.46 9.49
C ASN D 245 2.17 -27.71 8.17
N VAL D 246 1.13 -28.00 7.40
CA VAL D 246 0.91 -27.40 6.10
C VAL D 246 -0.37 -26.56 6.16
N ASP D 247 -0.31 -25.38 5.56
CA ASP D 247 -1.42 -24.44 5.60
C ASP D 247 -2.45 -24.75 4.52
N ILE D 248 -3.71 -24.42 4.82
CA ILE D 248 -4.83 -24.68 3.92
C ILE D 248 -5.58 -23.38 3.70
N LEU D 249 -5.72 -22.98 2.45
CA LEU D 249 -6.59 -21.87 2.07
C LEU D 249 -7.99 -22.44 1.83
N LYS D 250 -8.93 -22.09 2.69
CA LYS D 250 -10.27 -22.64 2.62
C LYS D 250 -11.22 -21.63 1.99
N PHE D 251 -11.84 -22.03 0.88
CA PHE D 251 -12.87 -21.24 0.21
C PHE D 251 -14.16 -22.02 0.32
N GLY D 252 -14.89 -21.78 1.41
CA GLY D 252 -16.07 -22.56 1.71
C GLY D 252 -17.30 -22.08 0.97
N PRO D 253 -18.42 -22.74 1.26
CA PRO D 253 -19.68 -22.33 0.65
C PRO D 253 -20.22 -21.07 1.29
N LYS D 254 -20.74 -20.18 0.45
CA LYS D 254 -21.23 -18.88 0.89
C LYS D 254 -22.69 -18.70 0.46
N LYS D 255 -23.27 -17.59 0.90
CA LYS D 255 -24.64 -17.23 0.56
C LYS D 255 -24.69 -15.71 0.42
N SER D 256 -24.69 -15.23 -0.82
CA SER D 256 -24.66 -13.80 -1.07
C SER D 256 -26.07 -13.26 -1.27
N ILE D 257 -26.24 -11.98 -0.94
CA ILE D 257 -27.53 -11.32 -0.92
C ILE D 257 -27.40 -9.98 -1.64
N ALA D 258 -28.52 -9.29 -1.80
CA ALA D 258 -28.54 -7.99 -2.45
C ALA D 258 -29.41 -7.04 -1.63
N ILE D 259 -29.04 -5.77 -1.63
CA ILE D 259 -29.79 -4.74 -0.93
C ILE D 259 -30.13 -3.64 -1.92
N VAL D 260 -31.41 -3.32 -2.04
CA VAL D 260 -31.90 -2.27 -2.92
C VAL D 260 -32.47 -1.19 -2.03
N ASP D 261 -31.79 -0.04 -1.97
CA ASP D 261 -32.12 0.93 -0.92
C ASP D 261 -33.34 1.77 -1.29
N ASN D 262 -33.23 2.60 -2.31
CA ASN D 262 -34.40 3.29 -2.84
C ASN D 262 -34.01 3.87 -4.20
N PRO D 263 -33.96 3.06 -5.24
CA PRO D 263 -33.39 3.52 -6.51
C PRO D 263 -34.35 4.47 -7.22
N VAL D 264 -33.86 5.66 -7.54
CA VAL D 264 -34.60 6.53 -8.44
C VAL D 264 -34.54 5.99 -9.85
N ASP D 265 -33.41 5.37 -10.22
CA ASP D 265 -33.26 4.71 -11.51
C ASP D 265 -33.43 3.22 -11.31
N ILE D 266 -34.69 2.76 -11.37
CA ILE D 266 -34.99 1.37 -11.06
C ILE D 266 -34.50 0.43 -12.15
N THR D 267 -34.33 0.93 -13.37
CA THR D 267 -34.02 0.04 -14.48
C THR D 267 -32.60 -0.51 -14.37
N ALA D 268 -31.62 0.34 -14.03
CA ALA D 268 -30.26 -0.15 -13.85
C ALA D 268 -30.16 -1.05 -12.63
N SER D 269 -30.92 -0.72 -11.58
CA SER D 269 -30.98 -1.57 -10.40
C SER D 269 -31.45 -2.98 -10.77
N ALA D 270 -32.55 -3.07 -11.50
CA ALA D 270 -33.06 -4.37 -11.91
C ALA D 270 -32.08 -5.08 -12.83
N ILE D 271 -31.43 -4.33 -13.73
CA ILE D 271 -30.42 -4.92 -14.61
C ILE D 271 -29.33 -5.59 -13.78
N GLY D 272 -28.82 -4.87 -12.79
CA GLY D 272 -27.76 -5.42 -11.96
C GLY D 272 -28.21 -6.65 -11.18
N VAL D 273 -29.36 -6.55 -10.51
CA VAL D 273 -29.82 -7.66 -9.71
C VAL D 273 -30.07 -8.89 -10.58
N ALA D 274 -30.59 -8.68 -11.79
CA ALA D 274 -30.78 -9.80 -12.71
C ALA D 274 -29.46 -10.40 -13.14
N HIS D 275 -28.47 -9.56 -13.42
CA HIS D 275 -27.13 -10.04 -13.73
C HIS D 275 -26.61 -10.95 -12.61
N ASP D 276 -26.73 -10.49 -11.36
CA ASP D 276 -26.21 -11.27 -10.25
C ASP D 276 -26.99 -12.56 -10.04
N ILE D 277 -28.29 -12.55 -10.33
CA ILE D 277 -29.07 -13.77 -10.19
C ILE D 277 -28.70 -14.77 -11.29
N CYS D 278 -28.47 -14.28 -12.50
CA CYS D 278 -28.40 -15.16 -13.66
C CYS D 278 -26.99 -15.60 -14.01
N PHE D 279 -25.95 -14.88 -13.60
CA PHE D 279 -24.60 -15.27 -13.96
C PHE D 279 -24.22 -16.59 -13.32
N TYR D 280 -23.60 -17.47 -14.12
CA TYR D 280 -23.19 -18.81 -13.70
C TYR D 280 -24.37 -19.64 -13.21
N ASP D 281 -25.58 -19.32 -13.69
CA ASP D 281 -26.79 -20.04 -13.33
C ASP D 281 -27.03 -20.03 -11.83
N GLN D 282 -26.61 -18.97 -11.15
CA GLN D 282 -26.75 -18.79 -9.71
C GLN D 282 -26.03 -19.86 -8.91
N GLN D 283 -24.96 -20.43 -9.47
CA GLN D 283 -24.22 -21.50 -8.82
C GLN D 283 -22.96 -21.03 -8.12
N ALA D 284 -22.59 -19.76 -8.27
CA ALA D 284 -21.39 -19.25 -7.65
C ALA D 284 -21.65 -18.88 -6.19
N CYS D 285 -20.57 -18.62 -5.46
CA CYS D 285 -20.70 -18.17 -4.09
C CYS D 285 -21.02 -16.69 -3.98
N PHE D 286 -20.80 -15.94 -5.05
CA PHE D 286 -21.14 -14.52 -5.10
C PHE D 286 -22.49 -14.28 -5.76
N SER D 287 -23.23 -15.34 -6.06
CA SER D 287 -24.52 -15.20 -6.70
C SER D 287 -25.58 -14.77 -5.69
N THR D 288 -26.45 -13.86 -6.12
CA THR D 288 -27.47 -13.32 -5.25
C THR D 288 -28.59 -14.35 -5.06
N GLN D 289 -28.92 -14.64 -3.81
CA GLN D 289 -30.02 -15.55 -3.49
C GLN D 289 -31.22 -14.83 -2.89
N ASP D 290 -31.01 -13.88 -2.01
CA ASP D 290 -32.08 -13.12 -1.37
C ASP D 290 -31.88 -11.64 -1.65
N ILE D 291 -32.96 -10.96 -2.00
CA ILE D 291 -32.96 -9.52 -2.22
C ILE D 291 -33.73 -8.87 -1.08
N TYR D 292 -33.21 -7.76 -0.58
CA TYR D 292 -33.82 -7.02 0.52
C TYR D 292 -34.12 -5.63 0.00
N TYR D 293 -35.39 -5.36 -0.29
CA TYR D 293 -35.79 -4.08 -0.85
C TYR D 293 -36.22 -3.14 0.27
N ILE D 294 -35.62 -1.95 0.27
CA ILE D 294 -36.06 -0.84 1.09
C ILE D 294 -36.77 0.13 0.16
N GLY D 295 -37.77 0.84 0.67
CA GLY D 295 -38.39 1.85 -0.16
C GLY D 295 -39.88 1.69 -0.18
N ASP D 296 -40.50 2.25 -1.22
CA ASP D 296 -41.94 2.37 -1.28
C ASP D 296 -42.58 1.81 -2.55
N ASN D 297 -41.81 1.28 -3.49
CA ASN D 297 -42.29 0.77 -4.78
C ASN D 297 -41.71 -0.60 -5.06
N ILE D 298 -41.89 -1.53 -4.12
CA ILE D 298 -41.34 -2.86 -4.28
C ILE D 298 -41.93 -3.56 -5.50
N ASP D 299 -43.15 -3.20 -5.89
CA ASP D 299 -43.80 -3.85 -7.01
C ASP D 299 -43.31 -3.30 -8.34
N ALA D 300 -42.98 -2.01 -8.39
CA ALA D 300 -42.33 -1.45 -9.57
C ALA D 300 -40.97 -2.12 -9.81
N PHE D 301 -40.18 -2.26 -8.75
CA PHE D 301 -38.92 -2.97 -8.87
C PHE D 301 -39.14 -4.43 -9.23
N PHE D 302 -40.19 -5.04 -8.70
CA PHE D 302 -40.53 -6.41 -9.06
C PHE D 302 -40.76 -6.54 -10.56
N ASP D 303 -41.56 -5.63 -11.13
CA ASP D 303 -41.86 -5.68 -12.55
C ASP D 303 -40.60 -5.44 -13.39
N GLU D 304 -39.79 -4.46 -13.00
CA GLU D 304 -38.58 -4.18 -13.76
C GLU D 304 -37.59 -5.35 -13.69
N LEU D 305 -37.50 -5.99 -12.52
CA LEU D 305 -36.64 -7.15 -12.39
C LEU D 305 -37.17 -8.32 -13.21
N VAL D 306 -38.49 -8.45 -13.31
CA VAL D 306 -39.06 -9.48 -14.17
C VAL D 306 -38.66 -9.23 -15.62
N GLU D 307 -38.72 -7.97 -16.04
CA GLU D 307 -38.31 -7.63 -17.42
C GLU D 307 -36.84 -7.95 -17.64
N GLN D 308 -35.97 -7.59 -16.69
CA GLN D 308 -34.55 -7.87 -16.88
C GLN D 308 -34.25 -9.35 -16.83
N LEU D 309 -34.98 -10.12 -16.03
CA LEU D 309 -34.80 -11.57 -16.03
C LEU D 309 -35.28 -12.17 -17.35
N ASN D 310 -36.33 -11.61 -17.93
CA ASN D 310 -36.75 -12.06 -19.26
C ASN D 310 -35.70 -11.74 -20.32
N LEU D 311 -35.00 -10.60 -20.17
CA LEU D 311 -33.90 -10.28 -21.07
C LEU D 311 -32.78 -11.30 -20.93
N TYR D 312 -32.37 -11.58 -19.70
CA TYR D 312 -31.33 -12.59 -19.47
C TYR D 312 -31.78 -13.99 -19.87
N MET D 313 -33.08 -14.23 -19.96
CA MET D 313 -33.57 -15.49 -20.50
C MET D 313 -33.10 -15.69 -21.94
N ASP D 314 -32.85 -14.61 -22.66
CA ASP D 314 -32.44 -14.67 -24.06
C ASP D 314 -30.97 -14.40 -24.27
N ILE D 315 -30.39 -13.41 -23.59
CA ILE D 315 -28.99 -13.09 -23.85
C ILE D 315 -28.03 -14.00 -23.10
N LEU D 316 -28.50 -14.78 -22.14
CA LEU D 316 -27.65 -15.72 -21.40
C LEU D 316 -28.52 -16.82 -20.83
N PRO D 317 -28.91 -17.78 -21.65
CA PRO D 317 -29.89 -18.80 -21.20
C PRO D 317 -29.34 -19.77 -20.17
N LYS D 318 -30.22 -20.62 -19.66
CA LYS D 318 -29.90 -21.54 -18.59
C LYS D 318 -29.11 -22.75 -19.12
N GLY D 319 -28.81 -23.66 -18.20
CA GLY D 319 -28.16 -24.91 -18.52
C GLY D 319 -29.13 -25.94 -19.07
N ASP D 320 -28.97 -27.21 -18.68
CA ASP D 320 -29.82 -28.26 -19.21
C ASP D 320 -30.84 -28.80 -18.22
N GLN D 321 -30.66 -28.58 -16.92
CA GLN D 321 -31.74 -28.76 -15.95
C GLN D 321 -32.32 -30.17 -15.94
N THR D 322 -31.55 -31.13 -15.45
CA THR D 322 -31.99 -32.52 -15.33
C THR D 322 -33.35 -32.66 -14.65
N PHE D 323 -34.01 -33.80 -14.91
CA PHE D 323 -35.36 -34.09 -14.44
C PHE D 323 -35.62 -33.65 -13.00
N ASP D 324 -34.76 -34.05 -12.07
CA ASP D 324 -34.98 -33.71 -10.66
C ASP D 324 -34.94 -32.21 -10.44
N GLU D 325 -34.09 -31.49 -11.18
CA GLU D 325 -34.05 -30.04 -11.03
C GLU D 325 -35.34 -29.39 -11.52
N LYS D 326 -35.91 -29.91 -12.61
CA LYS D 326 -37.20 -29.43 -13.08
C LYS D 326 -38.28 -29.67 -12.05
N ALA D 327 -38.31 -30.89 -11.49
CA ALA D 327 -39.32 -31.20 -10.49
C ALA D 327 -39.16 -30.32 -9.25
N SER D 328 -37.91 -30.08 -8.83
CA SER D 328 -37.67 -29.18 -7.72
C SER D 328 -38.21 -27.78 -8.02
N PHE D 329 -37.91 -27.26 -9.20
CA PHE D 329 -38.40 -25.95 -9.58
C PHE D 329 -39.92 -25.89 -9.46
N SER D 330 -40.61 -26.88 -10.04
CA SER D 330 -42.07 -26.87 -10.03
C SER D 330 -42.62 -26.98 -8.61
N LEU D 331 -42.08 -27.91 -7.81
CA LEU D 331 -42.61 -28.11 -6.47
C LEU D 331 -42.35 -26.90 -5.59
N ILE D 332 -41.23 -26.21 -5.80
CA ILE D 332 -40.94 -25.03 -5.00
C ILE D 332 -41.81 -23.86 -5.44
N GLU D 333 -42.10 -23.75 -6.73
CA GLU D 333 -43.07 -22.76 -7.18
C GLU D 333 -44.44 -23.02 -6.56
N LYS D 334 -44.84 -24.29 -6.46
CA LYS D 334 -46.09 -24.63 -5.80
C LYS D 334 -46.05 -24.25 -4.31
N GLU D 335 -44.94 -24.57 -3.64
CA GLU D 335 -44.77 -24.19 -2.24
C GLU D 335 -44.94 -22.69 -2.05
N CYS D 336 -44.36 -21.89 -2.93
CA CYS D 336 -44.41 -20.45 -2.75
C CYS D 336 -45.77 -19.88 -3.14
N GLN D 337 -46.46 -20.51 -4.08
CA GLN D 337 -47.81 -20.08 -4.40
C GLN D 337 -48.79 -20.43 -3.28
N PHE D 338 -48.54 -21.51 -2.56
CA PHE D 338 -49.40 -21.91 -1.46
C PHE D 338 -49.30 -20.97 -0.26
N ALA D 339 -48.43 -19.96 -0.31
CA ALA D 339 -48.25 -19.05 0.82
C ALA D 339 -48.43 -17.59 0.42
N LYS D 340 -49.13 -17.34 -0.67
CA LYS D 340 -49.42 -15.99 -1.18
C LYS D 340 -48.13 -15.18 -1.31
N TYR D 341 -47.10 -15.80 -1.88
CA TYR D 341 -45.80 -15.16 -1.93
C TYR D 341 -45.57 -14.34 -3.20
N LYS D 342 -46.60 -14.09 -3.98
CA LYS D 342 -46.49 -13.33 -5.23
C LYS D 342 -45.40 -13.92 -6.13
N VAL D 343 -45.68 -15.15 -6.56
CA VAL D 343 -44.72 -15.90 -7.38
C VAL D 343 -44.82 -15.45 -8.83
N GLU D 344 -43.67 -15.31 -9.48
CA GLU D 344 -43.61 -15.09 -10.92
C GLU D 344 -42.47 -15.91 -11.48
N LYS D 345 -42.62 -16.43 -12.69
CA LYS D 345 -41.59 -17.25 -13.29
C LYS D 345 -41.52 -16.98 -14.77
N GLY D 346 -40.42 -17.44 -15.38
CA GLY D 346 -40.20 -17.29 -16.80
C GLY D 346 -40.55 -18.56 -17.56
N ASP D 347 -40.57 -18.43 -18.88
CA ASP D 347 -40.92 -19.56 -19.73
C ASP D 347 -39.83 -20.63 -19.68
N ASN D 348 -40.26 -21.89 -19.83
CA ASN D 348 -39.39 -23.06 -19.66
C ASN D 348 -38.69 -23.03 -18.31
N GLN D 349 -39.39 -22.57 -17.28
CA GLN D 349 -38.86 -22.36 -15.94
C GLN D 349 -37.44 -21.80 -16.00
N SER D 350 -37.33 -20.60 -16.58
CA SER D 350 -36.02 -19.99 -16.74
C SER D 350 -35.59 -19.28 -15.47
N TRP D 351 -36.53 -18.68 -14.75
CA TRP D 351 -36.21 -17.98 -13.51
C TRP D 351 -37.42 -18.02 -12.59
N LEU D 352 -37.24 -17.51 -11.38
CA LEU D 352 -38.29 -17.51 -10.38
C LEU D 352 -38.07 -16.33 -9.44
N LEU D 353 -39.08 -15.47 -9.33
CA LEU D 353 -39.09 -14.36 -8.40
C LEU D 353 -40.21 -14.59 -7.38
N VAL D 354 -39.86 -14.50 -6.11
CA VAL D 354 -40.80 -14.77 -5.02
C VAL D 354 -40.72 -13.61 -4.03
N LYS D 355 -41.83 -12.94 -3.81
CA LYS D 355 -41.90 -11.82 -2.85
C LYS D 355 -42.51 -12.33 -1.56
N SER D 356 -41.69 -12.90 -0.71
CA SER D 356 -42.15 -13.37 0.59
C SER D 356 -41.84 -12.35 1.67
N PRO D 357 -42.59 -12.34 2.76
CA PRO D 357 -42.26 -11.43 3.87
C PRO D 357 -40.95 -11.81 4.54
N LEU D 358 -40.36 -10.85 5.23
CA LEU D 358 -39.07 -11.04 5.85
C LEU D 358 -39.11 -12.16 6.88
N GLY D 359 -38.10 -13.02 6.86
CA GLY D 359 -38.01 -14.12 7.79
C GLY D 359 -38.90 -15.30 7.47
N SER D 360 -39.53 -15.31 6.31
CA SER D 360 -40.50 -16.34 6.01
C SER D 360 -39.82 -17.63 5.53
N PHE D 361 -40.56 -18.72 5.66
CA PHE D 361 -40.23 -19.99 5.04
C PHE D 361 -40.13 -19.83 3.53
N GLY D 362 -38.97 -20.16 2.98
CA GLY D 362 -38.80 -20.26 1.54
C GLY D 362 -37.74 -21.27 1.14
N ASN D 363 -38.11 -22.26 0.33
CA ASN D 363 -37.16 -23.25 -0.14
C ASN D 363 -36.38 -22.67 -1.31
N GLN D 364 -35.06 -22.82 -1.27
CA GLN D 364 -34.20 -22.17 -2.24
C GLN D 364 -33.51 -23.20 -3.14
N PRO D 365 -33.98 -23.39 -4.36
CA PRO D 365 -33.14 -24.00 -5.38
C PRO D 365 -32.30 -22.93 -6.04
N LEU D 366 -31.11 -23.32 -6.46
CA LEU D 366 -30.17 -22.36 -7.05
C LEU D 366 -30.27 -22.35 -8.55
N ALA D 367 -31.48 -22.52 -9.09
CA ALA D 367 -31.61 -22.58 -10.54
C ALA D 367 -31.51 -21.18 -11.15
N ARG D 368 -32.53 -20.35 -10.91
CA ARG D 368 -32.37 -18.90 -10.99
C ARG D 368 -33.27 -18.21 -9.98
N SER D 369 -33.63 -18.90 -8.91
CA SER D 369 -34.63 -18.42 -7.97
C SER D 369 -34.08 -17.28 -7.12
N ALA D 370 -34.96 -16.35 -6.79
CA ALA D 370 -34.60 -15.24 -5.91
C ALA D 370 -35.80 -14.87 -5.07
N TYR D 371 -35.57 -14.68 -3.78
CA TYR D 371 -36.60 -14.23 -2.84
C TYR D 371 -36.34 -12.77 -2.53
N ILE D 372 -37.35 -11.93 -2.73
CA ILE D 372 -37.25 -10.50 -2.46
C ILE D 372 -38.11 -10.18 -1.25
N HIS D 373 -37.57 -9.40 -0.32
CA HIS D 373 -38.25 -9.07 0.93
C HIS D 373 -38.28 -7.56 1.13
N HIS D 374 -39.37 -7.06 1.70
CA HIS D 374 -39.45 -5.68 2.14
C HIS D 374 -39.00 -5.59 3.59
N VAL D 375 -38.02 -4.73 3.86
CA VAL D 375 -37.38 -4.67 5.16
C VAL D 375 -37.61 -3.34 5.87
N SER D 376 -37.62 -2.24 5.12
CA SER D 376 -37.89 -0.87 5.53
C SER D 376 -36.72 -0.20 6.23
N ASP D 377 -35.65 -0.90 6.58
CA ASP D 377 -34.48 -0.29 7.20
C ASP D 377 -33.39 -1.35 7.24
N ILE D 378 -32.14 -0.89 7.27
CA ILE D 378 -31.00 -1.80 7.24
C ILE D 378 -30.93 -2.65 8.49
N SER D 379 -31.43 -2.13 9.62
CA SER D 379 -31.34 -2.87 10.88
C SER D 379 -32.09 -4.20 10.83
N GLU D 380 -33.01 -4.37 9.89
CA GLU D 380 -33.72 -5.63 9.75
C GLU D 380 -33.01 -6.62 8.83
N ILE D 381 -31.99 -6.17 8.11
CA ILE D 381 -31.23 -7.07 7.26
C ILE D 381 -30.07 -7.71 8.01
N THR D 382 -29.48 -6.98 8.96
CA THR D 382 -28.30 -7.47 9.65
C THR D 382 -28.48 -8.77 10.43
N PRO D 383 -29.65 -9.09 10.99
CA PRO D 383 -29.81 -10.42 11.61
C PRO D 383 -29.68 -11.58 10.64
N TYR D 384 -29.71 -11.31 9.33
CA TYR D 384 -29.60 -12.36 8.32
C TYR D 384 -28.24 -12.38 7.64
N ILE D 385 -27.23 -11.83 8.30
CA ILE D 385 -25.87 -11.77 7.79
C ILE D 385 -24.99 -12.49 8.80
N GLU D 386 -24.43 -13.63 8.40
CA GLU D 386 -23.61 -14.42 9.30
C GLU D 386 -22.12 -14.16 9.05
N ASN D 387 -21.30 -14.73 9.93
CA ASN D 387 -19.89 -14.38 9.95
C ASN D 387 -19.16 -14.95 8.75
N ARG D 388 -19.15 -16.27 8.61
CA ARG D 388 -18.39 -16.93 7.56
C ARG D 388 -19.29 -17.50 6.46
N ILE D 389 -20.51 -17.02 6.34
CA ILE D 389 -21.47 -17.52 5.36
C ILE D 389 -21.82 -16.46 4.33
N THR D 390 -22.07 -15.24 4.77
CA THR D 390 -22.39 -14.16 3.84
C THR D 390 -21.11 -13.62 3.23
N GLN D 391 -20.98 -13.73 1.91
CA GLN D 391 -19.77 -13.32 1.20
C GLN D 391 -19.93 -11.97 0.50
N THR D 392 -20.97 -11.83 -0.30
CA THR D 392 -21.21 -10.61 -1.06
C THR D 392 -22.54 -10.02 -0.63
N VAL D 393 -22.53 -8.72 -0.36
CA VAL D 393 -23.67 -8.01 0.23
C VAL D 393 -24.05 -6.90 -0.73
N THR D 394 -24.13 -7.24 -2.02
CA THR D 394 -24.47 -6.33 -3.10
C THR D 394 -25.45 -5.23 -2.70
N VAL D 395 -25.09 -3.98 -2.97
CA VAL D 395 -25.90 -2.81 -2.67
C VAL D 395 -26.16 -2.09 -3.98
N THR D 396 -27.42 -1.83 -4.29
CA THR D 396 -27.72 -1.49 -5.67
C THR D 396 -27.43 -0.03 -6.03
N PRO D 397 -27.97 0.97 -5.31
CA PRO D 397 -27.43 2.32 -5.52
C PRO D 397 -26.12 2.44 -4.78
N TRP D 398 -25.00 2.47 -5.50
CA TRP D 398 -23.71 2.28 -4.87
C TRP D 398 -23.42 3.33 -3.81
N GLU D 399 -23.99 4.54 -3.95
CA GLU D 399 -23.80 5.56 -2.92
C GLU D 399 -24.29 5.07 -1.57
N SER D 400 -25.41 4.33 -1.56
CA SER D 400 -25.96 3.84 -0.31
C SER D 400 -25.04 2.83 0.37
N SER D 401 -24.03 2.33 -0.33
CA SER D 401 -23.08 1.44 0.31
C SER D 401 -22.17 2.17 1.28
N PHE D 402 -22.08 3.49 1.17
CA PHE D 402 -21.20 4.21 2.08
C PHE D 402 -21.79 4.36 3.47
N LYS D 403 -23.11 4.28 3.60
CA LYS D 403 -23.76 4.36 4.90
C LYS D 403 -24.14 2.99 5.46
N TYR D 404 -23.83 1.91 4.75
CA TYR D 404 -24.11 0.57 5.24
C TYR D 404 -22.88 -0.30 5.41
N ARG D 405 -21.75 0.05 4.79
CA ARG D 405 -20.61 -0.85 4.76
C ARG D 405 -20.08 -1.14 6.16
N ASP D 406 -20.22 -0.17 7.07
CA ASP D 406 -19.67 -0.37 8.42
C ASP D 406 -20.44 -1.43 9.19
N VAL D 407 -21.78 -1.38 9.16
CA VAL D 407 -22.55 -2.36 9.90
C VAL D 407 -22.53 -3.71 9.19
N LEU D 408 -22.44 -3.71 7.86
CA LEU D 408 -22.32 -4.97 7.14
C LEU D 408 -20.98 -5.65 7.46
N ALA D 409 -19.91 -4.87 7.51
CA ALA D 409 -18.62 -5.42 7.91
C ALA D 409 -18.67 -5.91 9.35
N SER D 410 -19.30 -5.15 10.24
CA SER D 410 -19.44 -5.58 11.63
C SER D 410 -20.19 -6.90 11.74
N HIS D 411 -21.09 -7.17 10.81
CA HIS D 411 -21.87 -8.40 10.86
C HIS D 411 -21.35 -9.50 9.95
N GLY D 412 -20.24 -9.27 9.25
CA GLY D 412 -19.62 -10.33 8.48
C GLY D 412 -19.93 -10.31 7.00
N ALA D 413 -19.80 -9.15 6.37
CA ALA D 413 -20.16 -9.02 4.96
C ALA D 413 -19.12 -9.69 4.05
N GLU D 414 -17.86 -9.27 4.17
CA GLU D 414 -16.68 -9.67 3.40
C GLU D 414 -16.63 -9.06 2.02
N ARG D 415 -17.69 -8.42 1.52
CA ARG D 415 -17.70 -7.79 0.21
C ARG D 415 -18.92 -6.90 0.10
N ILE D 416 -18.75 -5.74 -0.53
CA ILE D 416 -19.86 -4.84 -0.85
C ILE D 416 -19.62 -4.32 -2.27
N VAL D 417 -20.52 -4.67 -3.18
CA VAL D 417 -20.36 -4.36 -4.60
C VAL D 417 -21.61 -3.64 -5.11
N GLU D 418 -21.65 -3.39 -6.41
CA GLU D 418 -22.59 -2.46 -7.02
C GLU D 418 -23.73 -3.12 -7.76
N SER D 419 -23.90 -4.44 -7.63
CA SER D 419 -24.95 -5.26 -8.20
C SER D 419 -24.75 -5.59 -9.68
N GLY D 420 -23.81 -4.99 -10.37
CA GLY D 420 -23.56 -5.42 -11.72
C GLY D 420 -22.18 -6.01 -11.76
N MET D 421 -21.64 -6.25 -10.56
CA MET D 421 -20.23 -6.51 -10.39
C MET D 421 -19.96 -7.66 -9.42
N ASN D 422 -20.96 -8.50 -9.17
CA ASN D 422 -20.77 -9.54 -8.16
C ASN D 422 -19.79 -10.60 -8.62
N ASN D 423 -19.65 -10.79 -9.94
CA ASN D 423 -18.75 -11.81 -10.45
C ASN D 423 -17.32 -11.30 -10.59
N ILE D 424 -17.12 -9.99 -10.58
CA ILE D 424 -15.81 -9.40 -10.73
C ILE D 424 -15.24 -9.15 -9.35
N PHE D 425 -14.26 -9.95 -8.97
CA PHE D 425 -13.49 -9.70 -7.75
C PHE D 425 -12.47 -8.64 -8.08
N ARG D 426 -12.87 -7.38 -7.90
CA ARG D 426 -12.04 -6.28 -8.36
C ARG D 426 -10.67 -6.30 -7.71
N VAL D 427 -9.68 -5.81 -8.45
CA VAL D 427 -8.31 -5.79 -7.97
C VAL D 427 -8.25 -4.95 -6.70
N GLY D 428 -7.31 -5.28 -5.82
CA GLY D 428 -7.10 -4.52 -4.62
C GLY D 428 -7.96 -4.93 -3.45
N GLY D 429 -8.91 -5.81 -3.65
CA GLY D 429 -9.82 -6.24 -2.60
C GLY D 429 -9.36 -7.52 -1.95
N ALA D 430 -10.32 -8.37 -1.61
CA ALA D 430 -10.03 -9.61 -0.93
C ALA D 430 -11.03 -10.67 -1.36
N HIS D 431 -10.69 -11.92 -1.07
CA HIS D 431 -11.53 -13.06 -1.38
C HIS D 431 -11.85 -13.78 -0.08
N ASP D 432 -13.11 -13.75 0.34
CA ASP D 432 -13.56 -14.39 1.57
C ASP D 432 -12.85 -13.80 2.79
N GLY D 433 -12.69 -12.49 2.81
CA GLY D 433 -12.00 -11.84 3.90
C GLY D 433 -10.55 -12.22 4.01
N MET D 434 -9.92 -12.57 2.89
CA MET D 434 -8.59 -13.16 2.88
C MET D 434 -7.89 -12.74 1.60
N ARG D 435 -6.68 -12.21 1.73
CA ARG D 435 -5.88 -11.91 0.56
C ARG D 435 -5.07 -13.15 0.23
N PRO D 436 -5.46 -13.89 -0.82
CA PRO D 436 -5.03 -15.30 -0.92
C PRO D 436 -3.54 -15.49 -1.07
N LEU D 437 -2.86 -14.71 -1.92
CA LEU D 437 -1.45 -14.99 -2.13
C LEU D 437 -0.56 -14.40 -1.04
N GLN D 438 -1.14 -13.92 0.06
CA GLN D 438 -0.37 -13.75 1.28
C GLN D 438 -0.09 -15.10 1.93
N ARG D 439 -0.94 -16.08 1.67
CA ARG D 439 -0.80 -17.41 2.22
C ARG D 439 -0.14 -18.39 1.26
N LEU D 440 0.05 -18.00 0.01
CA LEU D 440 0.81 -18.78 -0.96
C LEU D 440 2.28 -18.41 -0.95
N VAL D 441 2.72 -17.64 0.03
CA VAL D 441 4.04 -17.06 0.05
C VAL D 441 4.66 -17.25 1.42
N LYS D 442 5.98 -17.44 1.44
CA LYS D 442 6.79 -17.53 2.65
C LYS D 442 7.55 -16.22 2.75
N TYR D 443 7.26 -15.44 3.79
CA TYR D 443 7.97 -14.19 4.02
C TYR D 443 9.29 -14.50 4.70
N ILE D 444 10.39 -14.27 4.02
CA ILE D 444 11.72 -14.58 4.53
C ILE D 444 12.37 -13.27 4.93
N SER D 445 12.76 -13.18 6.20
CA SER D 445 13.22 -11.95 6.82
C SER D 445 14.71 -12.03 7.09
N HIS D 446 15.44 -11.02 6.63
CA HIS D 446 16.86 -10.87 6.86
C HIS D 446 17.02 -9.65 7.76
N GLU D 447 17.15 -9.90 9.05
CA GLU D 447 17.12 -8.83 10.04
C GLU D 447 18.48 -8.17 10.16
N ARG D 448 18.49 -6.85 10.29
CA ARG D 448 19.75 -6.13 10.24
C ARG D 448 20.38 -6.05 11.62
N PRO D 449 21.69 -5.78 11.71
CA PRO D 449 22.45 -6.14 12.90
C PRO D 449 22.14 -5.26 14.10
N TYR D 450 22.89 -5.51 15.18
CA TYR D 450 22.65 -4.81 16.44
C TYR D 450 23.03 -3.34 16.36
N THR D 451 23.94 -2.98 15.45
CA THR D 451 24.31 -1.58 15.30
C THR D 451 23.17 -0.73 14.77
N TYR D 452 22.16 -1.35 14.16
CA TYR D 452 20.96 -0.65 13.69
C TYR D 452 19.94 -0.69 14.82
N SER D 453 19.75 0.44 15.48
CA SER D 453 18.88 0.50 16.64
C SER D 453 17.42 0.52 16.22
N THR D 454 16.54 0.33 17.20
CA THR D 454 15.11 0.41 16.96
C THR D 454 14.66 1.87 17.01
N LYS D 455 13.38 2.09 16.75
CA LYS D 455 12.83 3.44 16.73
C LYS D 455 12.48 3.96 18.12
N ASP D 456 12.66 3.15 19.16
CA ASP D 456 12.24 3.53 20.51
C ASP D 456 13.37 3.63 21.52
N VAL D 457 14.50 2.99 21.29
CA VAL D 457 15.53 2.84 22.31
C VAL D 457 16.72 3.74 22.03
N ALA D 458 17.18 3.78 20.77
CA ALA D 458 18.33 4.58 20.37
C ALA D 458 19.62 4.10 21.02
N VAL D 459 19.68 2.81 21.35
CA VAL D 459 20.84 2.18 21.96
C VAL D 459 21.15 0.93 21.17
N LYS D 460 22.42 0.75 20.81
CA LYS D 460 22.82 -0.46 20.11
C LYS D 460 22.51 -1.68 20.96
N ILE D 461 22.02 -2.73 20.31
CA ILE D 461 21.42 -3.87 21.03
C ILE D 461 22.55 -4.82 21.36
N GLU D 462 23.21 -4.55 22.48
CA GLU D 462 24.28 -5.40 23.00
C GLU D 462 23.74 -6.08 24.25
N GLN D 463 23.09 -7.22 24.06
CA GLN D 463 22.41 -7.86 25.18
C GLN D 463 23.39 -8.45 26.18
N THR D 464 24.54 -8.94 25.72
CA THR D 464 25.54 -9.47 26.64
C THR D 464 26.16 -8.37 27.48
N ARG D 465 26.53 -7.26 26.84
CA ARG D 465 27.14 -6.15 27.57
C ARG D 465 26.23 -5.64 28.68
N TYR D 466 24.93 -5.59 28.41
CA TYR D 466 23.99 -5.08 29.40
C TYR D 466 23.51 -6.16 30.37
N LEU D 467 23.70 -7.44 30.04
CA LEU D 467 23.49 -8.47 31.04
C LEU D 467 24.63 -8.49 32.05
N GLU D 468 25.85 -8.18 31.59
CA GLU D 468 26.96 -8.02 32.51
C GLU D 468 26.72 -6.84 33.44
N GLU D 469 26.49 -5.65 32.88
CA GLU D 469 26.32 -4.45 33.68
C GLU D 469 25.00 -4.39 34.42
N ASP D 470 24.07 -5.30 34.13
CA ASP D 470 22.74 -5.32 34.75
C ASP D 470 21.97 -4.03 34.45
N LYS D 471 21.81 -3.77 33.15
CA LYS D 471 21.12 -2.57 32.66
C LYS D 471 20.05 -2.99 31.66
N PHE D 472 18.80 -3.06 32.11
CA PHE D 472 17.75 -3.25 31.12
C PHE D 472 16.66 -2.18 31.20
N LEU D 473 16.20 -1.83 32.39
CA LEU D 473 15.02 -0.98 32.51
C LEU D 473 15.31 0.49 32.30
N VAL D 474 16.59 0.88 32.26
CA VAL D 474 16.91 2.27 31.94
C VAL D 474 16.71 2.55 30.46
N PHE D 475 16.70 1.52 29.63
CA PHE D 475 16.48 1.70 28.20
C PHE D 475 15.02 1.54 27.79
N VAL D 476 14.19 0.95 28.64
CA VAL D 476 12.78 0.73 28.29
C VAL D 476 12.08 2.08 28.18
N PRO D 477 11.43 2.39 27.05
CA PRO D 477 10.76 3.68 26.87
C PRO D 477 9.44 3.76 27.64
N ILE E 1 -0.30 -25.99 46.70
CA ILE E 1 -1.33 -25.28 47.46
C ILE E 1 -1.41 -23.84 46.99
N LYS E 2 -0.59 -23.48 46.00
CA LYS E 2 -0.71 -22.19 45.35
C LYS E 2 -1.78 -22.31 44.27
N LYS E 3 -2.79 -21.44 44.32
CA LYS E 3 -3.91 -21.49 43.39
C LYS E 3 -3.70 -20.49 42.27
N ILE E 4 -3.97 -20.91 41.05
CA ILE E 4 -3.93 -20.05 39.87
C ILE E 4 -5.35 -19.68 39.50
N PRO E 5 -5.65 -18.40 39.28
CA PRO E 5 -7.02 -17.98 39.01
C PRO E 5 -7.44 -18.34 37.58
N MET E 6 -8.72 -18.08 37.30
CA MET E 6 -9.27 -18.21 35.95
C MET E 6 -9.95 -16.90 35.60
N ILE E 7 -9.45 -16.24 34.57
CA ILE E 7 -10.01 -14.99 34.08
C ILE E 7 -10.91 -15.32 32.90
N ILE E 8 -12.12 -14.77 32.89
CA ILE E 8 -13.00 -15.03 31.76
C ILE E 8 -13.42 -13.73 31.09
N GLY E 9 -14.16 -12.88 31.77
CA GLY E 9 -14.55 -11.67 31.07
C GLY E 9 -13.46 -10.62 31.11
N GLY E 10 -13.27 -10.03 32.28
CA GLY E 10 -12.18 -9.12 32.52
C GLY E 10 -11.75 -9.23 33.96
N ALA E 11 -12.14 -10.32 34.62
CA ALA E 11 -11.87 -10.48 36.04
C ALA E 11 -11.85 -11.97 36.38
N GLU E 12 -11.29 -12.27 37.54
CA GLU E 12 -11.18 -13.65 37.98
C GLU E 12 -12.55 -14.22 38.29
N ARG E 13 -12.76 -15.47 37.90
CA ARG E 13 -14.01 -16.14 38.19
C ARG E 13 -14.02 -16.64 39.63
N ASP E 14 -15.21 -16.75 40.19
CA ASP E 14 -15.39 -17.30 41.53
C ASP E 14 -15.24 -18.81 41.44
N THR E 15 -14.00 -19.28 41.57
CA THR E 15 -13.69 -20.70 41.45
C THR E 15 -13.70 -21.42 42.79
N SER E 16 -14.48 -20.93 43.76
CA SER E 16 -14.54 -21.58 45.07
C SER E 16 -15.08 -23.00 44.96
N GLU E 17 -16.20 -23.17 44.28
CA GLU E 17 -16.84 -24.47 44.15
C GLU E 17 -16.29 -25.30 42.99
N HIS E 18 -15.35 -24.76 42.21
CA HIS E 18 -14.78 -25.48 41.09
C HIS E 18 -13.98 -26.69 41.57
N GLU E 19 -13.63 -27.56 40.62
CA GLU E 19 -12.74 -28.69 40.85
C GLU E 19 -11.33 -28.26 40.46
N TYR E 20 -10.34 -28.70 41.23
CA TYR E 20 -8.96 -28.28 40.99
C TYR E 20 -8.09 -29.46 40.63
N ARG E 21 -6.99 -29.17 39.94
CA ARG E 21 -5.98 -30.15 39.60
C ARG E 21 -4.60 -29.58 39.87
N GLU E 22 -3.69 -30.41 40.38
CA GLU E 22 -2.30 -30.01 40.54
C GLU E 22 -1.48 -30.42 39.32
N LEU E 23 -0.33 -29.79 39.15
CA LEU E 23 0.48 -29.96 37.96
C LEU E 23 1.91 -30.44 38.22
N THR E 24 2.52 -30.04 39.34
CA THR E 24 3.91 -30.39 39.66
C THR E 24 4.86 -29.86 38.59
N LEU E 25 5.00 -28.54 38.57
CA LEU E 25 5.81 -27.91 37.54
C LEU E 25 7.30 -28.15 37.77
N ASN E 26 7.82 -27.70 38.90
CA ASN E 26 9.25 -27.81 39.18
C ASN E 26 9.47 -28.49 40.52
N SER E 27 8.78 -29.63 40.73
CA SER E 27 8.70 -30.32 42.01
C SER E 27 7.86 -29.54 43.01
N TYR E 28 6.98 -28.68 42.53
CA TYR E 28 6.13 -27.86 43.38
C TYR E 28 4.71 -27.89 42.85
N LYS E 29 3.74 -28.04 43.75
CA LYS E 29 2.37 -28.26 43.33
C LYS E 29 1.65 -26.93 43.11
N VAL E 30 0.80 -26.91 42.09
CA VAL E 30 0.04 -25.72 41.73
C VAL E 30 -1.36 -26.16 41.34
N SER E 31 -2.37 -25.60 42.01
CA SER E 31 -3.76 -25.95 41.75
C SER E 31 -4.35 -25.01 40.72
N ILE E 32 -4.86 -25.57 39.63
CA ILE E 32 -5.57 -24.83 38.59
C ILE E 32 -7.01 -25.33 38.57
N PRO E 33 -8.00 -24.45 38.49
CA PRO E 33 -9.39 -24.90 38.46
C PRO E 33 -9.76 -25.49 37.11
N ILE E 34 -10.63 -26.49 37.17
CA ILE E 34 -11.12 -27.16 35.96
C ILE E 34 -12.33 -26.38 35.44
N ILE E 35 -12.34 -26.14 34.13
CA ILE E 35 -13.44 -25.42 33.51
C ILE E 35 -14.70 -26.28 33.53
N ASN E 36 -15.83 -25.67 33.84
CA ASN E 36 -17.11 -26.35 33.87
C ASN E 36 -18.05 -25.71 32.83
N GLN E 37 -19.30 -26.16 32.82
CA GLN E 37 -20.23 -25.71 31.78
C GLN E 37 -20.60 -24.24 31.94
N ASP E 38 -20.69 -23.75 33.17
CA ASP E 38 -21.02 -22.34 33.37
C ASP E 38 -19.94 -21.43 32.82
N ASP E 39 -18.67 -21.83 32.98
CA ASP E 39 -17.58 -21.05 32.41
C ASP E 39 -17.64 -21.07 30.89
N VAL E 40 -18.00 -22.20 30.30
CA VAL E 40 -18.14 -22.28 28.85
C VAL E 40 -19.25 -21.35 28.38
N GLU E 41 -20.36 -21.30 29.12
CA GLU E 41 -21.44 -20.39 28.75
C GLU E 41 -21.03 -18.94 28.89
N ALA E 42 -20.25 -18.63 29.93
CA ALA E 42 -19.75 -17.27 30.09
C ALA E 42 -18.82 -16.89 28.95
N ILE E 43 -18.03 -17.84 28.47
CA ILE E 43 -17.13 -17.57 27.35
C ILE E 43 -17.93 -17.35 26.08
N LYS E 44 -18.94 -18.19 25.84
CA LYS E 44 -19.78 -18.04 24.65
C LYS E 44 -20.48 -16.69 24.63
N SER E 45 -20.96 -16.24 25.78
CA SER E 45 -21.73 -15.01 25.84
C SER E 45 -20.86 -13.75 25.86
N GLN E 46 -19.54 -13.91 25.81
CA GLN E 46 -18.66 -12.76 25.87
C GLN E 46 -18.64 -12.05 24.53
N SER E 47 -19.09 -10.80 24.52
CA SER E 47 -19.08 -9.97 23.32
C SER E 47 -18.72 -8.56 23.75
N VAL E 48 -17.47 -8.17 23.56
CA VAL E 48 -16.97 -6.87 23.96
C VAL E 48 -17.03 -5.94 22.76
N GLU E 49 -17.64 -4.77 22.94
CA GLU E 49 -17.74 -3.80 21.87
C GLU E 49 -16.47 -2.96 21.87
N ASN E 50 -15.63 -3.18 20.87
CA ASN E 50 -14.30 -2.60 20.80
C ASN E 50 -14.29 -1.53 19.71
N ASN E 51 -14.38 -0.26 20.11
CA ASN E 51 -14.39 0.85 19.17
C ASN E 51 -13.12 1.71 19.27
N LEU E 52 -12.05 1.17 19.83
CA LEU E 52 -10.83 1.94 19.98
C LEU E 52 -10.09 2.02 18.66
N ASN E 53 -9.29 3.07 18.51
CA ASN E 53 -8.40 3.14 17.37
C ASN E 53 -7.04 2.55 17.74
N ILE E 54 -6.17 2.41 16.75
CA ILE E 54 -4.86 1.80 17.02
C ILE E 54 -4.06 2.70 17.94
N ASN E 55 -4.28 4.01 17.88
CA ASN E 55 -3.64 4.93 18.82
C ASN E 55 -4.01 4.59 20.25
N GLN E 56 -5.31 4.42 20.51
CA GLN E 56 -5.77 4.12 21.86
C GLN E 56 -5.26 2.76 22.33
N ILE E 57 -5.27 1.77 21.46
CA ILE E 57 -4.78 0.44 21.81
C ILE E 57 -3.31 0.50 22.20
N VAL E 58 -2.50 1.14 21.35
CA VAL E 58 -1.07 1.21 21.61
C VAL E 58 -0.79 2.02 22.88
N ASN E 59 -1.59 3.05 23.13
CA ASN E 59 -1.39 3.84 24.34
C ASN E 59 -1.74 3.04 25.60
N PHE E 60 -2.79 2.23 25.53
CA PHE E 60 -3.11 1.37 26.67
C PHE E 60 -2.00 0.36 26.91
N LEU E 61 -1.49 -0.26 25.84
CA LEU E 61 -0.40 -1.21 26.00
C LEU E 61 0.83 -0.52 26.57
N TYR E 62 1.08 0.73 26.17
CA TYR E 62 2.20 1.49 26.72
C TYR E 62 2.01 1.74 28.20
N THR E 63 0.79 2.06 28.63
CA THR E 63 0.52 2.27 30.04
C THR E 63 0.79 0.98 30.83
N VAL E 64 0.32 -0.15 30.31
CA VAL E 64 0.57 -1.43 30.97
C VAL E 64 2.07 -1.71 31.04
N GLY E 65 2.80 -1.38 29.97
CA GLY E 65 4.23 -1.60 29.99
C GLY E 65 4.95 -0.71 30.98
N GLN E 66 4.51 0.54 31.11
CA GLN E 66 5.07 1.41 32.14
C GLN E 66 4.79 0.88 33.53
N LYS E 67 3.63 0.25 33.72
CA LYS E 67 3.35 -0.41 34.99
C LYS E 67 4.31 -1.57 35.22
N TRP E 68 4.60 -2.35 34.18
CA TRP E 68 5.55 -3.45 34.31
C TRP E 68 6.98 -2.98 34.46
N LYS E 69 7.26 -1.73 34.12
CA LYS E 69 8.62 -1.21 34.18
C LYS E 69 9.09 -0.98 35.60
N SER E 70 8.18 -0.76 36.53
CA SER E 70 8.54 -0.50 37.91
C SER E 70 8.88 -1.81 38.61
N GLU E 71 10.08 -1.88 39.20
CA GLU E 71 10.50 -3.08 39.91
C GLU E 71 9.70 -3.32 41.19
N ASN E 72 8.96 -2.32 41.66
CA ASN E 72 8.13 -2.45 42.85
C ASN E 72 6.71 -2.89 42.52
N TYR E 73 6.40 -3.10 41.25
CA TYR E 73 5.08 -3.56 40.87
C TYR E 73 4.84 -4.96 41.45
N SER E 74 3.85 -5.07 42.32
CA SER E 74 3.62 -6.31 43.05
C SER E 74 3.43 -7.50 42.11
N ARG E 75 2.66 -7.30 41.04
CA ARG E 75 2.41 -8.38 40.11
C ARG E 75 3.68 -8.81 39.40
N ARG E 76 4.56 -7.86 39.09
CA ARG E 76 5.84 -8.22 38.48
C ARG E 76 6.72 -9.01 39.44
N LEU E 77 6.76 -8.60 40.70
CA LEU E 77 7.54 -9.34 41.70
C LEU E 77 7.01 -10.76 41.86
N THR E 78 5.69 -10.91 41.94
CA THR E 78 5.11 -12.23 42.05
C THR E 78 5.40 -13.07 40.81
N TYR E 79 5.33 -12.46 39.62
CA TYR E 79 5.62 -13.20 38.41
C TYR E 79 7.06 -13.67 38.38
N ILE E 80 8.00 -12.83 38.82
CA ILE E 80 9.39 -13.24 38.86
C ILE E 80 9.58 -14.37 39.86
N ARG E 81 8.95 -14.27 41.01
CA ARG E 81 9.05 -15.34 42.01
C ARG E 81 8.51 -16.66 41.46
N ASP E 82 7.41 -16.61 40.71
CA ASP E 82 6.85 -17.84 40.16
C ASP E 82 7.71 -18.39 39.04
N LEU E 83 8.31 -17.52 38.22
CA LEU E 83 9.25 -17.99 37.22
C LEU E 83 10.42 -18.71 37.88
N VAL E 84 10.93 -18.17 38.98
CA VAL E 84 12.06 -18.80 39.66
C VAL E 84 11.63 -20.13 40.29
N ARG E 85 10.45 -20.16 40.92
CA ARG E 85 10.06 -21.32 41.71
C ARG E 85 9.54 -22.46 40.84
N PHE E 86 8.60 -22.17 39.95
CA PHE E 86 7.88 -23.21 39.23
C PHE E 86 8.41 -23.47 37.84
N LEU E 87 9.13 -22.55 37.24
CA LEU E 87 9.78 -22.79 35.96
C LEU E 87 11.26 -23.08 36.11
N GLY E 88 11.82 -22.94 37.31
CA GLY E 88 13.21 -23.22 37.54
C GLY E 88 14.17 -22.16 37.05
N TYR E 89 13.66 -21.03 36.59
CA TYR E 89 14.53 -19.98 36.06
C TYR E 89 15.49 -19.48 37.14
N SER E 90 16.61 -18.96 36.70
CA SER E 90 17.46 -18.24 37.61
C SER E 90 16.90 -16.83 37.80
N PRO E 91 17.16 -16.21 38.96
CA PRO E 91 16.67 -14.84 39.17
C PRO E 91 17.00 -13.89 38.04
N GLU E 92 18.17 -14.05 37.42
CA GLU E 92 18.54 -13.19 36.30
C GLU E 92 17.62 -13.43 35.10
N MET E 93 17.35 -14.69 34.77
CA MET E 93 16.51 -14.99 33.63
C MET E 93 15.07 -14.57 33.87
N ALA E 94 14.58 -14.71 35.11
CA ALA E 94 13.23 -14.28 35.41
C ALA E 94 13.10 -12.76 35.33
N LYS E 95 14.07 -12.06 35.90
CA LYS E 95 14.09 -10.60 35.78
C LYS E 95 14.15 -10.19 34.32
N LEU E 96 14.92 -10.91 33.50
CA LEU E 96 15.02 -10.59 32.09
C LEU E 96 13.71 -10.83 31.37
N GLU E 97 12.99 -11.88 31.74
CA GLU E 97 11.67 -12.11 31.14
C GLU E 97 10.71 -10.98 31.48
N ALA E 98 10.66 -10.58 32.75
CA ALA E 98 9.80 -9.46 33.11
C ALA E 98 10.20 -8.19 32.38
N ASN E 99 11.50 -7.95 32.26
CA ASN E 99 11.99 -6.77 31.56
C ASN E 99 11.62 -6.80 30.09
N TRP E 100 11.65 -7.98 29.47
CA TRP E 100 11.27 -8.07 28.07
C TRP E 100 9.78 -7.86 27.87
N ILE E 101 8.97 -8.35 28.81
CA ILE E 101 7.55 -8.03 28.78
C ILE E 101 7.35 -6.51 28.80
N SER E 102 7.99 -5.85 29.77
CA SER E 102 7.91 -4.39 29.84
C SER E 102 8.37 -3.73 28.55
N MET E 103 9.46 -4.23 27.97
CA MET E 103 10.05 -3.61 26.79
C MET E 103 9.12 -3.72 25.60
N ILE E 104 8.59 -4.90 25.33
CA ILE E 104 7.73 -5.06 24.17
C ILE E 104 6.38 -4.40 24.39
N LEU E 105 5.96 -4.19 25.65
CA LEU E 105 4.73 -3.45 25.85
C LEU E 105 4.93 -1.95 25.71
N SER E 106 6.10 -1.44 26.08
CA SER E 106 6.34 0.00 26.08
C SER E 106 6.86 0.54 24.74
N SER E 107 7.18 -0.31 23.78
CA SER E 107 7.70 0.15 22.48
C SER E 107 6.52 0.41 21.55
N LYS E 108 6.11 1.68 21.48
CA LYS E 108 4.93 2.06 20.72
C LYS E 108 5.19 2.04 19.22
N SER E 109 6.32 2.60 18.80
CA SER E 109 6.66 2.60 17.39
C SER E 109 6.77 1.18 16.86
N ALA E 110 7.24 0.25 17.69
CA ALA E 110 7.33 -1.14 17.27
C ALA E 110 5.96 -1.70 16.94
N LEU E 111 4.95 -1.40 17.76
CA LEU E 111 3.60 -1.91 17.51
C LEU E 111 2.98 -1.23 16.29
N TYR E 112 3.10 0.10 16.21
CA TYR E 112 2.63 0.81 15.03
C TYR E 112 3.23 0.23 13.76
N ASP E 113 4.54 -0.04 13.79
CA ASP E 113 5.21 -0.53 12.60
C ASP E 113 4.90 -1.99 12.32
N ILE E 114 4.62 -2.79 13.35
CA ILE E 114 4.10 -4.13 13.11
C ILE E 114 2.82 -4.05 12.30
N VAL E 115 1.87 -3.23 12.75
CA VAL E 115 0.61 -3.10 12.03
C VAL E 115 0.85 -2.59 10.61
N GLU E 116 1.72 -1.59 10.47
CA GLU E 116 1.98 -1.00 9.16
C GLU E 116 2.61 -2.01 8.20
N THR E 117 3.64 -2.71 8.65
CA THR E 117 4.35 -3.60 7.75
C THR E 117 3.53 -4.83 7.41
N GLU E 118 2.72 -5.33 8.35
CA GLU E 118 1.99 -6.55 8.05
C GLU E 118 0.70 -6.28 7.29
N LEU E 119 -0.04 -5.22 7.64
CA LEU E 119 -1.31 -4.96 7.00
C LEU E 119 -1.23 -3.89 5.92
N GLY E 120 -0.13 -3.16 5.82
CA GLY E 120 0.06 -2.13 4.83
C GLY E 120 -0.08 -0.72 5.38
N SER E 121 -0.91 -0.54 6.39
CA SER E 121 -1.08 0.76 7.03
C SER E 121 -1.60 0.53 8.43
N ARG E 122 -1.18 1.39 9.36
CA ARG E 122 -1.70 1.30 10.71
C ARG E 122 -3.13 1.80 10.81
N HIS E 123 -3.65 2.43 9.76
CA HIS E 123 -5.01 2.94 9.74
C HIS E 123 -6.00 1.98 9.12
N ILE E 124 -5.53 0.92 8.46
CA ILE E 124 -6.42 -0.02 7.79
C ILE E 124 -7.32 -0.77 8.77
N VAL E 125 -6.99 -0.75 10.05
CA VAL E 125 -7.84 -1.38 11.05
C VAL E 125 -8.94 -0.45 11.53
N ASP E 126 -8.95 0.82 11.11
CA ASP E 126 -10.02 1.75 11.50
C ASP E 126 -10.64 2.52 10.36
N GLU E 127 -10.06 2.49 9.17
CA GLU E 127 -10.55 3.32 8.09
C GLU E 127 -10.61 2.49 6.83
N TRP E 128 -11.44 2.92 5.90
CA TRP E 128 -11.53 2.29 4.60
C TRP E 128 -10.50 2.94 3.69
N LEU E 129 -9.51 2.17 3.29
CA LEU E 129 -8.41 2.74 2.54
C LEU E 129 -8.55 2.40 1.06
N PRO E 130 -8.33 3.37 0.19
CA PRO E 130 -8.41 3.09 -1.24
C PRO E 130 -7.17 2.39 -1.74
N GLN E 131 -7.12 1.06 -1.60
CA GLN E 131 -5.94 0.32 -2.04
C GLN E 131 -5.80 0.35 -3.55
N GLY E 132 -6.79 -0.18 -4.25
CA GLY E 132 -6.89 0.00 -5.69
C GLY E 132 -8.21 -0.56 -6.14
N ASP E 133 -9.00 0.21 -6.89
CA ASP E 133 -10.32 -0.22 -7.34
C ASP E 133 -11.23 -0.65 -6.20
N CYS E 134 -10.87 -0.34 -4.96
CA CYS E 134 -11.60 -0.84 -3.80
C CYS E 134 -11.33 0.06 -2.61
N TYR E 135 -12.13 -0.10 -1.57
CA TYR E 135 -11.85 0.43 -0.24
C TYR E 135 -11.76 -0.76 0.71
N VAL E 136 -10.63 -0.90 1.38
CA VAL E 136 -10.38 -2.07 2.20
C VAL E 136 -10.34 -1.66 3.67
N LYS E 137 -10.94 -2.47 4.52
CA LYS E 137 -10.85 -2.31 5.96
C LYS E 137 -10.47 -3.64 6.59
N ALA E 138 -9.59 -3.60 7.57
CA ALA E 138 -9.17 -4.80 8.28
C ALA E 138 -10.02 -4.93 9.54
N MET E 139 -10.95 -5.88 9.53
CA MET E 139 -11.79 -6.12 10.68
C MET E 139 -11.22 -7.27 11.50
N PRO E 140 -11.56 -7.36 12.78
CA PRO E 140 -11.12 -8.50 13.57
C PRO E 140 -11.86 -9.77 13.18
N LYS E 141 -11.27 -10.91 13.53
CA LYS E 141 -11.99 -12.16 13.42
C LYS E 141 -12.87 -12.41 14.64
N GLY E 142 -12.38 -12.04 15.81
CA GLY E 142 -13.13 -12.16 17.04
C GLY E 142 -12.90 -13.48 17.75
N LYS E 143 -12.85 -13.41 19.08
CA LYS E 143 -12.75 -14.60 19.93
C LYS E 143 -11.59 -15.51 19.52
N SER E 144 -10.49 -14.90 19.11
CA SER E 144 -9.26 -15.62 18.83
C SER E 144 -8.87 -16.54 19.98
N VAL E 145 -8.52 -17.78 19.67
CA VAL E 145 -8.11 -18.77 20.65
C VAL E 145 -6.61 -19.02 20.50
N HIS E 146 -5.88 -18.89 21.60
CA HIS E 146 -4.43 -19.04 21.62
C HIS E 146 -4.06 -20.23 22.48
N LEU E 147 -3.48 -21.25 21.87
CA LEU E 147 -2.97 -22.42 22.59
C LEU E 147 -1.46 -22.28 22.71
N LEU E 148 -0.96 -22.10 23.93
CA LEU E 148 0.43 -21.75 24.16
C LEU E 148 1.29 -23.00 24.39
N ALA E 149 2.60 -22.83 24.18
CA ALA E 149 3.54 -23.95 24.14
C ALA E 149 4.19 -24.22 25.50
N GLY E 150 4.90 -23.23 26.04
CA GLY E 150 5.48 -23.39 27.37
C GLY E 150 6.93 -23.00 27.52
N ASN E 151 7.71 -23.04 26.44
CA ASN E 151 9.14 -22.75 26.55
C ASN E 151 9.40 -21.27 26.78
N VAL E 152 8.93 -20.42 25.88
CA VAL E 152 9.21 -19.00 25.88
C VAL E 152 7.94 -18.26 26.27
N PRO E 153 7.90 -17.58 27.41
CA PRO E 153 6.72 -16.76 27.73
C PRO E 153 6.49 -15.64 26.74
N LEU E 154 7.56 -15.04 26.21
CA LEU E 154 7.41 -13.95 25.26
C LEU E 154 6.65 -14.36 24.01
N SER E 155 6.69 -15.65 23.64
CA SER E 155 5.90 -16.12 22.51
C SER E 155 4.42 -15.90 22.77
N GLY E 156 3.93 -16.35 23.92
CA GLY E 156 2.54 -16.13 24.27
C GLY E 156 2.20 -14.67 24.43
N VAL E 157 3.13 -13.90 25.01
CA VAL E 157 2.89 -12.46 25.18
C VAL E 157 2.72 -11.79 23.82
N THR E 158 3.61 -12.11 22.87
CA THR E 158 3.54 -11.49 21.55
C THR E 158 2.30 -11.96 20.79
N SER E 159 1.92 -13.22 20.97
CA SER E 159 0.68 -13.71 20.36
C SER E 159 -0.52 -12.91 20.86
N ILE E 160 -0.62 -12.73 22.16
CA ILE E 160 -1.73 -11.96 22.73
C ILE E 160 -1.69 -10.53 22.24
N ILE E 161 -0.50 -9.94 22.16
CA ILE E 161 -0.39 -8.56 21.71
C ILE E 161 -0.81 -8.42 20.25
N ARG E 162 -0.42 -9.39 19.41
CA ARG E 162 -0.84 -9.38 18.02
C ARG E 162 -2.35 -9.46 17.91
N ALA E 163 -2.97 -10.33 18.70
CA ALA E 163 -4.42 -10.42 18.67
C ALA E 163 -5.07 -9.14 19.17
N ILE E 164 -4.46 -8.46 20.13
CA ILE E 164 -5.02 -7.22 20.65
C ILE E 164 -4.94 -6.11 19.61
N LEU E 165 -3.81 -5.99 18.94
CA LEU E 165 -3.64 -4.94 17.94
C LEU E 165 -4.64 -5.04 16.81
N THR E 166 -5.21 -6.22 16.58
CA THR E 166 -6.21 -6.42 15.55
C THR E 166 -7.62 -6.40 16.12
N LYS E 167 -7.78 -6.02 17.39
CA LYS E 167 -9.08 -5.87 18.05
C LYS E 167 -9.78 -7.22 18.18
N ASN E 168 -9.01 -8.27 18.42
CA ASN E 168 -9.56 -9.60 18.63
C ASN E 168 -9.78 -9.85 20.11
N GLU E 169 -10.78 -10.66 20.42
CA GLU E 169 -10.95 -11.14 21.79
C GLU E 169 -10.11 -12.39 21.99
N CYS E 170 -9.45 -12.48 23.12
CA CYS E 170 -8.45 -13.52 23.36
C CYS E 170 -8.99 -14.53 24.36
N ILE E 171 -8.98 -15.79 23.96
CA ILE E 171 -9.21 -16.93 24.83
C ILE E 171 -7.90 -17.69 24.87
N ILE E 172 -7.14 -17.51 25.94
CA ILE E 172 -5.79 -18.05 26.06
C ILE E 172 -5.85 -19.32 26.90
N LYS E 173 -5.48 -20.44 26.30
CA LYS E 173 -5.24 -21.68 27.00
C LYS E 173 -3.76 -21.74 27.34
N THR E 174 -3.43 -21.64 28.63
CA THR E 174 -2.03 -21.62 29.01
C THR E 174 -1.44 -23.02 28.88
N SER E 175 -0.12 -23.06 28.75
CA SER E 175 0.57 -24.33 28.64
C SER E 175 0.64 -25.01 30.01
N SER E 176 0.89 -26.32 29.97
CA SER E 176 1.06 -27.07 31.21
C SER E 176 2.38 -26.79 31.89
N ALA E 177 3.23 -25.95 31.30
CA ALA E 177 4.52 -25.61 31.88
C ALA E 177 4.62 -24.16 32.32
N ASP E 178 3.90 -23.25 31.67
CA ASP E 178 3.91 -21.82 32.02
C ASP E 178 2.47 -21.34 32.14
N PRO E 179 1.83 -21.61 33.27
CA PRO E 179 0.47 -21.10 33.47
C PRO E 179 0.44 -19.74 34.13
N PHE E 180 1.58 -19.04 34.16
CA PHE E 180 1.68 -17.79 34.89
C PHE E 180 1.75 -16.55 34.01
N THR E 181 2.31 -16.66 32.81
CA THR E 181 2.57 -15.46 32.02
C THR E 181 1.28 -14.82 31.52
N ALA E 182 0.38 -15.63 30.96
CA ALA E 182 -0.87 -15.08 30.46
C ALA E 182 -1.72 -14.52 31.60
N ILE E 183 -1.75 -15.22 32.73
CA ILE E 183 -2.49 -14.72 33.89
C ILE E 183 -1.91 -13.41 34.35
N ALA E 184 -0.58 -13.30 34.41
CA ALA E 184 0.05 -12.06 34.85
C ALA E 184 -0.26 -10.92 33.89
N LEU E 185 -0.19 -11.18 32.58
CA LEU E 185 -0.46 -10.13 31.61
C LEU E 185 -1.92 -9.66 31.68
N ALA E 186 -2.87 -10.60 31.76
CA ALA E 186 -4.26 -10.22 31.83
C ALA E 186 -4.58 -9.49 33.12
N SER E 187 -4.05 -9.98 34.24
CA SER E 187 -4.26 -9.29 35.51
C SER E 187 -3.61 -7.92 35.52
N SER E 188 -2.53 -7.75 34.76
CA SER E 188 -1.94 -6.42 34.63
C SER E 188 -2.85 -5.49 33.84
N PHE E 189 -3.42 -6.00 32.75
CA PHE E 189 -4.45 -5.23 32.03
C PHE E 189 -5.55 -4.80 32.98
N ILE E 190 -6.02 -5.73 33.82
CA ILE E 190 -7.08 -5.41 34.77
C ILE E 190 -6.62 -4.34 35.76
N ASP E 191 -5.39 -4.47 36.26
CA ASP E 191 -4.88 -3.50 37.21
C ASP E 191 -4.75 -2.12 36.61
N THR E 192 -4.50 -2.04 35.31
CA THR E 192 -4.39 -0.73 34.66
C THR E 192 -5.77 -0.10 34.52
N ASP E 193 -6.72 -0.81 33.92
CA ASP E 193 -8.08 -0.29 33.75
C ASP E 193 -9.00 -1.48 33.55
N GLU E 194 -9.84 -1.77 34.55
CA GLU E 194 -10.70 -2.94 34.46
C GLU E 194 -11.88 -2.76 33.53
N HIS E 195 -12.20 -1.53 33.15
CA HIS E 195 -13.33 -1.27 32.26
C HIS E 195 -12.90 -1.04 30.83
N HIS E 196 -11.62 -1.14 30.55
CA HIS E 196 -11.13 -0.98 29.18
C HIS E 196 -11.58 -2.16 28.33
N PRO E 197 -11.88 -1.93 27.05
CA PRO E 197 -12.25 -3.05 26.18
C PRO E 197 -11.16 -4.09 26.03
N ILE E 198 -9.89 -3.69 26.20
CA ILE E 198 -8.80 -4.65 26.09
C ILE E 198 -8.76 -5.55 27.32
N SER E 199 -8.98 -4.99 28.50
CA SER E 199 -9.00 -5.79 29.72
C SER E 199 -10.18 -6.76 29.72
N ARG E 200 -11.31 -6.33 29.17
CA ARG E 200 -12.51 -7.15 29.12
C ARG E 200 -12.48 -8.17 27.99
N SER E 201 -11.42 -8.20 27.19
CA SER E 201 -11.31 -9.11 26.07
C SER E 201 -10.44 -10.33 26.37
N MET E 202 -9.91 -10.43 27.58
CA MET E 202 -8.99 -11.50 27.95
C MET E 202 -9.74 -12.57 28.72
N SER E 203 -9.53 -13.84 28.34
CA SER E 203 -10.07 -14.98 29.07
C SER E 203 -8.98 -16.03 29.14
N VAL E 204 -8.32 -16.15 30.28
CA VAL E 204 -7.21 -17.08 30.45
C VAL E 204 -7.69 -18.28 31.23
N MET E 205 -7.34 -19.47 30.76
CA MET E 205 -7.78 -20.71 31.37
C MET E 205 -6.80 -21.81 31.00
N TYR E 206 -7.11 -23.04 31.42
CA TYR E 206 -6.26 -24.18 31.14
C TYR E 206 -7.10 -25.44 31.05
N TRP E 207 -6.76 -26.29 30.08
CA TRP E 207 -7.30 -27.64 30.02
C TRP E 207 -6.20 -28.55 29.48
N SER E 208 -6.24 -29.81 29.90
CA SER E 208 -5.25 -30.77 29.47
C SER E 208 -5.75 -31.55 28.26
N HIS E 209 -4.88 -32.37 27.68
CA HIS E 209 -5.26 -33.24 26.58
C HIS E 209 -5.73 -34.62 27.05
N ASN E 210 -5.55 -34.93 28.33
CA ASN E 210 -5.93 -36.23 28.86
C ASN E 210 -7.33 -36.24 29.44
N GLU E 211 -7.98 -35.08 29.54
CA GLU E 211 -9.28 -34.98 30.18
C GLU E 211 -10.41 -35.16 29.15
N ASP E 212 -11.64 -35.12 29.65
CA ASP E 212 -12.80 -35.20 28.77
C ASP E 212 -12.80 -34.01 27.82
N ILE E 213 -13.22 -34.26 26.58
CA ILE E 213 -13.06 -33.27 25.52
C ILE E 213 -14.27 -32.36 25.36
N ALA E 214 -15.37 -32.63 26.07
CA ALA E 214 -16.61 -31.89 25.86
C ALA E 214 -16.40 -30.38 26.00
N ILE E 215 -15.87 -29.97 27.14
CA ILE E 215 -15.74 -28.54 27.47
C ILE E 215 -14.67 -27.88 26.60
N PRO E 216 -13.47 -28.46 26.44
CA PRO E 216 -12.51 -27.83 25.51
C PRO E 216 -13.02 -27.78 24.09
N GLN E 217 -13.80 -28.76 23.64
CA GLN E 217 -14.37 -28.68 22.30
C GLN E 217 -15.39 -27.56 22.20
N GLN E 218 -16.23 -27.40 23.23
CA GLN E 218 -17.18 -26.29 23.23
C GLN E 218 -16.45 -24.95 23.18
N ILE E 219 -15.31 -24.85 23.88
CA ILE E 219 -14.55 -23.61 23.85
C ILE E 219 -13.92 -23.41 22.48
N MET E 220 -13.47 -24.49 21.85
CA MET E 220 -12.84 -24.37 20.54
C MET E 220 -13.83 -24.01 19.45
N ASN E 221 -15.10 -24.38 19.61
CA ASN E 221 -16.08 -24.10 18.57
C ASN E 221 -16.37 -22.61 18.43
N CYS E 222 -16.17 -21.81 19.47
CA CYS E 222 -16.35 -20.37 19.38
C CYS E 222 -15.00 -19.66 19.22
N ALA E 223 -14.34 -19.89 18.09
CA ALA E 223 -12.96 -19.42 17.92
C ALA E 223 -12.83 -18.34 16.85
N ASP E 224 -13.27 -18.60 15.62
CA ASP E 224 -13.17 -17.69 14.48
C ASP E 224 -11.73 -17.55 14.00
N VAL E 225 -10.77 -17.96 14.83
CA VAL E 225 -9.37 -18.11 14.44
C VAL E 225 -8.65 -18.80 15.60
N VAL E 226 -7.68 -19.65 15.30
CA VAL E 226 -6.95 -20.39 16.31
C VAL E 226 -5.46 -20.16 16.10
N VAL E 227 -4.73 -19.94 17.18
CA VAL E 227 -3.29 -19.76 17.14
C VAL E 227 -2.68 -20.85 18.01
N SER E 228 -2.03 -21.82 17.38
CA SER E 228 -1.41 -22.93 18.08
C SER E 228 0.10 -22.75 18.10
N TRP E 229 0.73 -23.13 19.21
CA TRP E 229 2.13 -22.82 19.45
C TRP E 229 3.00 -24.00 19.79
N GLY E 230 2.43 -25.13 20.21
CA GLY E 230 3.24 -26.22 20.73
C GLY E 230 4.07 -27.00 19.71
N GLY E 231 4.34 -28.26 20.02
CA GLY E 231 5.11 -29.10 19.14
C GLY E 231 4.28 -29.74 18.06
N TYR E 232 4.51 -31.03 17.80
CA TYR E 232 3.77 -31.71 16.75
C TYR E 232 2.38 -32.12 17.22
N ASP E 233 2.31 -32.77 18.38
CA ASP E 233 1.01 -33.25 18.86
C ASP E 233 0.10 -32.10 19.23
N ALA E 234 0.67 -30.97 19.67
CA ALA E 234 -0.14 -29.81 19.97
C ALA E 234 -0.82 -29.28 18.72
N ILE E 235 -0.06 -29.17 17.62
CA ILE E 235 -0.63 -28.68 16.37
C ILE E 235 -1.60 -29.70 15.80
N LYS E 236 -1.32 -30.99 15.99
CA LYS E 236 -2.25 -32.03 15.55
C LYS E 236 -3.57 -31.93 16.29
N TRP E 237 -3.51 -31.71 17.61
CA TRP E 237 -4.72 -31.52 18.39
C TRP E 237 -5.48 -30.29 17.92
N ALA E 238 -4.77 -29.19 17.69
CA ALA E 238 -5.43 -27.98 17.20
C ALA E 238 -6.12 -28.22 15.88
N THR E 239 -5.47 -28.96 14.98
CA THR E 239 -6.05 -29.22 13.67
C THR E 239 -7.27 -30.13 13.79
N GLU E 240 -7.23 -31.09 14.70
CA GLU E 240 -8.32 -32.06 14.80
C GLU E 240 -9.53 -31.50 15.53
N HIS E 241 -9.34 -30.51 16.40
CA HIS E 241 -10.42 -30.03 17.26
C HIS E 241 -10.77 -28.58 16.96
N THR E 242 -10.65 -28.19 15.69
CA THR E 242 -11.05 -26.87 15.24
C THR E 242 -12.13 -27.03 14.17
N PRO E 243 -13.15 -26.17 14.17
CA PRO E 243 -14.13 -26.18 13.08
C PRO E 243 -13.43 -26.05 11.73
N VAL E 244 -13.90 -26.82 10.75
CA VAL E 244 -13.18 -26.95 9.50
C VAL E 244 -13.14 -25.65 8.71
N ASN E 245 -14.01 -24.69 9.02
CA ASN E 245 -14.03 -23.42 8.33
C ASN E 245 -13.28 -22.33 9.08
N VAL E 246 -12.46 -22.71 10.05
CA VAL E 246 -11.73 -21.77 10.89
C VAL E 246 -10.24 -21.93 10.62
N ASP E 247 -9.54 -20.81 10.54
CA ASP E 247 -8.12 -20.81 10.20
C ASP E 247 -7.27 -21.04 11.44
N ILE E 248 -6.10 -21.65 11.24
CA ILE E 248 -5.18 -21.99 12.31
C ILE E 248 -3.82 -21.41 11.96
N LEU E 249 -3.27 -20.59 12.86
CA LEU E 249 -1.90 -20.14 12.76
C LEU E 249 -1.01 -21.14 13.48
N LYS E 250 -0.19 -21.87 12.72
CA LYS E 250 0.62 -22.94 13.28
C LYS E 250 2.05 -22.44 13.47
N PHE E 251 2.53 -22.50 14.71
CA PHE E 251 3.92 -22.19 15.06
C PHE E 251 4.54 -23.48 15.57
N GLY E 252 5.08 -24.26 14.65
CA GLY E 252 5.58 -25.58 14.98
C GLY E 252 6.96 -25.56 15.56
N PRO E 253 7.49 -26.75 15.83
CA PRO E 253 8.85 -26.86 16.36
C PRO E 253 9.88 -26.63 15.26
N LYS E 254 10.93 -25.91 15.61
CA LYS E 254 11.97 -25.52 14.67
C LYS E 254 13.33 -25.98 15.18
N LYS E 255 14.34 -25.77 14.34
CA LYS E 255 15.73 -26.10 14.68
C LYS E 255 16.62 -25.05 14.04
N SER E 256 17.07 -24.10 14.84
CA SER E 256 17.87 -23.00 14.33
C SER E 256 19.37 -23.31 14.47
N ILE E 257 20.14 -22.71 13.56
CA ILE E 257 21.56 -22.98 13.43
C ILE E 257 22.30 -21.65 13.35
N ALA E 258 23.62 -21.71 13.32
CA ALA E 258 24.46 -20.54 13.22
C ALA E 258 25.56 -20.78 12.20
N ILE E 259 25.94 -19.73 11.49
CA ILE E 259 27.01 -19.79 10.50
C ILE E 259 28.05 -18.74 10.84
N VAL E 260 29.30 -19.16 11.00
CA VAL E 260 30.41 -18.29 11.30
C VAL E 260 31.34 -18.32 10.08
N ASP E 261 31.40 -17.22 9.35
CA ASP E 261 32.02 -17.27 8.02
C ASP E 261 33.53 -17.19 8.11
N ASN E 262 34.07 -16.07 8.55
CA ASN E 262 35.49 -15.97 8.84
C ASN E 262 35.72 -14.69 9.63
N PRO E 263 35.40 -14.68 10.93
CA PRO E 263 35.41 -13.41 11.66
C PRO E 263 36.82 -12.95 11.94
N VAL E 264 37.12 -11.72 11.54
CA VAL E 264 38.35 -11.09 11.98
C VAL E 264 38.23 -10.70 13.45
N ASP E 265 37.03 -10.33 13.88
CA ASP E 265 36.76 -10.03 15.28
C ASP E 265 36.06 -11.24 15.90
N ILE E 266 36.85 -12.19 16.39
CA ILE E 266 36.29 -13.44 16.87
C ILE E 266 35.55 -13.26 18.19
N THR E 267 35.88 -12.21 18.95
CA THR E 267 35.32 -12.08 20.28
C THR E 267 33.83 -11.73 20.22
N ALA E 268 33.44 -10.79 19.36
CA ALA E 268 32.03 -10.47 19.23
C ALA E 268 31.26 -11.63 18.63
N SER E 269 31.89 -12.35 17.70
CA SER E 269 31.28 -13.56 17.14
C SER E 269 30.95 -14.57 18.23
N ALA E 270 31.93 -14.86 19.08
CA ALA E 270 31.70 -15.81 20.17
C ALA E 270 30.67 -15.28 21.14
N ILE E 271 30.69 -13.97 21.42
CA ILE E 271 29.69 -13.38 22.30
C ILE E 271 28.29 -13.64 21.75
N GLY E 272 28.10 -13.38 20.46
CA GLY E 272 26.79 -13.60 19.86
C GLY E 272 26.36 -15.05 19.89
N VAL E 273 27.25 -15.95 19.47
CA VAL E 273 26.88 -17.36 19.42
C VAL E 273 26.56 -17.87 20.83
N ALA E 274 27.31 -17.41 21.83
CA ALA E 274 27.01 -17.80 23.20
C ALA E 274 25.67 -17.26 23.65
N HIS E 275 25.35 -16.01 23.30
CA HIS E 275 24.03 -15.45 23.58
C HIS E 275 22.94 -16.34 23.01
N ASP E 276 23.07 -16.73 21.74
CA ASP E 276 22.04 -17.52 21.10
C ASP E 276 21.94 -18.91 21.71
N ILE E 277 23.06 -19.47 22.16
CA ILE E 277 23.01 -20.79 22.78
C ILE E 277 22.35 -20.71 24.15
N CYS E 278 22.63 -19.65 24.90
CA CYS E 278 22.27 -19.62 26.31
C CYS E 278 20.93 -18.96 26.60
N PHE E 279 20.41 -18.11 25.71
CA PHE E 279 19.15 -17.46 26.00
C PHE E 279 18.00 -18.47 26.07
N TYR E 280 17.15 -18.31 27.08
CA TYR E 280 16.02 -19.19 27.33
C TYR E 280 16.45 -20.64 27.52
N ASP E 281 17.69 -20.84 27.97
CA ASP E 281 18.24 -22.17 28.22
C ASP E 281 18.20 -23.06 26.98
N GLN E 282 18.32 -22.45 25.80
CA GLN E 282 18.29 -23.14 24.52
C GLN E 282 16.98 -23.85 24.26
N GLN E 283 15.88 -23.37 24.85
CA GLN E 283 14.59 -24.01 24.71
C GLN E 283 13.70 -23.37 23.67
N ALA E 284 14.11 -22.24 23.11
CA ALA E 284 13.30 -21.55 22.11
C ALA E 284 13.48 -22.19 20.74
N CYS E 285 12.61 -21.78 19.81
CA CYS E 285 12.73 -22.25 18.44
C CYS E 285 13.79 -21.49 17.67
N PHE E 286 14.19 -20.32 18.15
CA PHE E 286 15.25 -19.53 17.53
C PHE E 286 16.60 -19.78 18.20
N SER E 287 16.68 -20.74 19.11
CA SER E 287 17.93 -21.02 19.80
C SER E 287 18.86 -21.83 18.90
N THR E 288 20.14 -21.48 18.95
CA THR E 288 21.14 -22.12 18.11
C THR E 288 21.46 -23.50 18.64
N GLN E 289 21.37 -24.50 17.78
CA GLN E 289 21.72 -25.87 18.15
C GLN E 289 23.00 -26.36 17.48
N ASP E 290 23.20 -26.04 16.21
CA ASP E 290 24.39 -26.44 15.48
C ASP E 290 25.08 -25.20 14.93
N ILE E 291 26.40 -25.16 15.06
CA ILE E 291 27.22 -24.08 14.52
C ILE E 291 28.02 -24.63 13.35
N TYR E 292 28.11 -23.86 12.28
CA TYR E 292 28.84 -24.25 11.09
C TYR E 292 29.94 -23.22 10.87
N TYR E 293 31.16 -23.59 11.20
CA TYR E 293 32.30 -22.67 11.09
C TYR E 293 32.97 -22.82 9.74
N ILE E 294 33.12 -21.71 9.05
CA ILE E 294 33.97 -21.62 7.86
C ILE E 294 35.22 -20.89 8.27
N GLY E 295 36.35 -21.22 7.64
CA GLY E 295 37.55 -20.47 7.94
C GLY E 295 38.70 -21.37 8.29
N ASP E 296 39.68 -20.81 8.99
CA ASP E 296 40.94 -21.49 9.22
C ASP E 296 41.36 -21.57 10.69
N ASN E 297 40.58 -21.03 11.61
CA ASN E 297 40.92 -20.98 13.03
C ASN E 297 39.75 -21.45 13.89
N ILE E 298 39.23 -22.63 13.58
CA ILE E 298 38.08 -23.16 14.30
C ILE E 298 38.37 -23.33 15.78
N ASP E 299 39.64 -23.56 16.13
CA ASP E 299 40.00 -23.78 17.52
C ASP E 299 40.12 -22.47 18.29
N ALA E 300 40.56 -21.41 17.62
CA ALA E 300 40.53 -20.09 18.24
C ALA E 300 39.10 -19.67 18.56
N PHE E 301 38.19 -19.87 17.60
CA PHE E 301 36.77 -19.59 17.85
C PHE E 301 36.23 -20.51 18.93
N PHE E 302 36.66 -21.77 18.95
CA PHE E 302 36.26 -22.68 20.01
C PHE E 302 36.64 -22.14 21.38
N ASP E 303 37.88 -21.69 21.54
CA ASP E 303 38.32 -21.15 22.82
C ASP E 303 37.56 -19.89 23.20
N GLU E 304 37.36 -18.99 22.24
CA GLU E 304 36.65 -17.75 22.55
C GLU E 304 35.19 -18.04 22.91
N LEU E 305 34.57 -19.00 22.23
CA LEU E 305 33.21 -19.39 22.56
C LEU E 305 33.14 -20.04 23.93
N VAL E 306 34.17 -20.80 24.31
CA VAL E 306 34.22 -21.36 25.65
C VAL E 306 34.27 -20.25 26.68
N GLU E 307 35.08 -19.22 26.42
CA GLU E 307 35.15 -18.09 27.34
C GLU E 307 33.80 -17.38 27.45
N GLN E 308 33.13 -17.15 26.33
CA GLN E 308 31.84 -16.46 26.38
C GLN E 308 30.77 -17.31 27.06
N LEU E 309 30.82 -18.64 26.87
CA LEU E 309 29.88 -19.51 27.57
C LEU E 309 30.17 -19.50 29.06
N ASN E 310 31.43 -19.41 29.46
CA ASN E 310 31.75 -19.27 30.88
C ASN E 310 31.24 -17.95 31.43
N LEU E 311 31.26 -16.90 30.63
CA LEU E 311 30.67 -15.62 31.05
C LEU E 311 29.17 -15.74 31.26
N TYR E 312 28.48 -16.34 30.29
CA TYR E 312 27.05 -16.57 30.43
C TYR E 312 26.72 -17.53 31.55
N MET E 313 27.67 -18.38 31.96
CA MET E 313 27.47 -19.20 33.14
C MET E 313 27.21 -18.36 34.37
N ASP E 314 27.70 -17.14 34.41
CA ASP E 314 27.58 -16.26 35.55
C ASP E 314 26.54 -15.16 35.35
N ILE E 315 26.50 -14.52 34.18
CA ILE E 315 25.57 -13.42 34.00
C ILE E 315 24.15 -13.88 33.69
N LEU E 316 23.96 -15.14 33.33
CA LEU E 316 22.63 -15.68 33.03
C LEU E 316 22.64 -17.18 33.24
N PRO E 317 22.58 -17.62 34.49
CA PRO E 317 22.76 -19.06 34.78
C PRO E 317 21.61 -19.93 34.32
N LYS E 318 21.79 -21.24 34.45
CA LYS E 318 20.83 -22.22 33.95
C LYS E 318 19.62 -22.34 34.87
N GLY E 319 18.72 -23.24 34.51
CA GLY E 319 17.56 -23.56 35.31
C GLY E 319 17.88 -24.50 36.45
N ASP E 320 17.00 -25.47 36.73
CA ASP E 320 17.21 -26.38 37.85
C ASP E 320 17.59 -27.80 37.45
N GLN E 321 17.35 -28.19 36.20
CA GLN E 321 17.99 -29.39 35.65
C GLN E 321 17.68 -30.65 36.45
N THR E 322 16.44 -31.13 36.39
CA THR E 322 16.03 -32.36 37.05
C THR E 322 16.96 -33.54 36.78
N PHE E 323 16.92 -34.53 37.68
CA PHE E 323 17.79 -35.70 37.65
C PHE E 323 18.03 -36.27 36.25
N ASP E 324 16.93 -36.54 35.52
CA ASP E 324 17.07 -37.14 34.19
C ASP E 324 17.82 -36.22 33.24
N GLU E 325 17.64 -34.91 33.36
CA GLU E 325 18.37 -33.99 32.50
C GLU E 325 19.86 -34.01 32.81
N LYS E 326 20.22 -34.12 34.09
CA LYS E 326 21.62 -34.25 34.46
C LYS E 326 22.21 -35.53 33.88
N ALA E 327 21.48 -36.65 34.02
CA ALA E 327 21.98 -37.91 33.50
C ALA E 327 22.11 -37.87 31.97
N SER E 328 21.16 -37.23 31.30
CA SER E 328 21.27 -37.05 29.86
C SER E 328 22.51 -36.26 29.49
N PHE E 329 22.75 -35.15 30.19
CA PHE E 329 23.94 -34.36 29.93
C PHE E 329 25.20 -35.20 30.06
N SER E 330 25.32 -35.95 31.15
CA SER E 330 26.52 -36.75 31.38
C SER E 330 26.68 -37.83 30.32
N LEU E 331 25.60 -38.56 30.03
CA LEU E 331 25.70 -39.66 29.07
C LEU E 331 26.01 -39.15 27.68
N ILE E 332 25.50 -37.97 27.32
CA ILE E 332 25.76 -37.42 26.00
C ILE E 332 27.20 -36.89 25.92
N GLU E 333 27.71 -36.33 27.02
CA GLU E 333 29.12 -35.98 27.05
C GLU E 333 29.99 -37.21 26.88
N LYS E 334 29.61 -38.32 27.51
CA LYS E 334 30.36 -39.57 27.32
C LYS E 334 30.28 -40.03 25.87
N GLU E 335 29.09 -39.98 25.27
CA GLU E 335 28.93 -40.34 23.87
C GLU E 335 29.85 -39.53 22.98
N CYS E 336 29.95 -38.23 23.23
CA CYS E 336 30.75 -37.38 22.35
C CYS E 336 32.24 -37.56 22.63
N GLN E 337 32.63 -37.87 23.86
CA GLN E 337 34.02 -38.16 24.14
C GLN E 337 34.45 -39.49 23.53
N PHE E 338 33.53 -40.45 23.41
CA PHE E 338 33.85 -41.73 22.82
C PHE E 338 34.08 -41.66 21.31
N ALA E 339 33.92 -40.48 20.69
CA ALA E 339 34.08 -40.34 19.25
C ALA E 339 35.09 -39.26 18.89
N LYS E 340 35.99 -38.92 19.81
CA LYS E 340 37.04 -37.92 19.61
C LYS E 340 36.45 -36.60 19.10
N TYR E 341 35.36 -36.17 19.72
CA TYR E 341 34.63 -35.01 19.23
C TYR E 341 35.11 -33.69 19.86
N LYS E 342 36.23 -33.69 20.56
CA LYS E 342 36.75 -32.49 21.23
C LYS E 342 35.68 -31.85 22.11
N VAL E 343 35.30 -32.60 23.13
CA VAL E 343 34.25 -32.17 24.04
C VAL E 343 34.82 -31.19 25.06
N GLU E 344 34.05 -30.15 25.36
CA GLU E 344 34.37 -29.24 26.46
C GLU E 344 33.07 -28.89 27.16
N LYS E 345 33.12 -28.71 28.47
CA LYS E 345 31.92 -28.40 29.23
C LYS E 345 32.25 -27.43 30.34
N GLY E 346 31.20 -26.83 30.90
CA GLY E 346 31.32 -25.90 31.99
C GLY E 346 31.04 -26.56 33.34
N ASP E 347 31.36 -25.81 34.40
CA ASP E 347 31.16 -26.33 35.75
C ASP E 347 29.68 -26.49 36.06
N ASN E 348 29.36 -27.48 36.89
CA ASN E 348 27.99 -27.88 37.19
C ASN E 348 27.19 -28.15 35.91
N GLN E 349 27.86 -28.75 34.93
CA GLN E 349 27.32 -28.99 33.59
C GLN E 349 26.46 -27.81 33.14
N SER E 350 27.12 -26.67 33.00
CA SER E 350 26.41 -25.45 32.62
C SER E 350 26.24 -25.39 31.11
N TRP E 351 27.21 -25.86 30.35
CA TRP E 351 27.13 -25.84 28.90
C TRP E 351 27.95 -26.99 28.33
N LEU E 352 27.87 -27.16 27.02
CA LEU E 352 28.59 -28.23 26.35
C LEU E 352 28.89 -27.80 24.92
N LEU E 353 30.17 -27.82 24.56
CA LEU E 353 30.64 -27.56 23.21
C LEU E 353 31.26 -28.82 22.65
N VAL E 354 30.82 -29.23 21.46
CA VAL E 354 31.26 -30.47 20.83
C VAL E 354 31.65 -30.14 19.40
N LYS E 355 32.91 -30.41 19.04
CA LYS E 355 33.41 -30.18 17.69
C LYS E 355 33.43 -31.51 16.95
N SER E 356 32.30 -31.87 16.37
CA SER E 356 32.21 -33.09 15.59
C SER E 356 32.33 -32.77 14.11
N PRO E 357 32.78 -33.72 13.30
CA PRO E 357 32.82 -33.50 11.85
C PRO E 357 31.42 -33.38 11.27
N LEU E 358 31.36 -32.75 10.09
CA LEU E 358 30.08 -32.50 9.45
C LEU E 358 29.34 -33.79 9.15
N GLY E 359 28.04 -33.80 9.43
CA GLY E 359 27.21 -34.96 9.17
C GLY E 359 27.35 -36.07 10.18
N SER E 360 28.06 -35.84 11.28
CA SER E 360 28.34 -36.90 12.22
C SER E 360 27.16 -37.16 13.15
N PHE E 361 27.16 -38.36 13.73
CA PHE E 361 26.28 -38.72 14.83
C PHE E 361 26.54 -37.79 16.02
N GLY E 362 25.50 -37.11 16.47
CA GLY E 362 25.54 -36.36 17.71
C GLY E 362 24.19 -36.25 18.38
N ASN E 363 24.09 -36.71 19.62
CA ASN E 363 22.84 -36.61 20.37
C ASN E 363 22.71 -35.21 20.93
N GLN E 364 21.53 -34.62 20.76
CA GLN E 364 21.33 -33.22 21.11
C GLN E 364 20.36 -33.07 22.27
N PRO E 365 20.85 -32.85 23.50
CA PRO E 365 19.99 -32.29 24.53
C PRO E 365 19.99 -30.78 24.40
N LEU E 366 18.87 -30.18 24.76
CA LEU E 366 18.71 -28.73 24.62
C LEU E 366 19.05 -28.02 25.91
N ALA E 367 20.04 -28.52 26.65
CA ALA E 367 20.36 -27.89 27.94
C ALA E 367 21.14 -26.61 27.72
N ARG E 368 22.39 -26.72 27.27
CA ARG E 368 23.05 -25.63 26.58
C ARG E 368 24.02 -26.17 25.53
N SER E 369 23.75 -27.37 25.03
CA SER E 369 24.68 -28.06 24.15
C SER E 369 24.71 -27.42 22.78
N ALA E 370 25.89 -27.44 22.16
CA ALA E 370 26.05 -26.96 20.81
C ALA E 370 27.10 -27.78 20.10
N TYR E 371 26.81 -28.17 18.87
CA TYR E 371 27.74 -28.91 18.03
C TYR E 371 28.28 -27.95 16.98
N ILE E 372 29.60 -27.83 16.89
CA ILE E 372 30.24 -26.96 15.92
C ILE E 372 30.93 -27.82 14.88
N HIS E 373 30.77 -27.48 13.61
CA HIS E 373 31.29 -28.25 12.49
C HIS E 373 32.11 -27.35 11.58
N HIS E 374 33.18 -27.91 11.02
CA HIS E 374 33.94 -27.24 9.96
C HIS E 374 33.38 -27.67 8.61
N VAL E 375 33.00 -26.69 7.79
CA VAL E 375 32.29 -26.96 6.55
C VAL E 375 33.10 -26.55 5.32
N SER E 376 33.82 -25.45 5.40
CA SER E 376 34.72 -24.88 4.41
C SER E 376 34.01 -24.14 3.27
N ASP E 377 32.69 -24.21 3.16
CA ASP E 377 31.96 -23.47 2.13
C ASP E 377 30.48 -23.60 2.46
N ILE E 378 29.70 -22.62 2.00
CA ILE E 378 28.26 -22.59 2.29
C ILE E 378 27.55 -23.76 1.64
N SER E 379 28.05 -24.26 0.50
CA SER E 379 27.37 -25.34 -0.21
C SER E 379 27.27 -26.61 0.62
N GLU E 380 28.08 -26.75 1.67
CA GLU E 380 28.00 -27.92 2.54
C GLU E 380 27.03 -27.73 3.69
N ILE E 381 26.56 -26.51 3.92
CA ILE E 381 25.58 -26.27 4.97
C ILE E 381 24.15 -26.44 4.45
N THR E 382 23.91 -26.11 3.19
CA THR E 382 22.55 -26.13 2.66
C THR E 382 21.88 -27.51 2.67
N PRO E 383 22.57 -28.64 2.55
CA PRO E 383 21.87 -29.93 2.72
C PRO E 383 21.29 -30.13 4.11
N TYR E 384 21.67 -29.33 5.09
CA TYR E 384 21.18 -29.46 6.47
C TYR E 384 20.16 -28.38 6.81
N ILE E 385 19.52 -27.79 5.81
CA ILE E 385 18.52 -26.76 6.01
C ILE E 385 17.24 -27.26 5.36
N GLU E 386 16.23 -27.53 6.18
CA GLU E 386 14.96 -28.06 5.68
C GLU E 386 13.93 -26.96 5.52
N ASN E 387 12.80 -27.32 4.91
CA ASN E 387 11.83 -26.33 4.49
C ASN E 387 11.11 -25.71 5.68
N ARG E 388 10.41 -26.52 6.46
CA ARG E 388 9.61 -26.02 7.56
C ARG E 388 10.20 -26.33 8.92
N ILE E 389 11.50 -26.62 8.99
CA ILE E 389 12.17 -26.99 10.23
C ILE E 389 13.20 -25.95 10.63
N THR E 390 14.00 -25.48 9.68
CA THR E 390 15.01 -24.47 9.97
C THR E 390 14.34 -23.10 10.02
N GLN E 391 14.40 -22.45 11.17
CA GLN E 391 13.75 -21.15 11.35
C GLN E 391 14.73 -20.00 11.31
N THR E 392 15.80 -20.05 12.09
CA THR E 392 16.78 -18.98 12.15
C THR E 392 18.13 -19.53 11.70
N VAL E 393 18.79 -18.79 10.82
CA VAL E 393 20.01 -19.23 10.15
C VAL E 393 21.09 -18.21 10.47
N THR E 394 21.17 -17.83 11.74
CA THR E 394 22.12 -16.87 12.26
C THR E 394 23.47 -16.87 11.54
N VAL E 395 23.90 -15.69 11.07
CA VAL E 395 25.16 -15.52 10.37
C VAL E 395 25.98 -14.50 11.15
N THR E 396 27.21 -14.86 11.49
CA THR E 396 27.86 -14.10 12.54
C THR E 396 28.48 -12.79 12.06
N PRO E 397 29.36 -12.77 11.05
CA PRO E 397 29.69 -11.47 10.45
C PRO E 397 28.56 -11.04 9.54
N TRP E 398 27.76 -10.05 9.97
CA TRP E 398 26.49 -9.79 9.31
C TRP E 398 26.66 -9.47 7.83
N GLU E 399 27.81 -8.90 7.44
CA GLU E 399 28.04 -8.64 6.02
C GLU E 399 27.95 -9.91 5.21
N SER E 400 28.47 -11.01 5.74
CA SER E 400 28.45 -12.27 5.03
C SER E 400 27.04 -12.78 4.80
N SER E 401 26.03 -12.22 5.49
CA SER E 401 24.66 -12.62 5.24
C SER E 401 24.16 -12.12 3.90
N PHE E 402 24.81 -11.13 3.30
CA PHE E 402 24.34 -10.62 2.02
C PHE E 402 24.68 -11.56 0.87
N LYS E 403 25.70 -12.40 1.01
CA LYS E 403 26.06 -13.35 -0.01
C LYS E 403 25.55 -14.75 0.26
N TYR E 404 24.81 -14.94 1.35
CA TYR E 404 24.23 -16.24 1.66
C TYR E 404 22.72 -16.24 1.75
N ARG E 405 22.09 -15.08 1.91
CA ARG E 405 20.65 -15.05 2.21
C ARG E 405 19.84 -15.65 1.07
N ASP E 406 20.31 -15.55 -0.16
CA ASP E 406 19.55 -16.05 -1.28
C ASP E 406 19.48 -17.57 -1.28
N VAL E 407 20.61 -18.25 -1.07
CA VAL E 407 20.58 -19.71 -1.08
C VAL E 407 19.95 -20.25 0.20
N LEU E 408 20.09 -19.53 1.31
CA LEU E 408 19.41 -19.94 2.54
C LEU E 408 17.91 -19.83 2.40
N ALA E 409 17.43 -18.75 1.78
CA ALA E 409 16.01 -18.62 1.50
C ALA E 409 15.54 -19.70 0.54
N SER E 410 16.33 -19.97 -0.50
CA SER E 410 15.98 -21.04 -1.44
C SER E 410 15.87 -22.38 -0.74
N HIS E 411 16.62 -22.59 0.34
CA HIS E 411 16.57 -23.87 1.03
C HIS E 411 15.70 -23.86 2.28
N GLY E 412 15.02 -22.75 2.57
CA GLY E 412 14.06 -22.74 3.66
C GLY E 412 14.57 -22.14 4.96
N ALA E 413 15.19 -20.97 4.89
CA ALA E 413 15.80 -20.38 6.08
C ALA E 413 14.74 -19.80 7.00
N GLU E 414 13.90 -18.90 6.49
CA GLU E 414 12.84 -18.14 7.15
C GLU E 414 13.36 -16.99 8.01
N ARG E 415 14.66 -16.90 8.28
CA ARG E 415 15.23 -15.82 9.08
C ARG E 415 16.74 -15.83 8.92
N ILE E 416 17.33 -14.64 8.85
CA ILE E 416 18.77 -14.49 8.85
C ILE E 416 19.10 -13.31 9.75
N VAL E 417 19.81 -13.56 10.85
CA VAL E 417 20.07 -12.55 11.87
C VAL E 417 21.58 -12.50 12.14
N GLU E 418 21.96 -11.70 13.12
CA GLU E 418 23.34 -11.27 13.33
C GLU E 418 24.04 -11.97 14.49
N SER E 419 23.44 -13.00 15.06
CA SER E 419 23.95 -13.85 16.14
C SER E 419 23.85 -13.22 17.52
N GLY E 420 23.51 -11.95 17.65
CA GLY E 420 23.30 -11.42 18.97
C GLY E 420 21.84 -11.04 19.08
N MET E 421 21.08 -11.52 18.09
CA MET E 421 19.74 -11.01 17.84
C MET E 421 18.74 -12.11 17.56
N ASN E 422 19.05 -13.35 17.92
CA ASN E 422 18.16 -14.45 17.56
C ASN E 422 16.86 -14.39 18.34
N ASN E 423 16.86 -13.79 19.52
CA ASN E 423 15.64 -13.71 20.32
C ASN E 423 14.77 -12.53 19.94
N ILE E 424 15.33 -11.55 19.25
CA ILE E 424 14.60 -10.35 18.85
C ILE E 424 14.03 -10.58 17.46
N PHE E 425 12.72 -10.76 17.38
CA PHE E 425 12.03 -10.81 16.09
C PHE E 425 11.83 -9.35 15.68
N ARG E 426 12.81 -8.83 14.95
CA ARG E 426 12.82 -7.40 14.65
C ARG E 426 11.56 -7.01 13.89
N VAL E 427 11.15 -5.76 14.11
CA VAL E 427 9.95 -5.24 13.46
C VAL E 427 10.15 -5.28 11.95
N GLY E 428 9.05 -5.42 11.22
CA GLY E 428 9.09 -5.41 9.78
C GLY E 428 9.38 -6.74 9.13
N GLY E 429 9.72 -7.76 9.91
CA GLY E 429 10.06 -9.06 9.38
C GLY E 429 8.88 -10.00 9.41
N ALA E 430 9.15 -11.27 9.70
CA ALA E 430 8.12 -12.28 9.70
C ALA E 430 8.43 -13.32 10.76
N HIS E 431 7.42 -14.12 11.08
CA HIS E 431 7.55 -15.19 12.07
C HIS E 431 7.19 -16.49 11.37
N ASP E 432 8.18 -17.38 11.22
CA ASP E 432 8.00 -18.66 10.56
C ASP E 432 7.53 -18.50 9.12
N GLY E 433 8.12 -17.54 8.42
CA GLY E 433 7.72 -17.28 7.05
C GLY E 433 6.30 -16.79 6.91
N MET E 434 5.78 -16.12 7.94
CA MET E 434 4.38 -15.78 8.02
C MET E 434 4.24 -14.48 8.77
N ARG E 435 3.51 -13.54 8.19
CA ARG E 435 3.21 -12.31 8.91
C ARG E 435 1.92 -12.53 9.68
N PRO E 436 2.01 -12.71 11.01
CA PRO E 436 0.91 -13.36 11.72
C PRO E 436 -0.40 -12.60 11.71
N LEU E 437 -0.39 -11.29 11.92
CA LEU E 437 -1.67 -10.60 12.00
C LEU E 437 -2.26 -10.28 10.64
N GLN E 438 -1.70 -10.82 9.56
CA GLN E 438 -2.45 -10.90 8.32
C GLN E 438 -3.51 -11.98 8.39
N ARG E 439 -3.31 -12.97 9.26
CA ARG E 439 -4.25 -14.06 9.43
C ARG E 439 -5.16 -13.88 10.63
N LEU E 440 -4.90 -12.88 11.47
CA LEU E 440 -5.78 -12.50 12.56
C LEU E 440 -6.80 -11.45 12.13
N VAL E 441 -6.90 -11.19 10.84
CA VAL E 441 -7.67 -10.08 10.30
C VAL E 441 -8.52 -10.57 9.13
N LYS E 442 -9.70 -9.99 9.00
CA LYS E 442 -10.60 -10.20 7.89
C LYS E 442 -10.54 -8.97 7.01
N TYR E 443 -10.05 -9.12 5.79
CA TYR E 443 -9.98 -8.01 4.84
C TYR E 443 -11.35 -7.85 4.20
N ILE E 444 -12.03 -6.75 4.49
CA ILE E 444 -13.36 -6.50 3.98
C ILE E 444 -13.25 -5.46 2.88
N SER E 445 -13.73 -5.83 1.70
CA SER E 445 -13.54 -5.07 0.48
C SER E 445 -14.85 -4.44 0.04
N HIS E 446 -14.82 -3.14 -0.20
CA HIS E 446 -15.95 -2.37 -0.70
C HIS E 446 -15.55 -1.92 -2.11
N GLU E 447 -16.00 -2.67 -3.10
CA GLU E 447 -15.56 -2.47 -4.47
C GLU E 447 -16.35 -1.34 -5.13
N ARG E 448 -15.66 -0.51 -5.90
CA ARG E 448 -16.29 0.67 -6.43
C ARG E 448 -16.99 0.38 -7.75
N PRO E 449 -17.93 1.23 -8.17
CA PRO E 449 -18.96 0.80 -9.12
C PRO E 449 -18.42 0.62 -10.54
N TYR E 450 -19.34 0.32 -11.45
CA TYR E 450 -18.97 0.02 -12.83
C TYR E 450 -18.47 1.26 -13.57
N THR E 451 -18.87 2.46 -13.12
CA THR E 451 -18.38 3.67 -13.77
C THR E 451 -16.89 3.88 -13.55
N TYR E 452 -16.31 3.23 -12.55
CA TYR E 452 -14.87 3.27 -12.32
C TYR E 452 -14.23 2.12 -13.08
N SER E 453 -13.57 2.44 -14.19
CA SER E 453 -13.01 1.42 -15.06
C SER E 453 -11.73 0.85 -14.47
N THR E 454 -11.27 -0.25 -15.06
CA THR E 454 -10.01 -0.86 -14.66
C THR E 454 -8.86 -0.14 -15.36
N LYS E 455 -7.64 -0.56 -15.03
CA LYS E 455 -6.45 0.05 -15.63
C LYS E 455 -6.11 -0.50 -16.99
N ASP E 456 -6.87 -1.48 -17.50
CA ASP E 456 -6.54 -2.12 -18.76
C ASP E 456 -7.57 -1.93 -19.86
N VAL E 457 -8.82 -1.65 -19.53
CA VAL E 457 -9.91 -1.69 -20.48
C VAL E 457 -10.35 -0.30 -20.90
N ALA E 458 -10.50 0.61 -19.93
CA ALA E 458 -10.94 1.99 -20.18
C ALA E 458 -12.37 2.03 -20.70
N VAL E 459 -13.17 1.03 -20.34
CA VAL E 459 -14.57 0.95 -20.73
C VAL E 459 -15.39 0.67 -19.48
N LYS E 460 -16.47 1.42 -19.30
CA LYS E 460 -17.35 1.18 -18.16
C LYS E 460 -17.90 -0.23 -18.22
N ILE E 461 -17.96 -0.88 -17.06
CA ILE E 461 -18.20 -2.33 -16.99
C ILE E 461 -19.71 -2.51 -16.98
N GLU E 462 -20.28 -2.54 -18.18
CA GLU E 462 -21.71 -2.78 -18.36
C GLU E 462 -21.84 -4.16 -19.00
N GLN E 463 -21.90 -5.19 -18.16
CA GLN E 463 -21.88 -6.56 -18.67
C GLN E 463 -23.17 -6.91 -19.38
N THR E 464 -24.31 -6.38 -18.94
CA THR E 464 -25.57 -6.66 -19.61
C THR E 464 -25.61 -6.01 -20.98
N ARG E 465 -25.21 -4.75 -21.06
CA ARG E 465 -25.23 -4.03 -22.33
C ARG E 465 -24.38 -4.74 -23.38
N TYR E 466 -23.25 -5.28 -22.98
CA TYR E 466 -22.35 -5.95 -23.91
C TYR E 466 -22.70 -7.42 -24.11
N LEU E 467 -23.50 -8.01 -23.23
CA LEU E 467 -24.06 -9.32 -23.52
C LEU E 467 -25.17 -9.21 -24.53
N GLU E 468 -25.92 -8.11 -24.51
CA GLU E 468 -26.91 -7.86 -25.56
C GLU E 468 -26.23 -7.67 -26.90
N GLU E 469 -25.29 -6.72 -26.99
CA GLU E 469 -24.62 -6.42 -28.24
C GLU E 469 -23.63 -7.47 -28.67
N ASP E 470 -23.31 -8.44 -27.81
CA ASP E 470 -22.33 -9.49 -28.12
C ASP E 470 -20.95 -8.88 -28.38
N LYS E 471 -20.45 -8.15 -27.39
CA LYS E 471 -19.16 -7.47 -27.46
C LYS E 471 -18.34 -7.84 -26.24
N PHE E 472 -17.43 -8.79 -26.37
CA PHE E 472 -16.51 -9.00 -25.27
C PHE E 472 -15.05 -8.91 -25.69
N LEU E 473 -14.67 -9.53 -26.80
CA LEU E 473 -13.26 -9.67 -27.14
C LEU E 473 -12.66 -8.41 -27.74
N VAL E 474 -13.48 -7.43 -28.12
CA VAL E 474 -12.95 -6.17 -28.60
C VAL E 474 -12.37 -5.34 -27.45
N PHE E 475 -12.79 -5.62 -26.22
CA PHE E 475 -12.28 -4.91 -25.06
C PHE E 475 -11.10 -5.60 -24.40
N VAL E 476 -10.89 -6.88 -24.68
CA VAL E 476 -9.79 -7.61 -24.04
C VAL E 476 -8.46 -7.04 -24.52
N PRO E 477 -7.57 -6.62 -23.61
CA PRO E 477 -6.29 -6.03 -24.00
C PRO E 477 -5.28 -7.08 -24.47
#